data_1GZ7
#
_entry.id   1GZ7
#
_cell.length_a   61.150
_cell.length_b   91.140
_cell.length_c   108.460
_cell.angle_alpha   90.78
_cell.angle_beta   106.31
_cell.angle_gamma   86.91
#
_symmetry.space_group_name_H-M   'P 1'
#
loop_
_entity.id
_entity.type
_entity.pdbx_description
1 polymer 'LIPASE 2'
2 branched 2-acetamido-2-deoxy-beta-D-glucopyranose-(1-4)-2-acetamido-2-deoxy-beta-D-glucopyranose
3 non-polymer GLYCEROL
4 water water
#
_entity_poly.entity_id   1
_entity_poly.type   'polypeptide(L)'
_entity_poly.pdbx_seq_one_letter_code
;APTATLANGDTITGLNAIVNEKFLGIPFAEPPVGTLRFKPPVPYSASLNGQQFTSYGPSCMQMNPMGSFEDTLPKNALDL
VLQSKIFQVVLPNDEDCLTINVIRPPGTRASAGLPVMLWIFGGGFELGGSSLFPGDQMVAKSVLMGKPVIHVSMNYRVAS
WGFLAGPDIQNEGSGNAGLHDQRLAMQWVADNIAGFGGDPSKVTIYGESAGSMSTFVHLVWNDGDNTYNGKPLFRAAIMQ
SGCMVPSDPVDGTYGTEIYNQVVASAGCGSASDKLACLRGLSQDTLYQATSDTPGVLAYPSLRLSYLPRPDGTFITDDMY
ALVRDGKYAHVPVIIGDQNDEGTLFGLSSLNVTTDAQARAYFKQSFIHASDAEIDTLMAAYTSDITQGSPFDTGIFNAIT
PQFKRISALLGDLAFTLARRYFLNYYQGGTKYSFLSKQLSGLPVLGTFHGNDIIWQDYLVGSGSVIYNNAFIAFANDLDP
NKAGLWTNWPTYTSSSQSGNNLMQINGLGLYTGKDNFRPDAYSALFSNPPSFFV
;
_entity_poly.pdbx_strand_id   A,B,C,D
#
# COMPACT_ATOMS: atom_id res chain seq x y z
N ALA A 1 0.03 -6.65 7.47
CA ALA A 1 0.58 -5.72 6.45
C ALA A 1 2.11 -5.75 6.43
N PRO A 2 2.71 -5.65 5.24
CA PRO A 2 4.18 -5.67 5.13
C PRO A 2 4.81 -4.41 5.71
N THR A 3 5.95 -4.56 6.37
CA THR A 3 6.63 -3.43 6.96
C THR A 3 8.10 -3.35 6.54
N ALA A 4 8.68 -2.17 6.70
CA ALA A 4 10.07 -1.93 6.36
C ALA A 4 10.58 -0.80 7.24
N THR A 5 11.90 -0.68 7.33
CA THR A 5 12.48 0.38 8.12
C THR A 5 13.33 1.27 7.23
N LEU A 6 13.36 2.56 7.55
CA LEU A 6 14.11 3.52 6.76
C LEU A 6 15.52 3.70 7.33
N ALA A 7 16.31 4.51 6.65
CA ALA A 7 17.68 4.79 7.05
C ALA A 7 17.83 5.10 8.54
N ASN A 8 16.96 5.93 9.09
CA ASN A 8 17.05 6.30 10.50
C ASN A 8 16.38 5.31 11.42
N GLY A 9 15.89 4.20 10.87
CA GLY A 9 15.22 3.20 11.68
C GLY A 9 13.70 3.36 11.75
N ASP A 10 13.18 4.47 11.25
CA ASP A 10 11.73 4.65 11.27
C ASP A 10 11.05 3.49 10.56
N THR A 11 9.89 3.11 11.06
CA THR A 11 9.13 2.00 10.49
C THR A 11 7.93 2.48 9.69
N ILE A 12 7.77 1.93 8.50
CA ILE A 12 6.65 2.29 7.65
C ILE A 12 5.91 1.01 7.27
N THR A 13 4.65 1.16 6.90
CA THR A 13 3.81 0.03 6.52
C THR A 13 3.49 0.07 5.04
N GLY A 14 3.53 -1.09 4.40
CA GLY A 14 3.25 -1.18 2.98
C GLY A 14 1.95 -1.88 2.68
N LEU A 15 1.83 -2.37 1.45
CA LEU A 15 0.62 -3.05 0.98
C LEU A 15 0.87 -4.48 0.51
N ASN A 16 0.09 -5.41 1.02
CA ASN A 16 0.20 -6.80 0.61
C ASN A 16 -0.61 -6.87 -0.69
N ALA A 17 0.08 -6.93 -1.82
CA ALA A 17 -0.61 -6.97 -3.10
C ALA A 17 -0.81 -8.41 -3.59
N ILE A 18 -0.83 -9.34 -2.64
CA ILE A 18 -1.02 -10.76 -2.93
C ILE A 18 0.17 -11.40 -3.61
N VAL A 19 0.49 -10.96 -4.81
CA VAL A 19 1.62 -11.51 -5.55
C VAL A 19 2.95 -10.86 -5.17
N ASN A 20 2.88 -9.73 -4.47
CA ASN A 20 4.07 -9.02 -4.02
C ASN A 20 3.73 -7.98 -2.96
N GLU A 21 4.75 -7.37 -2.39
CA GLU A 21 4.54 -6.36 -1.36
C GLU A 21 4.98 -5.02 -1.91
N LYS A 22 4.17 -3.98 -1.69
CA LYS A 22 4.49 -2.66 -2.21
C LYS A 22 4.51 -1.54 -1.17
N PHE A 23 5.48 -0.64 -1.33
CA PHE A 23 5.60 0.53 -0.48
C PHE A 23 5.56 1.66 -1.52
N LEU A 24 4.38 2.27 -1.63
CA LEU A 24 4.11 3.30 -2.62
C LEU A 24 4.00 4.75 -2.12
N GLY A 25 4.45 5.67 -2.97
CA GLY A 25 4.36 7.09 -2.64
C GLY A 25 5.22 7.63 -1.54
N ILE A 26 6.42 7.10 -1.38
CA ILE A 26 7.32 7.58 -0.33
C ILE A 26 8.01 8.88 -0.79
N PRO A 27 7.83 9.97 -0.04
CA PRO A 27 8.48 11.22 -0.46
C PRO A 27 9.99 11.17 -0.24
N PHE A 28 10.76 11.50 -1.27
CA PHE A 28 12.21 11.49 -1.14
C PHE A 28 12.77 12.89 -1.28
N ALA A 29 11.88 13.88 -1.41
CA ALA A 29 12.31 15.26 -1.56
C ALA A 29 11.24 16.24 -1.17
N GLU A 30 11.64 17.45 -0.80
CA GLU A 30 10.67 18.48 -0.46
C GLU A 30 9.98 18.83 -1.77
N PRO A 31 8.67 19.14 -1.71
CA PRO A 31 7.95 19.48 -2.94
C PRO A 31 8.70 20.60 -3.66
N PRO A 32 9.05 20.39 -4.94
CA PRO A 32 9.79 21.40 -5.71
C PRO A 32 8.86 22.52 -6.18
N VAL A 33 8.12 23.09 -5.23
CA VAL A 33 7.18 24.15 -5.54
C VAL A 33 7.72 25.56 -5.33
N GLY A 34 7.03 26.53 -5.94
CA GLY A 34 7.42 27.93 -5.83
C GLY A 34 8.89 28.24 -6.05
N THR A 35 9.53 28.69 -4.97
CA THR A 35 10.93 29.07 -4.98
C THR A 35 11.86 27.93 -5.42
N LEU A 36 11.43 26.69 -5.19
CA LEU A 36 12.23 25.53 -5.55
C LEU A 36 12.01 25.01 -6.97
N ARG A 37 11.15 25.68 -7.73
CA ARG A 37 10.91 25.28 -9.12
C ARG A 37 12.21 25.38 -9.92
N PHE A 38 12.45 24.40 -10.79
CA PHE A 38 13.63 24.36 -11.66
C PHE A 38 14.95 24.07 -10.94
N LYS A 39 14.92 24.03 -9.62
CA LYS A 39 16.16 23.90 -8.84
C LYS A 39 16.32 22.43 -8.52
N PRO A 40 17.53 22.00 -8.15
CA PRO A 40 17.70 20.59 -7.82
C PRO A 40 16.83 20.30 -6.60
N PRO A 41 16.42 19.04 -6.43
CA PRO A 41 15.57 18.68 -5.29
C PRO A 41 16.28 18.79 -3.95
N VAL A 42 15.52 19.08 -2.90
CA VAL A 42 16.06 19.18 -1.54
C VAL A 42 15.61 17.90 -0.81
N PRO A 43 16.54 17.17 -0.19
CA PRO A 43 16.11 15.95 0.51
C PRO A 43 15.06 16.18 1.59
N TYR A 44 14.12 15.23 1.68
CA TYR A 44 13.02 15.28 2.64
C TYR A 44 13.56 14.95 4.03
N SER A 45 13.31 15.83 5.00
CA SER A 45 13.82 15.62 6.37
C SER A 45 12.77 15.26 7.42
N ALA A 46 11.50 15.45 7.10
CA ALA A 46 10.44 15.14 8.04
C ALA A 46 10.36 13.64 8.30
N SER A 47 10.08 13.27 9.56
CA SER A 47 9.99 11.87 9.94
C SER A 47 8.76 11.19 9.34
N LEU A 48 8.93 9.97 8.85
CA LEU A 48 7.84 9.21 8.26
C LEU A 48 7.44 8.04 9.17
N ASN A 49 8.00 8.00 10.36
CA ASN A 49 7.74 6.91 11.31
C ASN A 49 6.27 6.61 11.58
N GLY A 50 5.91 5.34 11.45
CA GLY A 50 4.55 4.92 11.71
C GLY A 50 3.56 5.19 10.60
N GLN A 51 4.01 5.79 9.50
CA GLN A 51 3.11 6.10 8.39
C GLN A 51 2.89 4.94 7.44
N GLN A 52 1.86 5.05 6.62
CA GLN A 52 1.54 4.02 5.65
C GLN A 52 1.76 4.54 4.24
N PHE A 53 2.22 3.64 3.37
CA PHE A 53 2.48 3.97 1.98
C PHE A 53 1.87 2.87 1.15
N THR A 54 0.58 2.97 0.97
CA THR A 54 -0.20 1.97 0.27
C THR A 54 -0.84 2.46 -1.01
N SER A 55 -0.42 3.63 -1.48
CA SER A 55 -0.97 4.17 -2.73
C SER A 55 0.04 5.09 -3.40
N TYR A 56 0.02 5.08 -4.73
CA TYR A 56 0.92 5.92 -5.49
C TYR A 56 0.56 7.37 -5.22
N GLY A 57 1.57 8.24 -5.33
CA GLY A 57 1.32 9.65 -5.17
C GLY A 57 1.09 10.14 -6.59
N PRO A 58 0.78 11.43 -6.80
CA PRO A 58 0.56 11.90 -8.16
C PRO A 58 1.86 12.01 -8.97
N SER A 59 1.73 11.98 -10.29
CA SER A 59 2.89 12.10 -11.16
C SER A 59 3.24 13.57 -11.27
N CYS A 60 4.39 13.88 -11.84
CA CYS A 60 4.78 15.26 -12.01
C CYS A 60 3.96 15.83 -13.16
N MET A 61 3.80 17.16 -13.17
CA MET A 61 3.03 17.82 -14.23
C MET A 61 3.38 17.24 -15.59
N GLN A 62 2.33 16.91 -16.35
CA GLN A 62 2.48 16.30 -17.67
C GLN A 62 2.25 17.26 -18.84
N MET A 63 3.08 17.14 -19.86
CA MET A 63 2.93 17.97 -21.05
C MET A 63 2.21 17.14 -22.10
N ASN A 64 1.16 17.70 -22.67
CA ASN A 64 0.41 17.00 -23.71
C ASN A 64 1.35 16.77 -24.91
N PRO A 65 1.49 15.51 -25.35
CA PRO A 65 2.35 15.11 -26.47
C PRO A 65 1.96 15.80 -27.78
N MET A 66 0.68 16.12 -27.92
CA MET A 66 0.14 16.78 -29.12
C MET A 66 0.30 15.86 -30.32
N GLY A 67 0.05 14.58 -30.11
CA GLY A 67 0.17 13.60 -31.18
C GLY A 67 -1.18 13.03 -31.57
N SER A 68 -1.20 12.16 -32.57
CA SER A 68 -2.45 11.56 -33.02
C SER A 68 -2.26 10.17 -33.64
N PHE A 69 -2.11 9.16 -32.79
CA PHE A 69 -1.92 7.79 -33.25
C PHE A 69 -3.17 7.13 -33.79
N GLU A 70 -4.29 7.26 -33.08
CA GLU A 70 -5.55 6.66 -33.52
C GLU A 70 -6.10 7.30 -34.78
N ASP A 71 -5.27 8.07 -35.47
CA ASP A 71 -5.68 8.73 -36.71
C ASP A 71 -4.81 8.30 -37.88
N THR A 72 -3.68 7.66 -37.59
CA THR A 72 -2.77 7.22 -38.64
C THR A 72 -2.39 5.75 -38.57
N LEU A 73 -2.80 5.06 -37.50
CA LEU A 73 -2.45 3.65 -37.36
C LEU A 73 -3.59 2.66 -37.48
N PRO A 74 -3.32 1.50 -38.10
CA PRO A 74 -4.35 0.47 -38.26
C PRO A 74 -4.55 -0.15 -36.88
N LYS A 75 -5.70 -0.81 -36.68
CA LYS A 75 -6.04 -1.41 -35.40
C LYS A 75 -5.00 -2.21 -34.64
N ASN A 76 -4.41 -3.22 -35.25
CA ASN A 76 -3.43 -4.03 -34.54
C ASN A 76 -2.21 -3.22 -34.09
N ALA A 77 -1.74 -2.30 -34.93
CA ALA A 77 -0.60 -1.48 -34.56
C ALA A 77 -0.99 -0.53 -33.45
N LEU A 78 -2.15 0.09 -33.60
CA LEU A 78 -2.67 1.04 -32.61
C LEU A 78 -2.89 0.35 -31.27
N ASP A 79 -3.45 -0.86 -31.28
CA ASP A 79 -3.70 -1.58 -30.04
C ASP A 79 -2.43 -1.84 -29.24
N LEU A 80 -1.34 -2.15 -29.94
CA LEU A 80 -0.05 -2.42 -29.28
C LEU A 80 0.54 -1.15 -28.70
N VAL A 81 0.48 -0.05 -29.46
CA VAL A 81 1.02 1.21 -28.97
C VAL A 81 0.26 1.64 -27.71
N LEU A 82 -1.06 1.48 -27.73
CA LEU A 82 -1.87 1.85 -26.58
C LEU A 82 -1.54 0.98 -25.39
N GLN A 83 -1.34 -0.31 -25.64
CA GLN A 83 -1.02 -1.25 -24.58
C GLN A 83 0.31 -0.88 -23.91
N SER A 84 1.25 -0.36 -24.70
CA SER A 84 2.55 0.02 -24.17
C SER A 84 2.46 1.25 -23.26
N LYS A 85 1.41 2.05 -23.45
CA LYS A 85 1.17 3.27 -22.67
C LYS A 85 2.23 4.35 -22.91
N ILE A 86 3.06 4.18 -23.93
CA ILE A 86 4.10 5.15 -24.22
C ILE A 86 3.52 6.47 -24.74
N PHE A 87 4.08 7.58 -24.29
CA PHE A 87 3.66 8.91 -24.69
C PHE A 87 2.21 9.27 -24.35
N GLN A 88 1.74 8.75 -23.22
CA GLN A 88 0.39 9.02 -22.72
C GLN A 88 0.56 9.77 -21.40
N VAL A 89 -0.12 10.91 -21.24
CA VAL A 89 -0.02 11.68 -20.00
C VAL A 89 -0.55 10.83 -18.84
N VAL A 90 0.12 10.91 -17.70
CA VAL A 90 -0.27 10.14 -16.52
C VAL A 90 -0.98 11.04 -15.50
N LEU A 91 -2.19 10.64 -15.13
CA LEU A 91 -2.98 11.40 -14.16
C LEU A 91 -3.30 10.51 -12.97
N PRO A 92 -3.48 11.12 -11.79
CA PRO A 92 -3.38 12.57 -11.57
C PRO A 92 -1.93 13.05 -11.54
N ASN A 93 -1.75 14.36 -11.70
CA ASN A 93 -0.42 14.95 -11.66
C ASN A 93 -0.41 16.21 -10.81
N ASP A 94 0.77 16.58 -10.35
CA ASP A 94 0.92 17.76 -9.51
C ASP A 94 2.40 18.07 -9.41
N GLU A 95 2.74 19.27 -9.00
CA GLU A 95 4.16 19.61 -8.85
C GLU A 95 4.77 18.90 -7.66
N ASP A 96 3.96 18.63 -6.63
CA ASP A 96 4.43 17.89 -5.45
C ASP A 96 4.32 16.44 -5.92
N CYS A 97 5.38 15.93 -6.53
CA CYS A 97 5.37 14.61 -7.13
C CYS A 97 6.59 13.72 -6.90
N LEU A 98 7.55 14.20 -6.12
CA LEU A 98 8.76 13.44 -5.94
C LEU A 98 8.68 12.33 -4.91
N THR A 99 8.07 11.23 -5.32
CA THR A 99 7.93 10.07 -4.47
C THR A 99 8.62 8.88 -5.12
N ILE A 100 8.85 7.83 -4.34
CA ILE A 100 9.51 6.65 -4.83
C ILE A 100 8.70 5.43 -4.37
N ASN A 101 8.74 4.36 -5.14
CA ASN A 101 7.98 3.16 -4.79
C ASN A 101 8.87 1.94 -4.82
N VAL A 102 8.57 0.98 -3.94
CA VAL A 102 9.36 -0.25 -3.83
C VAL A 102 8.45 -1.47 -3.95
N ILE A 103 8.80 -2.39 -4.85
CA ILE A 103 8.03 -3.62 -5.03
C ILE A 103 8.97 -4.78 -4.71
N ARG A 104 8.57 -5.64 -3.77
CA ARG A 104 9.41 -6.77 -3.41
C ARG A 104 8.62 -8.06 -3.33
N PRO A 105 9.32 -9.21 -3.39
CA PRO A 105 8.63 -10.50 -3.32
C PRO A 105 7.95 -10.66 -1.97
N PRO A 106 6.87 -11.41 -1.91
CA PRO A 106 6.23 -11.55 -0.59
C PRO A 106 7.15 -12.28 0.40
N GLY A 107 7.06 -11.93 1.68
CA GLY A 107 7.88 -12.58 2.67
C GLY A 107 9.32 -12.09 2.73
N THR A 108 9.66 -11.10 1.91
CA THR A 108 11.02 -10.55 1.89
C THR A 108 11.34 -9.84 3.21
N ARG A 109 12.44 -10.25 3.85
CA ARG A 109 12.86 -9.65 5.12
C ARG A 109 14.02 -8.68 4.87
N ALA A 110 14.28 -7.81 5.83
CA ALA A 110 15.37 -6.84 5.73
C ALA A 110 16.73 -7.48 5.46
N SER A 111 16.86 -8.75 5.81
CA SER A 111 18.11 -9.48 5.63
C SER A 111 18.23 -10.18 4.28
N ALA A 112 17.24 -10.01 3.41
CA ALA A 112 17.25 -10.67 2.11
C ALA A 112 18.41 -10.30 1.19
N GLY A 113 18.88 -9.06 1.29
CA GLY A 113 19.99 -8.62 0.45
C GLY A 113 19.80 -8.88 -1.03
N LEU A 114 18.59 -8.64 -1.52
CA LEU A 114 18.28 -8.87 -2.93
C LEU A 114 18.83 -7.80 -3.86
N PRO A 115 19.13 -8.19 -5.11
CA PRO A 115 19.65 -7.19 -6.06
C PRO A 115 18.51 -6.20 -6.29
N VAL A 116 18.83 -4.97 -6.63
CA VAL A 116 17.83 -3.94 -6.85
C VAL A 116 17.83 -3.44 -8.30
N MET A 117 16.65 -3.46 -8.92
CA MET A 117 16.52 -2.96 -10.28
C MET A 117 15.83 -1.61 -10.14
N LEU A 118 16.61 -0.55 -10.30
CA LEU A 118 16.12 0.81 -10.19
C LEU A 118 15.70 1.32 -11.56
N TRP A 119 14.38 1.42 -11.76
CA TRP A 119 13.78 1.85 -13.02
C TRP A 119 13.58 3.35 -13.22
N ILE A 120 13.95 3.84 -14.40
CA ILE A 120 13.75 5.25 -14.73
C ILE A 120 12.79 5.27 -15.91
N PHE A 121 11.56 5.70 -15.66
CA PHE A 121 10.56 5.72 -16.73
C PHE A 121 10.92 6.64 -17.86
N GLY A 122 10.38 6.35 -19.04
CA GLY A 122 10.64 7.18 -20.21
C GLY A 122 9.35 7.78 -20.73
N GLY A 123 9.41 9.07 -21.08
CA GLY A 123 8.26 9.77 -21.62
C GLY A 123 8.70 11.01 -22.37
N GLY A 124 9.76 10.88 -23.15
CA GLY A 124 10.30 11.99 -23.92
C GLY A 124 10.75 13.19 -23.11
N PHE A 125 11.02 13.00 -21.82
CA PHE A 125 11.43 14.10 -20.94
C PHE A 125 10.35 15.17 -20.82
N GLU A 126 9.11 14.81 -21.19
CA GLU A 126 8.01 15.77 -21.12
C GLU A 126 6.77 15.23 -20.41
N LEU A 127 6.72 13.92 -20.20
CA LEU A 127 5.59 13.31 -19.51
C LEU A 127 6.03 11.97 -18.94
N GLY A 128 5.09 11.24 -18.33
CA GLY A 128 5.39 9.95 -17.76
C GLY A 128 5.38 9.94 -16.24
N GLY A 129 5.32 8.74 -15.66
CA GLY A 129 5.30 8.61 -14.22
C GLY A 129 5.72 7.21 -13.80
N SER A 130 6.06 7.06 -12.53
CA SER A 130 6.50 5.76 -12.01
C SER A 130 5.34 4.76 -11.90
N SER A 131 4.11 5.27 -11.85
CA SER A 131 2.96 4.39 -11.73
C SER A 131 2.66 3.55 -12.98
N LEU A 132 3.20 3.94 -14.12
CA LEU A 132 3.00 3.17 -15.34
C LEU A 132 4.22 2.28 -15.46
N PHE A 133 4.27 1.43 -16.50
CA PHE A 133 5.41 0.54 -16.69
C PHE A 133 5.70 -0.22 -15.37
N PRO A 134 4.68 -0.93 -14.84
CA PRO A 134 4.78 -1.69 -13.59
C PRO A 134 5.91 -2.71 -13.53
N GLY A 135 6.53 -2.81 -12.36
CA GLY A 135 7.62 -3.75 -12.18
C GLY A 135 7.15 -5.11 -11.68
N ASP A 136 5.84 -5.29 -11.53
CA ASP A 136 5.31 -6.56 -11.04
C ASP A 136 5.77 -7.78 -11.84
N GLN A 137 5.68 -7.69 -13.17
CA GLN A 137 6.08 -8.82 -13.99
C GLN A 137 7.57 -9.14 -13.79
N MET A 138 8.40 -8.12 -13.68
CA MET A 138 9.82 -8.36 -13.48
C MET A 138 10.07 -9.10 -12.15
N VAL A 139 9.43 -8.62 -11.09
CA VAL A 139 9.60 -9.23 -9.78
C VAL A 139 9.07 -10.66 -9.73
N ALA A 140 7.89 -10.89 -10.28
CA ALA A 140 7.29 -12.22 -10.28
C ALA A 140 8.22 -13.19 -10.99
N LYS A 141 8.76 -12.76 -12.14
CA LYS A 141 9.65 -13.62 -12.88
C LYS A 141 10.96 -13.87 -12.14
N SER A 142 11.46 -12.88 -11.39
CA SER A 142 12.71 -13.08 -10.65
C SER A 142 12.49 -14.16 -9.60
N VAL A 143 11.31 -14.16 -8.99
CA VAL A 143 10.98 -15.16 -7.97
C VAL A 143 10.88 -16.55 -8.63
N LEU A 144 10.16 -16.62 -9.75
CA LEU A 144 10.00 -17.87 -10.46
C LEU A 144 11.33 -18.51 -10.85
N MET A 145 12.29 -17.72 -11.28
CA MET A 145 13.57 -18.30 -11.65
C MET A 145 14.56 -18.45 -10.49
N GLY A 146 14.08 -18.22 -9.26
CA GLY A 146 14.94 -18.38 -8.09
C GLY A 146 16.02 -17.34 -7.90
N LYS A 147 15.84 -16.18 -8.50
CA LYS A 147 16.82 -15.08 -8.39
C LYS A 147 16.04 -13.79 -8.11
N PRO A 148 15.28 -13.78 -7.01
CA PRO A 148 14.48 -12.62 -6.62
C PRO A 148 15.17 -11.25 -6.62
N VAL A 149 14.43 -10.25 -7.08
CA VAL A 149 14.94 -8.88 -7.10
C VAL A 149 13.89 -7.95 -6.53
N ILE A 150 14.34 -6.77 -6.12
CA ILE A 150 13.43 -5.75 -5.61
C ILE A 150 13.37 -4.71 -6.74
N HIS A 151 12.17 -4.23 -7.05
CA HIS A 151 11.97 -3.25 -8.10
C HIS A 151 11.71 -1.90 -7.45
N VAL A 152 12.42 -0.87 -7.91
CA VAL A 152 12.24 0.47 -7.36
C VAL A 152 11.96 1.42 -8.52
N SER A 153 11.01 2.33 -8.32
CA SER A 153 10.69 3.31 -9.37
C SER A 153 10.51 4.68 -8.72
N MET A 154 10.87 5.73 -9.44
CA MET A 154 10.73 7.08 -8.91
C MET A 154 10.14 8.03 -9.95
N ASN A 155 9.50 9.08 -9.46
CA ASN A 155 8.96 10.11 -10.35
C ASN A 155 10.10 11.11 -10.45
N TYR A 156 10.14 11.84 -11.56
CA TYR A 156 11.13 12.90 -11.73
C TYR A 156 10.43 13.93 -12.59
N ARG A 157 10.80 15.20 -12.40
CA ARG A 157 10.18 16.28 -13.15
C ARG A 157 10.48 16.23 -14.65
N VAL A 158 9.48 16.57 -15.45
CA VAL A 158 9.60 16.59 -16.90
C VAL A 158 9.15 17.94 -17.49
N ALA A 159 9.24 18.07 -18.80
CA ALA A 159 8.87 19.30 -19.49
C ALA A 159 9.60 20.50 -18.87
N SER A 160 8.93 21.63 -18.79
CA SER A 160 9.55 22.84 -18.23
C SER A 160 9.92 22.67 -16.75
N TRP A 161 9.10 21.91 -16.03
CA TRP A 161 9.33 21.69 -14.61
C TRP A 161 10.67 21.00 -14.31
N GLY A 162 11.07 20.07 -15.18
CA GLY A 162 12.31 19.35 -14.96
C GLY A 162 13.47 19.65 -15.90
N PHE A 163 13.19 20.28 -17.02
CA PHE A 163 14.24 20.58 -17.98
C PHE A 163 14.19 21.95 -18.63
N LEU A 164 13.81 22.95 -17.85
CA LEU A 164 13.78 24.30 -18.39
C LEU A 164 15.27 24.62 -18.59
N ALA A 165 15.59 25.33 -19.66
CA ALA A 165 16.98 25.69 -19.94
C ALA A 165 17.15 27.19 -20.19
N GLY A 166 18.10 27.55 -21.04
CA GLY A 166 18.33 28.95 -21.32
C GLY A 166 19.44 29.54 -20.46
N PRO A 167 19.82 30.81 -20.71
CA PRO A 167 20.88 31.52 -19.99
C PRO A 167 20.65 31.74 -18.49
N ASP A 168 19.42 32.05 -18.10
CA ASP A 168 19.14 32.27 -16.68
C ASP A 168 19.28 30.97 -15.88
N ILE A 169 18.72 29.88 -16.40
CA ILE A 169 18.83 28.60 -15.71
C ILE A 169 20.30 28.20 -15.59
N GLN A 170 21.04 28.34 -16.69
CA GLN A 170 22.46 27.99 -16.71
C GLN A 170 23.29 28.83 -15.74
N ASN A 171 23.06 30.14 -15.73
CA ASN A 171 23.81 31.02 -14.83
C ASN A 171 23.57 30.70 -13.36
N GLU A 172 22.39 30.16 -13.07
CA GLU A 172 22.02 29.78 -11.71
C GLU A 172 22.53 28.37 -11.40
N GLY A 173 22.90 27.62 -12.44
CA GLY A 173 23.37 26.26 -12.27
C GLY A 173 22.22 25.29 -12.06
N SER A 174 21.05 25.60 -12.61
CA SER A 174 19.88 24.74 -12.45
C SER A 174 19.52 23.88 -13.67
N GLY A 175 20.48 23.59 -14.52
CA GLY A 175 20.16 22.79 -15.67
C GLY A 175 19.78 21.36 -15.27
N ASN A 176 19.01 20.70 -16.10
CA ASN A 176 18.61 19.31 -15.87
C ASN A 176 18.03 18.96 -14.51
N ALA A 177 17.03 19.71 -14.07
CA ALA A 177 16.41 19.45 -12.77
C ALA A 177 15.86 18.02 -12.65
N GLY A 178 15.24 17.52 -13.72
CA GLY A 178 14.68 16.18 -13.66
C GLY A 178 15.71 15.08 -13.44
N LEU A 179 16.92 15.30 -13.94
CA LEU A 179 17.98 14.31 -13.77
C LEU A 179 18.47 14.36 -12.33
N HIS A 180 18.47 15.55 -11.75
CA HIS A 180 18.88 15.69 -10.37
C HIS A 180 17.89 14.89 -9.52
N ASP A 181 16.61 14.97 -9.88
CA ASP A 181 15.58 14.23 -9.15
C ASP A 181 15.93 12.74 -9.15
N GLN A 182 16.26 12.22 -10.32
CA GLN A 182 16.63 10.81 -10.43
C GLN A 182 17.87 10.50 -9.60
N ARG A 183 18.83 11.42 -9.61
CA ARG A 183 20.07 11.24 -8.86
C ARG A 183 19.79 11.15 -7.36
N LEU A 184 18.92 12.02 -6.87
CA LEU A 184 18.59 12.01 -5.45
C LEU A 184 17.89 10.71 -5.07
N ALA A 185 17.03 10.21 -5.95
CA ALA A 185 16.33 8.95 -5.68
C ALA A 185 17.36 7.82 -5.59
N MET A 186 18.39 7.88 -6.42
CA MET A 186 19.43 6.86 -6.42
C MET A 186 20.17 6.91 -5.09
N GLN A 187 20.41 8.12 -4.59
CA GLN A 187 21.09 8.28 -3.30
C GLN A 187 20.15 7.78 -2.21
N TRP A 188 18.86 8.06 -2.38
CA TRP A 188 17.86 7.61 -1.41
C TRP A 188 17.94 6.08 -1.30
N VAL A 189 18.03 5.42 -2.44
CA VAL A 189 18.12 3.97 -2.48
C VAL A 189 19.37 3.48 -1.74
N ALA A 190 20.50 4.16 -1.97
CA ALA A 190 21.73 3.77 -1.31
C ALA A 190 21.53 3.81 0.21
N ASP A 191 20.86 4.85 0.70
CA ASP A 191 20.64 4.99 2.13
C ASP A 191 19.50 4.19 2.76
N ASN A 192 18.49 3.86 1.97
CA ASN A 192 17.30 3.18 2.50
C ASN A 192 16.92 1.78 2.04
N ILE A 193 17.38 1.35 0.88
CA ILE A 193 16.93 0.05 0.39
C ILE A 193 17.23 -1.16 1.28
N ALA A 194 18.32 -1.13 2.04
CA ALA A 194 18.65 -2.25 2.91
C ALA A 194 17.47 -2.60 3.81
N GLY A 195 16.81 -1.59 4.36
CA GLY A 195 15.67 -1.81 5.23
C GLY A 195 14.46 -2.47 4.58
N PHE A 196 14.47 -2.58 3.26
CA PHE A 196 13.35 -3.21 2.53
C PHE A 196 13.73 -4.62 2.13
N GLY A 197 15.01 -4.95 2.27
CA GLY A 197 15.48 -6.27 1.90
C GLY A 197 16.36 -6.24 0.67
N GLY A 198 16.74 -5.04 0.24
CA GLY A 198 17.60 -4.94 -0.93
C GLY A 198 19.06 -4.78 -0.51
N ASP A 199 19.97 -4.96 -1.47
CA ASP A 199 21.40 -4.80 -1.20
C ASP A 199 21.82 -3.57 -2.00
N PRO A 200 22.14 -2.46 -1.32
CA PRO A 200 22.54 -1.23 -2.02
C PRO A 200 23.79 -1.34 -2.91
N SER A 201 24.57 -2.40 -2.74
CA SER A 201 25.76 -2.59 -3.55
C SER A 201 25.46 -3.41 -4.80
N LYS A 202 24.19 -3.79 -4.98
CA LYS A 202 23.79 -4.56 -6.16
C LYS A 202 22.65 -3.86 -6.88
N VAL A 203 22.84 -2.59 -7.14
CA VAL A 203 21.84 -1.82 -7.84
C VAL A 203 22.15 -1.80 -9.33
N THR A 204 21.13 -2.12 -10.12
CA THR A 204 21.25 -2.08 -11.56
C THR A 204 20.20 -1.04 -11.96
N ILE A 205 20.64 0.04 -12.57
CA ILE A 205 19.70 1.07 -13.01
C ILE A 205 19.33 0.73 -14.44
N TYR A 206 18.05 0.85 -14.77
CA TYR A 206 17.61 0.58 -16.14
C TYR A 206 16.45 1.51 -16.51
N GLY A 207 16.28 1.71 -17.81
CA GLY A 207 15.22 2.59 -18.27
C GLY A 207 14.97 2.38 -19.75
N GLU A 208 13.86 2.93 -20.23
CA GLU A 208 13.49 2.79 -21.62
C GLU A 208 13.30 4.19 -22.23
N SER A 209 13.73 4.35 -23.47
CA SER A 209 13.62 5.63 -24.19
C SER A 209 14.27 6.78 -23.39
N ALA A 210 13.49 7.76 -22.95
CA ALA A 210 14.03 8.88 -22.19
C ALA A 210 14.70 8.36 -20.92
N GLY A 211 14.18 7.23 -20.43
CA GLY A 211 14.75 6.63 -19.23
C GLY A 211 16.06 5.91 -19.54
N SER A 212 16.20 5.47 -20.79
CA SER A 212 17.42 4.78 -21.20
C SER A 212 18.52 5.83 -21.38
N MET A 213 18.14 6.97 -21.95
CA MET A 213 19.08 8.07 -22.14
C MET A 213 19.46 8.59 -20.76
N SER A 214 18.51 8.57 -19.83
CA SER A 214 18.80 9.02 -18.49
C SER A 214 19.80 8.05 -17.87
N THR A 215 19.59 6.76 -18.09
CA THR A 215 20.49 5.76 -17.55
C THR A 215 21.91 6.01 -18.04
N PHE A 216 22.04 6.35 -19.33
CA PHE A 216 23.35 6.64 -19.91
C PHE A 216 23.94 7.87 -19.24
N VAL A 217 23.10 8.89 -19.05
CA VAL A 217 23.55 10.12 -18.42
C VAL A 217 24.15 9.79 -17.07
N HIS A 218 23.52 8.88 -16.34
CA HIS A 218 24.02 8.53 -15.02
C HIS A 218 25.41 7.91 -15.07
N LEU A 219 25.79 7.39 -16.24
CA LEU A 219 27.12 6.82 -16.42
C LEU A 219 28.15 7.95 -16.53
N VAL A 220 27.81 9.02 -17.23
CA VAL A 220 28.74 10.15 -17.40
C VAL A 220 28.56 11.29 -16.39
N TRP A 221 27.58 11.14 -15.50
CA TRP A 221 27.30 12.16 -14.48
C TRP A 221 28.57 12.42 -13.68
N ASN A 222 28.92 13.70 -13.51
CA ASN A 222 30.13 14.11 -12.80
C ASN A 222 31.36 13.41 -13.37
N ASP A 223 31.39 13.31 -14.69
CA ASP A 223 32.47 12.67 -15.42
C ASP A 223 32.74 11.21 -15.08
N GLY A 224 31.69 10.50 -14.65
CA GLY A 224 31.85 9.10 -14.33
C GLY A 224 32.10 8.75 -12.88
N ASP A 225 32.09 9.77 -12.02
CA ASP A 225 32.28 9.53 -10.60
C ASP A 225 30.88 9.31 -10.03
N ASN A 226 30.52 8.05 -9.82
CA ASN A 226 29.19 7.72 -9.31
C ASN A 226 29.18 7.33 -7.85
N THR A 227 30.23 7.70 -7.12
CA THR A 227 30.30 7.36 -5.72
C THR A 227 29.54 8.36 -4.85
N TYR A 228 28.88 7.83 -3.83
CA TYR A 228 28.09 8.61 -2.88
C TYR A 228 28.40 7.99 -1.52
N ASN A 229 28.82 8.81 -0.57
CA ASN A 229 29.19 8.31 0.76
C ASN A 229 30.29 7.27 0.62
N GLY A 230 31.12 7.40 -0.39
CA GLY A 230 32.21 6.46 -0.59
C GLY A 230 31.89 5.15 -1.29
N LYS A 231 30.67 5.01 -1.81
CA LYS A 231 30.31 3.77 -2.51
C LYS A 231 29.60 4.07 -3.83
N PRO A 232 29.82 3.22 -4.85
CA PRO A 232 29.17 3.41 -6.15
C PRO A 232 27.66 3.38 -5.97
N LEU A 233 26.97 4.28 -6.66
CA LEU A 233 25.51 4.33 -6.59
C LEU A 233 24.87 3.16 -7.33
N PHE A 234 25.64 2.47 -8.16
CA PHE A 234 25.13 1.32 -8.92
C PHE A 234 26.29 0.50 -9.48
N ARG A 235 26.02 -0.76 -9.78
CA ARG A 235 27.06 -1.67 -10.30
C ARG A 235 26.86 -2.10 -11.75
N ALA A 236 25.77 -1.68 -12.35
CA ALA A 236 25.47 -2.05 -13.73
C ALA A 236 24.32 -1.22 -14.29
N ALA A 237 24.16 -1.22 -15.60
CA ALA A 237 23.09 -0.45 -16.21
C ALA A 237 22.53 -1.15 -17.45
N ILE A 238 21.22 -1.02 -17.65
CA ILE A 238 20.55 -1.60 -18.82
C ILE A 238 19.86 -0.48 -19.58
N MET A 239 20.19 -0.35 -20.87
CA MET A 239 19.61 0.71 -21.69
C MET A 239 18.72 0.18 -22.81
N GLN A 240 17.42 0.33 -22.62
CA GLN A 240 16.43 -0.10 -23.61
C GLN A 240 16.08 1.09 -24.52
N SER A 241 16.77 1.18 -25.64
CA SER A 241 16.57 2.24 -26.64
C SER A 241 16.94 3.66 -26.16
N GLY A 242 18.22 3.98 -26.39
CA GLY A 242 18.78 5.33 -26.13
C GLY A 242 20.00 5.34 -25.19
N CYS A 243 20.90 6.27 -25.50
CA CYS A 243 22.10 6.55 -24.67
C CYS A 243 22.42 8.04 -24.75
N MET A 244 23.45 8.44 -25.49
CA MET A 244 23.77 9.86 -25.58
C MET A 244 22.59 10.70 -26.07
N VAL A 245 22.41 11.87 -25.47
CA VAL A 245 21.38 12.79 -25.92
C VAL A 245 22.11 13.72 -26.89
N PRO A 246 21.66 13.80 -28.16
CA PRO A 246 22.33 14.67 -29.14
C PRO A 246 21.93 16.12 -28.94
N SER A 247 22.39 16.73 -27.86
CA SER A 247 22.00 18.10 -27.54
C SER A 247 23.09 19.10 -27.23
N ASP A 248 22.79 20.36 -27.58
CA ASP A 248 23.68 21.48 -27.32
C ASP A 248 23.55 21.78 -25.83
N PRO A 249 24.43 22.63 -25.29
CA PRO A 249 24.36 22.98 -23.87
C PRO A 249 23.09 23.71 -23.44
N VAL A 250 22.87 23.74 -22.12
CA VAL A 250 21.70 24.37 -21.53
C VAL A 250 21.38 25.77 -22.09
N ASP A 251 22.39 26.62 -22.21
CA ASP A 251 22.17 27.98 -22.71
C ASP A 251 22.33 28.08 -24.22
N GLY A 252 22.25 26.95 -24.90
CA GLY A 252 22.36 26.92 -26.34
C GLY A 252 21.19 27.60 -27.02
N THR A 253 21.16 27.51 -28.35
CA THR A 253 20.11 28.15 -29.13
C THR A 253 18.68 27.72 -28.85
N TYR A 254 18.38 26.43 -29.02
CA TYR A 254 17.00 25.97 -28.82
C TYR A 254 16.55 25.96 -27.35
N GLY A 255 17.49 25.79 -26.42
CA GLY A 255 17.12 25.80 -25.02
C GLY A 255 16.71 27.22 -24.65
N THR A 256 17.44 28.20 -25.17
CA THR A 256 17.13 29.60 -24.88
C THR A 256 15.83 30.00 -25.54
N GLU A 257 15.63 29.50 -26.76
CA GLU A 257 14.44 29.79 -27.53
C GLU A 257 13.17 29.30 -26.82
N ILE A 258 13.20 28.05 -26.36
CA ILE A 258 12.05 27.46 -25.66
C ILE A 258 11.81 28.22 -24.36
N TYR A 259 12.89 28.63 -23.69
CA TYR A 259 12.78 29.37 -22.44
C TYR A 259 12.11 30.73 -22.67
N ASN A 260 12.54 31.46 -23.68
CA ASN A 260 11.94 32.75 -23.98
C ASN A 260 10.44 32.61 -24.29
N GLN A 261 10.05 31.50 -24.88
CA GLN A 261 8.63 31.29 -25.19
C GLN A 261 7.81 31.08 -23.92
N VAL A 262 8.33 30.25 -23.02
CA VAL A 262 7.65 29.97 -21.75
C VAL A 262 7.50 31.27 -20.95
N VAL A 263 8.57 32.05 -20.89
CA VAL A 263 8.55 33.32 -20.16
C VAL A 263 7.52 34.27 -20.73
N ALA A 264 7.49 34.39 -22.05
CA ALA A 264 6.55 35.27 -22.72
C ALA A 264 5.10 34.82 -22.50
N SER A 265 4.87 33.52 -22.70
CA SER A 265 3.52 32.97 -22.54
C SER A 265 2.99 32.99 -21.11
N ALA A 266 3.90 33.01 -20.14
CA ALA A 266 3.49 33.02 -18.74
C ALA A 266 3.19 34.44 -18.25
N GLY A 267 3.43 35.42 -19.11
CA GLY A 267 3.19 36.81 -18.72
C GLY A 267 4.35 37.37 -17.91
N CYS A 268 5.56 36.85 -18.14
CA CYS A 268 6.73 37.31 -17.40
C CYS A 268 7.75 38.09 -18.25
N GLY A 269 7.36 38.48 -19.45
CA GLY A 269 8.28 39.19 -20.32
C GLY A 269 8.79 40.54 -19.86
N SER A 270 8.11 41.16 -18.91
CA SER A 270 8.53 42.48 -18.42
C SER A 270 9.04 42.41 -16.99
N ALA A 271 9.33 41.20 -16.52
CA ALA A 271 9.83 40.99 -15.18
C ALA A 271 11.33 41.32 -15.12
N SER A 272 11.76 41.99 -14.06
CA SER A 272 13.17 42.32 -13.90
C SER A 272 13.95 41.04 -13.57
N ASP A 273 13.27 40.06 -12.99
CA ASP A 273 13.88 38.76 -12.64
C ASP A 273 12.95 37.70 -13.22
N LYS A 274 13.26 37.24 -14.44
CA LYS A 274 12.41 36.25 -15.11
C LYS A 274 12.20 34.96 -14.31
N LEU A 275 13.25 34.40 -13.76
CA LEU A 275 13.14 33.16 -13.00
C LEU A 275 12.22 33.33 -11.79
N ALA A 276 12.40 34.42 -11.05
CA ALA A 276 11.58 34.69 -9.88
C ALA A 276 10.10 34.83 -10.28
N CYS A 277 9.85 35.44 -11.44
CA CYS A 277 8.47 35.62 -11.91
C CYS A 277 7.86 34.27 -12.23
N LEU A 278 8.63 33.40 -12.87
CA LEU A 278 8.16 32.07 -13.20
C LEU A 278 7.89 31.29 -11.92
N ARG A 279 8.74 31.51 -10.92
CA ARG A 279 8.55 30.82 -9.64
C ARG A 279 7.37 31.33 -8.84
N GLY A 280 6.83 32.49 -9.24
CA GLY A 280 5.68 33.05 -8.55
C GLY A 280 4.37 32.80 -9.29
N LEU A 281 4.42 31.96 -10.33
CA LEU A 281 3.23 31.64 -11.12
C LEU A 281 2.35 30.56 -10.52
N SER A 282 1.05 30.65 -10.77
CA SER A 282 0.14 29.62 -10.28
C SER A 282 0.51 28.35 -11.03
N GLN A 283 0.08 27.20 -10.54
CA GLN A 283 0.40 25.94 -11.20
C GLN A 283 -0.22 25.91 -12.60
N ASP A 284 -1.42 26.47 -12.75
CA ASP A 284 -2.10 26.48 -14.04
C ASP A 284 -1.45 27.35 -15.11
N THR A 285 -0.96 28.52 -14.71
CA THR A 285 -0.33 29.41 -15.68
C THR A 285 0.94 28.80 -16.23
N LEU A 286 1.77 28.24 -15.34
CA LEU A 286 3.01 27.63 -15.79
C LEU A 286 2.68 26.46 -16.72
N TYR A 287 1.60 25.75 -16.40
CA TYR A 287 1.17 24.62 -17.23
C TYR A 287 0.76 25.11 -18.60
N GLN A 288 -0.09 26.13 -18.64
CA GLN A 288 -0.55 26.70 -19.90
C GLN A 288 0.60 27.23 -20.74
N ALA A 289 1.49 27.98 -20.11
CA ALA A 289 2.64 28.55 -20.82
C ALA A 289 3.47 27.44 -21.44
N THR A 290 3.61 26.34 -20.69
CA THR A 290 4.39 25.19 -21.16
C THR A 290 3.69 24.55 -22.35
N SER A 291 2.35 24.52 -22.30
CA SER A 291 1.57 23.94 -23.36
C SER A 291 1.71 24.75 -24.65
N ASP A 292 2.37 25.91 -24.56
CA ASP A 292 2.57 26.73 -25.75
C ASP A 292 3.90 26.48 -26.45
N THR A 293 4.56 25.37 -26.10
CA THR A 293 5.81 24.99 -26.76
C THR A 293 5.48 23.63 -27.35
N PRO A 294 6.17 23.22 -28.43
CA PRO A 294 5.81 21.92 -28.99
C PRO A 294 6.07 20.64 -28.20
N GLY A 295 5.08 19.74 -28.27
CA GLY A 295 5.17 18.45 -27.59
C GLY A 295 5.92 17.45 -28.43
N VAL A 296 6.33 16.35 -27.83
CA VAL A 296 7.11 15.32 -28.50
C VAL A 296 6.50 14.73 -29.79
N LEU A 297 5.19 14.61 -29.88
CA LEU A 297 4.59 14.04 -31.08
C LEU A 297 4.20 15.08 -32.11
N ALA A 298 4.47 16.34 -31.82
CA ALA A 298 4.16 17.40 -32.77
C ALA A 298 5.26 17.40 -33.84
N TYR A 299 5.09 18.26 -34.85
CA TYR A 299 6.01 18.35 -35.97
C TYR A 299 7.53 18.34 -35.70
N PRO A 300 8.01 19.14 -34.74
CA PRO A 300 9.45 19.14 -34.47
C PRO A 300 9.98 17.76 -34.05
N SER A 301 9.07 16.92 -33.55
CA SER A 301 9.43 15.58 -33.16
C SER A 301 10.62 15.48 -32.20
N LEU A 302 11.60 14.65 -32.52
CA LEU A 302 12.75 14.46 -31.66
C LEU A 302 13.59 15.72 -31.40
N ARG A 303 13.18 16.83 -32.00
CA ARG A 303 13.87 18.08 -31.73
C ARG A 303 13.05 18.53 -30.53
N LEU A 304 13.24 17.82 -29.42
CA LEU A 304 12.51 18.07 -28.17
C LEU A 304 12.60 19.47 -27.58
N SER A 305 11.48 19.94 -27.05
CA SER A 305 11.40 21.25 -26.44
C SER A 305 12.09 21.20 -25.08
N TYR A 306 12.14 20.00 -24.50
CA TYR A 306 12.76 19.77 -23.19
C TYR A 306 13.51 18.43 -23.19
N LEU A 307 14.79 18.46 -22.86
CA LEU A 307 15.61 17.26 -22.82
C LEU A 307 16.93 17.56 -22.11
N PRO A 308 17.66 16.53 -21.66
CA PRO A 308 18.93 16.77 -20.97
C PRO A 308 19.94 17.49 -21.87
N ARG A 309 20.66 18.45 -21.29
CA ARG A 309 21.66 19.22 -22.04
C ARG A 309 22.93 19.43 -21.21
N PRO A 310 24.10 19.44 -21.87
CA PRO A 310 25.36 19.64 -21.14
C PRO A 310 25.27 20.94 -20.33
N ASP A 311 25.58 20.86 -19.04
CA ASP A 311 25.51 22.03 -18.17
C ASP A 311 26.88 22.47 -17.67
N GLY A 312 27.89 21.65 -17.95
CA GLY A 312 29.25 22.00 -17.55
C GLY A 312 29.70 21.53 -16.17
N THR A 313 28.76 21.08 -15.33
CA THR A 313 29.15 20.61 -14.00
C THR A 313 28.75 19.16 -13.76
N PHE A 314 27.50 18.82 -14.03
CA PHE A 314 27.03 17.46 -13.84
C PHE A 314 27.15 16.68 -15.15
N ILE A 315 26.75 17.31 -16.26
CA ILE A 315 26.93 16.73 -17.59
C ILE A 315 27.91 17.79 -18.10
N THR A 316 29.20 17.55 -17.87
CA THR A 316 30.21 18.55 -18.22
C THR A 316 30.46 18.87 -19.69
N ASP A 317 29.97 18.06 -20.61
CA ASP A 317 30.27 18.34 -22.01
C ASP A 317 29.50 17.51 -23.03
N ASP A 318 29.62 17.89 -24.28
CA ASP A 318 29.02 17.18 -25.42
C ASP A 318 29.03 15.69 -24.99
N MET A 319 27.86 15.09 -24.88
CA MET A 319 27.78 13.69 -24.44
C MET A 319 28.51 12.69 -25.34
N TYR A 320 28.67 13.01 -26.61
CA TYR A 320 29.40 12.10 -27.49
C TYR A 320 30.89 12.18 -27.15
N ALA A 321 31.34 13.37 -26.79
CA ALA A 321 32.74 13.56 -26.42
C ALA A 321 32.98 12.93 -25.06
N LEU A 322 31.96 12.90 -24.22
CA LEU A 322 32.13 12.30 -22.90
C LEU A 322 32.49 10.82 -23.00
N VAL A 323 31.82 10.12 -23.91
CA VAL A 323 32.12 8.70 -24.06
C VAL A 323 33.46 8.49 -24.77
N ARG A 324 33.80 9.36 -25.71
CA ARG A 324 35.09 9.24 -26.41
C ARG A 324 36.24 9.47 -25.44
N ASP A 325 36.06 10.43 -24.55
CA ASP A 325 37.10 10.79 -23.58
C ASP A 325 37.13 9.95 -22.30
N GLY A 326 36.30 8.91 -22.24
CA GLY A 326 36.25 8.04 -21.09
C GLY A 326 35.73 8.58 -19.76
N LYS A 327 34.91 9.62 -19.80
CA LYS A 327 34.37 10.19 -18.57
C LYS A 327 33.09 9.48 -18.15
N TYR A 328 33.23 8.21 -17.77
CA TYR A 328 32.10 7.40 -17.36
C TYR A 328 32.48 6.39 -16.28
N ALA A 329 31.46 5.91 -15.57
CA ALA A 329 31.64 4.92 -14.52
C ALA A 329 32.02 3.60 -15.19
N HIS A 330 32.75 2.75 -14.49
CA HIS A 330 33.16 1.46 -15.05
C HIS A 330 32.27 0.32 -14.58
N VAL A 331 31.18 0.11 -15.30
CA VAL A 331 30.25 -0.96 -14.97
C VAL A 331 29.88 -1.72 -16.24
N PRO A 332 29.55 -3.01 -16.11
CA PRO A 332 29.17 -3.76 -17.30
C PRO A 332 27.81 -3.21 -17.71
N VAL A 333 27.42 -3.40 -18.96
CA VAL A 333 26.15 -2.87 -19.41
C VAL A 333 25.48 -3.68 -20.51
N ILE A 334 24.18 -3.48 -20.63
CA ILE A 334 23.38 -4.07 -21.68
C ILE A 334 22.73 -2.88 -22.34
N ILE A 335 22.76 -2.83 -23.67
CA ILE A 335 22.11 -1.75 -24.39
C ILE A 335 21.60 -2.30 -25.71
N GLY A 336 20.31 -2.10 -25.96
CA GLY A 336 19.72 -2.60 -27.18
C GLY A 336 18.68 -1.67 -27.76
N ASP A 337 18.12 -2.08 -28.89
CA ASP A 337 17.11 -1.30 -29.58
C ASP A 337 16.04 -2.18 -30.20
N GLN A 338 14.96 -1.53 -30.58
CA GLN A 338 13.87 -2.19 -31.28
C GLN A 338 14.27 -1.90 -32.74
N ASN A 339 14.05 -2.86 -33.62
CA ASN A 339 14.44 -2.71 -35.02
C ASN A 339 14.06 -1.38 -35.69
N ASP A 340 12.84 -0.92 -35.43
CA ASP A 340 12.32 0.29 -36.04
C ASP A 340 11.91 1.38 -35.04
N GLU A 341 12.89 1.90 -34.30
CA GLU A 341 12.68 2.93 -33.27
C GLU A 341 12.01 4.20 -33.78
N GLY A 342 12.29 4.56 -35.03
CA GLY A 342 11.75 5.80 -35.57
C GLY A 342 10.37 5.87 -36.16
N THR A 343 9.66 4.75 -36.29
CA THR A 343 8.34 4.80 -36.90
C THR A 343 7.32 5.67 -36.16
N LEU A 344 7.24 5.52 -34.84
CA LEU A 344 6.30 6.34 -34.07
C LEU A 344 6.51 7.83 -34.33
N PHE A 345 7.77 8.25 -34.34
CA PHE A 345 8.14 9.64 -34.55
C PHE A 345 7.95 10.14 -35.98
N GLY A 346 8.10 9.26 -36.95
CA GLY A 346 7.92 9.65 -38.33
C GLY A 346 6.48 10.00 -38.63
N LEU A 347 5.57 9.57 -37.76
CA LEU A 347 4.15 9.85 -37.94
C LEU A 347 3.85 11.33 -37.73
N SER A 348 4.83 12.09 -37.24
CA SER A 348 4.67 13.51 -36.97
C SER A 348 4.97 14.43 -38.14
N SER A 349 5.36 13.86 -39.28
CA SER A 349 5.70 14.68 -40.44
C SER A 349 5.19 14.07 -41.75
N LEU A 350 3.99 13.49 -41.70
CA LEU A 350 3.40 12.86 -42.87
C LEU A 350 3.02 13.84 -43.97
N ASN A 351 3.22 15.14 -43.72
CA ASN A 351 2.92 16.15 -44.73
C ASN A 351 4.20 16.50 -45.49
N VAL A 352 5.28 15.79 -45.16
CA VAL A 352 6.55 15.96 -45.85
C VAL A 352 6.55 14.78 -46.84
N THR A 353 6.37 15.08 -48.12
CA THR A 353 6.29 14.01 -49.13
C THR A 353 7.32 14.04 -50.25
N THR A 354 8.03 15.14 -50.39
CA THR A 354 9.01 15.25 -51.46
C THR A 354 10.44 15.32 -50.94
N ASP A 355 11.40 15.05 -51.82
CA ASP A 355 12.80 15.11 -51.46
C ASP A 355 13.14 16.52 -50.95
N ALA A 356 12.58 17.53 -51.60
CA ALA A 356 12.82 18.92 -51.22
C ALA A 356 12.26 19.21 -49.82
N GLN A 357 11.08 18.69 -49.53
CA GLN A 357 10.47 18.93 -48.23
C GLN A 357 11.26 18.19 -47.16
N ALA A 358 11.74 16.99 -47.49
CA ALA A 358 12.53 16.21 -46.55
C ALA A 358 13.77 17.01 -46.20
N ARG A 359 14.47 17.52 -47.21
CA ARG A 359 15.67 18.31 -47.00
C ARG A 359 15.40 19.52 -46.10
N ALA A 360 14.31 20.22 -46.38
CA ALA A 360 13.95 21.41 -45.60
C ALA A 360 13.69 21.01 -44.15
N TYR A 361 13.05 19.86 -43.97
CA TYR A 361 12.74 19.35 -42.65
C TYR A 361 14.00 19.01 -41.85
N PHE A 362 14.96 18.37 -42.51
CA PHE A 362 16.20 18.01 -41.84
C PHE A 362 17.00 19.26 -41.51
N LYS A 363 16.96 20.24 -42.40
CA LYS A 363 17.69 21.49 -42.18
C LYS A 363 17.13 22.27 -40.99
N GLN A 364 15.82 22.26 -40.82
CA GLN A 364 15.21 22.96 -39.70
C GLN A 364 15.41 22.18 -38.40
N SER A 365 15.48 20.85 -38.50
CA SER A 365 15.68 19.99 -37.33
C SER A 365 17.13 20.02 -36.84
N PHE A 366 18.08 20.15 -37.78
CA PHE A 366 19.50 20.17 -37.45
C PHE A 366 20.14 21.49 -37.87
N ILE A 367 19.98 22.51 -37.03
CA ILE A 367 20.49 23.84 -37.33
C ILE A 367 22.01 23.99 -37.47
N HIS A 368 22.77 22.95 -37.12
CA HIS A 368 24.23 23.00 -37.21
C HIS A 368 24.80 22.28 -38.42
N ALA A 369 23.93 21.61 -39.19
CA ALA A 369 24.37 20.87 -40.37
C ALA A 369 24.50 21.74 -41.61
N SER A 370 25.66 21.69 -42.26
CA SER A 370 25.90 22.47 -43.48
C SER A 370 25.18 21.78 -44.62
N ASP A 371 25.04 22.46 -45.75
CA ASP A 371 24.36 21.86 -46.91
C ASP A 371 25.09 20.60 -47.35
N ALA A 372 26.42 20.63 -47.26
CA ALA A 372 27.23 19.49 -47.65
C ALA A 372 26.94 18.30 -46.73
N GLU A 373 26.83 18.55 -45.43
CA GLU A 373 26.54 17.48 -44.49
C GLU A 373 25.13 16.93 -44.69
N ILE A 374 24.23 17.79 -45.15
CA ILE A 374 22.85 17.38 -45.41
C ILE A 374 22.83 16.53 -46.69
N ASP A 375 23.69 16.88 -47.65
CA ASP A 375 23.78 16.12 -48.89
C ASP A 375 24.18 14.69 -48.57
N THR A 376 25.29 14.56 -47.86
CA THR A 376 25.82 13.27 -47.46
C THR A 376 24.74 12.47 -46.72
N LEU A 377 24.04 13.16 -45.82
CA LEU A 377 22.98 12.56 -45.04
C LEU A 377 21.85 12.02 -45.93
N MET A 378 21.44 12.82 -46.92
CA MET A 378 20.36 12.40 -47.81
C MET A 378 20.83 11.35 -48.80
N ALA A 379 22.13 11.10 -48.84
CA ALA A 379 22.70 10.09 -49.72
C ALA A 379 22.79 8.80 -48.92
N ALA A 380 22.91 8.92 -47.60
CA ALA A 380 22.99 7.77 -46.72
C ALA A 380 21.56 7.24 -46.52
N TYR A 381 20.61 8.16 -46.39
CA TYR A 381 19.20 7.82 -46.23
C TYR A 381 18.49 8.33 -47.49
N THR A 382 18.38 7.46 -48.49
CA THR A 382 17.75 7.82 -49.75
C THR A 382 16.22 7.77 -49.66
N SER A 383 15.57 8.09 -50.78
CA SER A 383 14.11 8.08 -50.85
C SER A 383 13.63 6.70 -51.32
N ASP A 384 14.59 5.80 -51.55
CA ASP A 384 14.25 4.43 -51.97
C ASP A 384 13.48 3.83 -50.80
N ILE A 385 12.17 3.70 -50.94
CA ILE A 385 11.32 3.17 -49.86
C ILE A 385 11.70 1.80 -49.30
N THR A 386 12.36 0.95 -50.09
CA THR A 386 12.74 -0.37 -49.60
C THR A 386 13.87 -0.31 -48.58
N GLN A 387 14.56 0.82 -48.54
CA GLN A 387 15.69 1.00 -47.63
C GLN A 387 15.37 1.68 -46.30
N GLY A 388 14.13 2.14 -46.13
CA GLY A 388 13.74 2.81 -44.89
C GLY A 388 13.15 1.88 -43.84
N SER A 389 12.65 2.47 -42.77
CA SER A 389 12.05 1.72 -41.65
C SER A 389 10.52 1.81 -41.72
N PRO A 390 9.79 0.70 -41.45
CA PRO A 390 10.18 -0.67 -41.06
C PRO A 390 11.22 -1.28 -41.96
N PHE A 391 12.39 -1.54 -41.40
CA PHE A 391 13.48 -2.11 -42.18
C PHE A 391 13.15 -3.49 -42.76
N ASP A 392 13.67 -3.72 -43.97
CA ASP A 392 13.47 -4.97 -44.68
C ASP A 392 12.00 -5.33 -44.95
N THR A 393 11.21 -4.34 -45.34
CA THR A 393 9.81 -4.56 -45.66
C THR A 393 9.52 -4.17 -47.11
N GLY A 394 10.57 -4.03 -47.89
CA GLY A 394 10.44 -3.69 -49.30
C GLY A 394 9.57 -2.48 -49.60
N ILE A 395 8.55 -2.68 -50.43
CA ILE A 395 7.65 -1.59 -50.82
C ILE A 395 6.50 -1.33 -49.85
N PHE A 396 6.42 -2.10 -48.78
CA PHE A 396 5.34 -1.92 -47.82
C PHE A 396 5.62 -0.85 -46.76
N ASN A 397 4.55 -0.41 -46.09
CA ASN A 397 4.65 0.58 -45.03
C ASN A 397 5.05 2.00 -45.44
N ALA A 398 5.04 2.28 -46.75
CA ALA A 398 5.40 3.61 -47.22
C ALA A 398 4.14 4.49 -47.23
N ILE A 399 3.64 4.85 -46.06
CA ILE A 399 2.43 5.67 -45.96
C ILE A 399 2.60 7.00 -46.69
N THR A 400 3.86 7.38 -46.91
CA THR A 400 4.20 8.57 -47.67
C THR A 400 5.53 8.19 -48.31
N PRO A 401 5.94 8.90 -49.38
CA PRO A 401 7.21 8.61 -50.05
C PRO A 401 8.43 8.89 -49.17
N GLN A 402 8.22 9.55 -48.03
CA GLN A 402 9.32 9.93 -47.14
C GLN A 402 9.25 9.37 -45.71
N PHE A 403 8.12 8.78 -45.33
CA PHE A 403 7.95 8.24 -43.99
C PHE A 403 9.02 7.24 -43.53
N LYS A 404 9.31 6.25 -44.37
CA LYS A 404 10.28 5.22 -44.02
C LYS A 404 11.69 5.77 -43.91
N ARG A 405 11.97 6.80 -44.70
CA ARG A 405 13.27 7.48 -44.73
C ARG A 405 13.48 8.33 -43.48
N ILE A 406 12.49 9.16 -43.17
CA ILE A 406 12.55 10.02 -42.01
C ILE A 406 12.58 9.16 -40.75
N SER A 407 11.73 8.13 -40.71
CA SER A 407 11.68 7.20 -39.56
C SER A 407 13.05 6.56 -39.34
N ALA A 408 13.65 6.06 -40.42
CA ALA A 408 14.96 5.42 -40.31
C ALA A 408 16.00 6.38 -39.75
N LEU A 409 16.00 7.61 -40.26
CA LEU A 409 16.95 8.64 -39.83
C LEU A 409 16.80 9.03 -38.36
N LEU A 410 15.57 9.36 -37.96
CA LEU A 410 15.29 9.76 -36.58
C LEU A 410 15.55 8.62 -35.61
N GLY A 411 15.19 7.40 -36.00
CA GLY A 411 15.40 6.27 -35.12
C GLY A 411 16.87 5.97 -34.92
N ASP A 412 17.66 6.18 -35.97
CA ASP A 412 19.09 5.90 -35.90
C ASP A 412 19.88 6.93 -35.11
N LEU A 413 19.57 8.21 -35.31
CA LEU A 413 20.29 9.28 -34.62
C LEU A 413 19.98 9.33 -33.14
N ALA A 414 18.71 9.10 -32.82
CA ALA A 414 18.27 9.14 -31.44
C ALA A 414 18.50 7.83 -30.69
N PHE A 415 18.49 6.71 -31.41
CA PHE A 415 18.63 5.44 -30.72
C PHE A 415 19.61 4.38 -31.23
N THR A 416 19.23 3.73 -32.32
CA THR A 416 19.97 2.62 -32.88
C THR A 416 21.43 2.78 -33.27
N LEU A 417 21.76 3.81 -34.05
CA LEU A 417 23.16 3.98 -34.44
C LEU A 417 23.94 4.74 -33.37
N ALA A 418 23.24 5.54 -32.57
CA ALA A 418 23.90 6.25 -31.48
C ALA A 418 24.45 5.16 -30.55
N ARG A 419 23.67 4.09 -30.38
CA ARG A 419 24.07 2.96 -29.55
C ARG A 419 25.38 2.36 -30.02
N ARG A 420 25.55 2.25 -31.34
CA ARG A 420 26.76 1.67 -31.90
C ARG A 420 27.97 2.54 -31.58
N TYR A 421 27.77 3.86 -31.60
CA TYR A 421 28.84 4.80 -31.30
C TYR A 421 29.24 4.67 -29.83
N PHE A 422 28.25 4.45 -28.97
CA PHE A 422 28.50 4.27 -27.54
C PHE A 422 29.29 2.99 -27.32
N LEU A 423 28.79 1.91 -27.93
CA LEU A 423 29.44 0.61 -27.81
C LEU A 423 30.87 0.60 -28.35
N ASN A 424 31.11 1.38 -29.39
CA ASN A 424 32.44 1.42 -29.98
C ASN A 424 33.45 2.14 -29.11
N TYR A 425 33.01 3.14 -28.35
CA TYR A 425 33.92 3.89 -27.49
C TYR A 425 33.91 3.50 -26.03
N TYR A 426 32.78 3.00 -25.54
CA TYR A 426 32.67 2.63 -24.14
C TYR A 426 33.55 1.45 -23.74
N GLN A 427 34.43 1.69 -22.76
CA GLN A 427 35.34 0.67 -22.26
C GLN A 427 35.22 0.57 -20.74
N GLY A 428 34.06 0.93 -20.20
CA GLY A 428 33.86 0.88 -18.76
C GLY A 428 33.66 -0.51 -18.19
N GLY A 429 33.17 -1.43 -19.03
CA GLY A 429 32.94 -2.78 -18.57
C GLY A 429 32.47 -3.68 -19.70
N THR A 430 32.14 -4.92 -19.37
CA THR A 430 31.66 -5.87 -20.37
C THR A 430 30.35 -5.35 -20.98
N LYS A 431 30.24 -5.46 -22.29
CA LYS A 431 29.06 -4.98 -23.01
C LYS A 431 28.27 -6.08 -23.68
N TYR A 432 26.94 -5.97 -23.62
CA TYR A 432 26.03 -6.91 -24.24
C TYR A 432 25.00 -6.07 -25.00
N SER A 433 24.73 -6.43 -26.24
CA SER A 433 23.76 -5.65 -27.00
C SER A 433 22.70 -6.51 -27.68
N PHE A 434 21.50 -5.96 -27.81
CA PHE A 434 20.40 -6.68 -28.43
C PHE A 434 19.63 -5.84 -29.45
N LEU A 435 19.06 -6.52 -30.43
CA LEU A 435 18.25 -5.89 -31.46
C LEU A 435 16.99 -6.72 -31.64
N SER A 436 15.84 -6.15 -31.28
CA SER A 436 14.59 -6.88 -31.41
C SER A 436 13.92 -6.70 -32.75
N LYS A 437 13.37 -7.80 -33.25
CA LYS A 437 12.63 -7.82 -34.50
C LYS A 437 11.40 -8.65 -34.21
N GLN A 438 11.01 -8.67 -32.95
CA GLN A 438 9.87 -9.43 -32.47
C GLN A 438 8.54 -9.12 -33.17
N LEU A 439 8.40 -7.88 -33.65
CA LEU A 439 7.17 -7.47 -34.32
C LEU A 439 7.31 -7.31 -35.83
N SER A 440 8.24 -8.04 -36.44
CA SER A 440 8.41 -7.93 -37.89
C SER A 440 7.11 -8.28 -38.59
N GLY A 441 6.69 -7.43 -39.53
CA GLY A 441 5.46 -7.68 -40.25
C GLY A 441 4.32 -6.77 -39.80
N LEU A 442 4.46 -6.19 -38.61
CA LEU A 442 3.44 -5.28 -38.09
C LEU A 442 3.36 -4.08 -39.04
N PRO A 443 2.19 -3.87 -39.66
CA PRO A 443 2.05 -2.74 -40.59
C PRO A 443 2.33 -1.36 -39.99
N VAL A 444 2.96 -0.53 -40.82
CA VAL A 444 3.34 0.84 -40.50
C VAL A 444 4.46 1.05 -39.49
N LEU A 445 4.36 0.45 -38.30
CA LEU A 445 5.38 0.64 -37.27
C LEU A 445 6.49 -0.42 -37.17
N GLY A 446 6.15 -1.69 -37.41
CA GLY A 446 7.15 -2.73 -37.32
C GLY A 446 7.48 -2.96 -35.86
N THR A 447 8.72 -3.29 -35.54
CA THR A 447 9.10 -3.51 -34.14
C THR A 447 9.40 -2.11 -33.64
N PHE A 448 8.34 -1.42 -33.25
CA PHE A 448 8.39 -0.04 -32.82
C PHE A 448 8.96 0.30 -31.45
N HIS A 449 9.26 1.59 -31.30
CA HIS A 449 9.80 2.16 -30.08
C HIS A 449 8.82 1.94 -28.93
N GLY A 450 9.30 1.33 -27.85
CA GLY A 450 8.46 1.10 -26.69
C GLY A 450 7.69 -0.22 -26.64
N ASN A 451 7.70 -1.00 -27.71
CA ASN A 451 6.97 -2.26 -27.70
C ASN A 451 7.55 -3.21 -26.63
N ASP A 452 8.83 -3.06 -26.31
CA ASP A 452 9.43 -3.91 -25.30
C ASP A 452 8.73 -3.78 -23.95
N ILE A 453 8.16 -2.60 -23.69
CA ILE A 453 7.42 -2.34 -22.44
C ILE A 453 6.28 -3.37 -22.28
N ILE A 454 5.64 -3.71 -23.39
CA ILE A 454 4.54 -4.67 -23.35
C ILE A 454 5.01 -6.04 -22.85
N TRP A 455 6.09 -6.53 -23.44
CA TRP A 455 6.62 -7.84 -23.08
C TRP A 455 7.43 -7.86 -21.80
N GLN A 456 7.69 -6.67 -21.24
CA GLN A 456 8.45 -6.59 -20.01
C GLN A 456 7.55 -6.40 -18.80
N ASP A 457 6.42 -5.72 -19.00
CA ASP A 457 5.50 -5.42 -17.91
C ASP A 457 4.05 -5.89 -18.02
N TYR A 458 3.57 -6.23 -19.21
CA TYR A 458 2.17 -6.62 -19.33
C TYR A 458 1.87 -8.02 -19.85
N LEU A 459 2.58 -8.45 -20.88
CA LEU A 459 2.35 -9.77 -21.46
C LEU A 459 3.62 -10.57 -21.62
N VAL A 460 3.46 -11.88 -21.72
CA VAL A 460 4.60 -12.75 -21.92
C VAL A 460 4.69 -12.98 -23.42
N GLY A 461 5.81 -12.60 -24.01
CA GLY A 461 6.03 -12.77 -25.44
C GLY A 461 7.42 -13.36 -25.61
N SER A 462 7.82 -13.60 -26.85
CA SER A 462 9.15 -14.17 -27.10
C SER A 462 10.25 -13.28 -26.54
N GLY A 463 10.05 -11.96 -26.62
CA GLY A 463 11.04 -11.03 -26.13
C GLY A 463 11.15 -10.98 -24.62
N SER A 464 10.13 -11.47 -23.93
CA SER A 464 10.08 -11.47 -22.46
C SER A 464 11.27 -12.20 -21.84
N VAL A 465 11.79 -13.19 -22.56
CA VAL A 465 12.92 -13.95 -22.08
C VAL A 465 14.14 -13.03 -21.94
N ILE A 466 14.13 -11.92 -22.66
CA ILE A 466 15.23 -10.96 -22.60
C ILE A 466 14.94 -9.85 -21.59
N TYR A 467 13.88 -9.09 -21.85
CA TYR A 467 13.47 -7.98 -21.00
C TYR A 467 13.27 -8.38 -19.55
N ASN A 468 12.90 -9.63 -19.33
CA ASN A 468 12.71 -10.14 -17.98
C ASN A 468 13.88 -11.08 -17.59
N ASN A 469 13.82 -12.33 -18.03
CA ASN A 469 14.84 -13.35 -17.72
C ASN A 469 16.30 -12.88 -17.79
N ALA A 470 16.76 -12.50 -18.98
CA ALA A 470 18.13 -12.04 -19.14
C ALA A 470 18.49 -10.83 -18.28
N PHE A 471 17.59 -9.85 -18.20
CA PHE A 471 17.85 -8.65 -17.39
C PHE A 471 17.98 -8.96 -15.91
N ILE A 472 17.16 -9.89 -15.43
CA ILE A 472 17.19 -10.31 -14.04
C ILE A 472 18.52 -11.01 -13.74
N ALA A 473 18.96 -11.84 -14.67
CA ALA A 473 20.22 -12.56 -14.53
C ALA A 473 21.38 -11.55 -14.47
N PHE A 474 21.29 -10.52 -15.29
CA PHE A 474 22.30 -9.47 -15.35
C PHE A 474 22.35 -8.73 -14.00
N ALA A 475 21.18 -8.36 -13.49
CA ALA A 475 21.09 -7.66 -12.21
C ALA A 475 21.61 -8.54 -11.07
N ASN A 476 21.44 -9.85 -11.22
CA ASN A 476 21.88 -10.83 -10.22
C ASN A 476 23.36 -11.18 -10.32
N ASP A 477 23.76 -11.64 -11.50
CA ASP A 477 25.13 -12.11 -11.72
C ASP A 477 26.00 -11.29 -12.69
N LEU A 478 25.48 -10.15 -13.15
CA LEU A 478 26.21 -9.31 -14.08
C LEU A 478 26.52 -10.03 -15.40
N ASP A 479 25.72 -11.05 -15.72
CA ASP A 479 25.89 -11.82 -16.96
C ASP A 479 24.52 -12.38 -17.35
N PRO A 480 23.96 -11.89 -18.46
CA PRO A 480 22.65 -12.33 -18.95
C PRO A 480 22.59 -13.81 -19.31
N ASN A 481 23.76 -14.42 -19.48
CA ASN A 481 23.79 -15.84 -19.83
C ASN A 481 23.47 -16.74 -18.63
N LYS A 482 23.46 -16.17 -17.44
CA LYS A 482 23.14 -16.97 -16.25
C LYS A 482 21.63 -17.24 -16.23
N ALA A 483 20.91 -16.60 -17.15
CA ALA A 483 19.47 -16.78 -17.25
C ALA A 483 19.19 -18.18 -17.74
N GLY A 484 20.19 -18.79 -18.39
CA GLY A 484 20.02 -20.12 -18.89
C GLY A 484 19.22 -20.17 -20.18
N LEU A 485 19.34 -19.13 -21.00
CA LEU A 485 18.62 -19.08 -22.26
C LEU A 485 19.22 -20.13 -23.18
N TRP A 486 18.42 -20.65 -24.09
CA TRP A 486 18.92 -21.66 -25.01
C TRP A 486 19.75 -21.09 -26.14
N THR A 487 19.95 -19.77 -26.12
CA THR A 487 20.76 -19.08 -27.12
C THR A 487 21.78 -18.22 -26.37
N ASN A 488 23.06 -18.50 -26.57
CA ASN A 488 24.11 -17.74 -25.89
C ASN A 488 24.20 -16.28 -26.36
N TRP A 489 24.33 -15.37 -25.40
CA TRP A 489 24.44 -13.94 -25.69
C TRP A 489 25.93 -13.58 -25.72
N PRO A 490 26.51 -13.39 -26.92
CA PRO A 490 27.93 -13.04 -27.06
C PRO A 490 28.23 -11.64 -26.56
N THR A 491 29.45 -11.43 -26.09
CA THR A 491 29.85 -10.11 -25.62
C THR A 491 30.09 -9.21 -26.82
N TYR A 492 29.91 -7.91 -26.63
CA TYR A 492 30.10 -6.96 -27.70
C TYR A 492 31.37 -6.16 -27.48
N THR A 493 32.20 -6.06 -28.52
CA THR A 493 33.44 -5.30 -28.42
C THR A 493 33.43 -4.12 -29.39
N SER A 494 33.12 -4.38 -30.66
CA SER A 494 33.08 -3.31 -31.66
C SER A 494 32.20 -3.70 -32.84
N SER A 495 31.69 -2.71 -33.56
CA SER A 495 30.82 -2.98 -34.69
C SER A 495 31.53 -3.70 -35.85
N SER A 496 32.85 -3.88 -35.75
CA SER A 496 33.58 -4.60 -36.81
C SER A 496 34.24 -5.89 -36.32
N GLN A 497 33.94 -6.28 -35.09
CA GLN A 497 34.48 -7.52 -34.50
C GLN A 497 33.98 -8.70 -35.32
N SER A 498 34.65 -9.83 -35.22
CA SER A 498 34.26 -11.02 -35.98
C SER A 498 33.05 -11.76 -35.42
N GLY A 499 32.16 -12.19 -36.30
CA GLY A 499 30.97 -12.92 -35.89
C GLY A 499 29.80 -12.10 -35.37
N ASN A 500 28.73 -12.78 -34.98
CA ASN A 500 27.53 -12.13 -34.46
C ASN A 500 27.74 -11.58 -33.06
N ASN A 501 27.43 -10.29 -32.88
CA ASN A 501 27.59 -9.63 -31.59
C ASN A 501 26.30 -9.06 -31.01
N LEU A 502 25.18 -9.44 -31.59
CA LEU A 502 23.89 -8.96 -31.10
C LEU A 502 22.93 -10.11 -30.78
N MET A 503 22.30 -10.04 -29.62
CA MET A 503 21.30 -11.04 -29.27
C MET A 503 20.08 -10.48 -29.99
N GLN A 504 19.39 -11.30 -30.76
CA GLN A 504 18.23 -10.80 -31.48
C GLN A 504 16.97 -11.59 -31.17
N ILE A 505 15.83 -10.96 -31.43
CA ILE A 505 14.53 -11.55 -31.13
C ILE A 505 13.57 -11.54 -32.31
N ASN A 506 12.90 -12.67 -32.54
CA ASN A 506 11.91 -12.73 -33.61
C ASN A 506 10.59 -13.08 -32.94
N GLY A 507 9.56 -13.33 -33.74
CA GLY A 507 8.25 -13.65 -33.19
C GLY A 507 8.17 -14.90 -32.33
N LEU A 508 9.04 -15.87 -32.60
CA LEU A 508 9.02 -17.13 -31.86
C LEU A 508 10.11 -17.31 -30.81
N GLY A 509 11.32 -16.86 -31.11
CA GLY A 509 12.40 -17.04 -30.15
C GLY A 509 13.62 -16.17 -30.41
N LEU A 510 14.78 -16.67 -30.01
CA LEU A 510 16.03 -15.93 -30.15
C LEU A 510 16.98 -16.42 -31.23
N TYR A 511 17.92 -15.54 -31.59
CA TYR A 511 18.96 -15.84 -32.56
C TYR A 511 19.92 -14.66 -32.46
N THR A 512 21.06 -14.75 -33.15
CA THR A 512 22.01 -13.66 -33.09
C THR A 512 22.28 -13.07 -34.46
N GLY A 513 22.78 -11.84 -34.47
CA GLY A 513 23.09 -11.16 -35.73
C GLY A 513 24.28 -10.24 -35.60
N LYS A 514 24.51 -9.40 -36.61
CA LYS A 514 25.63 -8.48 -36.59
C LYS A 514 25.22 -7.01 -36.56
N ASP A 515 25.94 -6.21 -35.80
CA ASP A 515 25.67 -4.78 -35.72
C ASP A 515 26.49 -4.10 -36.81
N ASN A 516 26.27 -4.50 -38.06
CA ASN A 516 27.03 -3.95 -39.16
C ASN A 516 26.18 -3.30 -40.25
N PHE A 517 24.89 -3.11 -39.96
CA PHE A 517 23.95 -2.53 -40.92
C PHE A 517 24.02 -1.00 -41.03
N ARG A 518 23.64 -0.51 -42.20
CA ARG A 518 23.61 0.93 -42.50
C ARG A 518 24.89 1.67 -42.07
N PRO A 519 26.06 1.19 -42.51
CA PRO A 519 27.32 1.84 -42.14
C PRO A 519 27.53 3.26 -42.66
N ASP A 520 27.06 3.54 -43.88
CA ASP A 520 27.22 4.89 -44.42
C ASP A 520 26.38 5.91 -43.65
N ALA A 521 25.32 5.43 -43.01
CA ALA A 521 24.44 6.29 -42.22
C ALA A 521 25.15 6.60 -40.89
N TYR A 522 25.89 5.60 -40.40
CA TYR A 522 26.62 5.74 -39.16
C TYR A 522 27.69 6.81 -39.36
N SER A 523 28.39 6.75 -40.50
CA SER A 523 29.42 7.74 -40.78
C SER A 523 28.84 9.12 -41.11
N ALA A 524 27.72 9.15 -41.82
CA ALA A 524 27.09 10.41 -42.20
C ALA A 524 26.62 11.19 -40.96
N LEU A 525 26.15 10.45 -39.96
CA LEU A 525 25.64 11.05 -38.74
C LEU A 525 26.68 11.40 -37.70
N PHE A 526 27.71 10.56 -37.59
CA PHE A 526 28.70 10.74 -36.55
C PHE A 526 30.15 11.10 -36.88
N SER A 527 30.41 11.51 -38.12
CA SER A 527 31.77 11.92 -38.46
C SER A 527 32.00 13.18 -37.63
N ASN A 528 30.88 13.81 -37.25
CA ASN A 528 30.87 15.00 -36.40
C ASN A 528 29.47 15.05 -35.79
N PRO A 529 29.26 14.31 -34.69
CA PRO A 529 27.97 14.26 -34.01
C PRO A 529 27.30 15.62 -33.75
N PRO A 530 28.08 16.63 -33.32
CA PRO A 530 27.53 17.96 -33.05
C PRO A 530 26.78 18.62 -34.21
N SER A 531 27.07 18.20 -35.44
CA SER A 531 26.39 18.78 -36.60
C SER A 531 24.93 18.35 -36.65
N PHE A 532 24.58 17.37 -35.81
CA PHE A 532 23.21 16.90 -35.77
C PHE A 532 22.56 16.97 -34.39
N PHE A 533 23.05 17.91 -33.57
CA PHE A 533 22.51 18.12 -32.22
C PHE A 533 21.30 19.05 -32.27
N VAL A 534 20.45 18.98 -31.25
CA VAL A 534 19.27 19.84 -31.20
C VAL A 534 19.37 20.76 -29.98
N ALA B 1 46.98 -42.67 45.52
CA ALA B 1 46.26 -42.18 44.31
C ALA B 1 46.13 -43.33 43.31
N PRO B 2 45.05 -43.33 42.51
CA PRO B 2 44.87 -44.40 41.53
C PRO B 2 46.05 -44.47 40.56
N THR B 3 46.46 -45.69 40.22
CA THR B 3 47.58 -45.83 39.32
C THR B 3 47.33 -46.91 38.28
N ALA B 4 48.04 -46.80 37.16
CA ALA B 4 47.91 -47.74 36.07
C ALA B 4 49.24 -47.85 35.35
N THR B 5 49.49 -49.01 34.77
CA THR B 5 50.73 -49.26 34.04
C THR B 5 50.38 -49.39 32.58
N LEU B 6 51.09 -48.63 31.74
CA LEU B 6 50.84 -48.64 30.30
C LEU B 6 51.58 -49.78 29.62
N ALA B 7 51.25 -50.04 28.36
CA ALA B 7 51.87 -51.12 27.59
C ALA B 7 53.39 -51.13 27.63
N ASN B 8 53.99 -49.95 27.51
CA ASN B 8 55.45 -49.81 27.53
C ASN B 8 56.03 -49.85 28.93
N GLY B 9 55.21 -50.23 29.91
CA GLY B 9 55.71 -50.32 31.27
C GLY B 9 55.65 -49.03 32.07
N ASP B 10 55.26 -47.92 31.44
CA ASP B 10 55.16 -46.66 32.15
C ASP B 10 54.10 -46.78 33.24
N THR B 11 54.37 -46.18 34.40
CA THR B 11 53.42 -46.20 35.50
C THR B 11 52.96 -44.76 35.73
N ILE B 12 51.65 -44.54 35.64
CA ILE B 12 51.08 -43.21 35.81
C ILE B 12 50.08 -43.18 36.96
N THR B 13 49.77 -41.97 37.41
CA THR B 13 48.82 -41.80 38.49
C THR B 13 47.66 -40.91 38.02
N GLY B 14 46.46 -41.26 38.47
CA GLY B 14 45.28 -40.50 38.10
C GLY B 14 44.71 -39.73 39.26
N LEU B 15 43.41 -39.48 39.20
CA LEU B 15 42.73 -38.73 40.26
C LEU B 15 41.69 -39.58 40.97
N ASN B 16 41.53 -39.33 42.26
CA ASN B 16 40.54 -40.05 43.06
C ASN B 16 39.37 -39.10 43.27
N ALA B 17 38.33 -39.25 42.46
CA ALA B 17 37.15 -38.39 42.56
C ALA B 17 36.12 -38.94 43.53
N ILE B 18 36.54 -39.88 44.37
CA ILE B 18 35.67 -40.51 45.36
C ILE B 18 34.60 -41.39 44.70
N VAL B 19 33.73 -40.80 43.89
CA VAL B 19 32.70 -41.58 43.22
C VAL B 19 33.29 -42.45 42.12
N ASN B 20 34.50 -42.12 41.70
CA ASN B 20 35.21 -42.87 40.67
C ASN B 20 36.66 -42.42 40.58
N GLU B 21 37.44 -43.08 39.72
CA GLU B 21 38.84 -42.76 39.52
C GLU B 21 39.02 -42.25 38.10
N LYS B 22 39.88 -41.25 37.92
CA LYS B 22 40.10 -40.68 36.60
C LYS B 22 41.55 -40.48 36.21
N PHE B 23 41.85 -40.71 34.95
CA PHE B 23 43.18 -40.48 34.40
C PHE B 23 42.86 -39.57 33.23
N LEU B 24 43.14 -38.28 33.41
CA LEU B 24 42.81 -37.29 32.40
C LEU B 24 43.98 -36.61 31.72
N GLY B 25 43.80 -36.30 30.44
CA GLY B 25 44.83 -35.60 29.68
C GLY B 25 46.05 -36.41 29.29
N ILE B 26 45.85 -37.67 28.95
CA ILE B 26 46.96 -38.52 28.55
C ILE B 26 47.22 -38.33 27.07
N PRO B 27 48.43 -37.89 26.70
CA PRO B 27 48.70 -37.70 25.27
C PRO B 27 48.76 -39.03 24.52
N PHE B 28 48.14 -39.10 23.35
CA PHE B 28 48.15 -40.33 22.57
C PHE B 28 48.77 -40.11 21.19
N ALA B 29 49.13 -38.87 20.91
CA ALA B 29 49.74 -38.52 19.65
C ALA B 29 50.66 -37.32 19.85
N GLU B 30 51.54 -37.10 18.89
CA GLU B 30 52.45 -35.96 18.95
C GLU B 30 51.61 -34.76 18.54
N PRO B 31 51.91 -33.58 19.12
CA PRO B 31 51.15 -32.38 18.77
C PRO B 31 51.08 -32.25 17.25
N PRO B 32 49.87 -32.19 16.68
CA PRO B 32 49.75 -32.07 15.23
C PRO B 32 49.96 -30.63 14.79
N VAL B 33 51.13 -30.09 15.12
CA VAL B 33 51.46 -28.70 14.80
C VAL B 33 52.41 -28.57 13.64
N GLY B 34 52.54 -27.34 13.14
CA GLY B 34 53.42 -27.07 12.03
C GLY B 34 53.30 -28.04 10.87
N THR B 35 54.41 -28.67 10.53
CA THR B 35 54.48 -29.63 9.43
C THR B 35 53.46 -30.76 9.54
N LEU B 36 52.99 -31.03 10.75
CA LEU B 36 52.02 -32.10 10.95
C LEU B 36 50.56 -31.65 10.87
N ARG B 37 50.33 -30.38 10.56
CA ARG B 37 48.97 -29.87 10.42
C ARG B 37 48.26 -30.58 9.28
N PHE B 38 46.99 -30.89 9.50
CA PHE B 38 46.15 -31.56 8.51
C PHE B 38 46.47 -33.04 8.30
N LYS B 39 47.50 -33.53 8.97
CA LYS B 39 48.18 -34.77 8.46
C LYS B 39 47.72 -35.74 9.55
N PRO B 40 47.62 -37.03 9.22
CA PRO B 40 47.19 -38.00 10.24
C PRO B 40 48.12 -37.90 11.45
N PRO B 41 47.62 -38.27 12.64
CA PRO B 41 48.41 -38.21 13.86
C PRO B 41 49.62 -39.14 13.92
N VAL B 42 50.61 -38.75 14.70
CA VAL B 42 51.81 -39.54 14.89
C VAL B 42 51.73 -40.07 16.32
N PRO B 43 51.86 -41.38 16.51
CA PRO B 43 51.79 -41.93 17.86
C PRO B 43 52.83 -41.33 18.80
N TYR B 44 52.42 -41.10 20.05
CA TYR B 44 53.30 -40.53 21.05
C TYR B 44 54.26 -41.63 21.51
N SER B 45 55.56 -41.43 21.28
CA SER B 45 56.58 -42.41 21.67
C SER B 45 57.27 -42.12 22.99
N ALA B 46 57.25 -40.87 23.44
CA ALA B 46 57.91 -40.50 24.69
C ALA B 46 57.30 -41.21 25.88
N SER B 47 58.12 -41.47 26.89
CA SER B 47 57.67 -42.16 28.10
C SER B 47 56.92 -41.21 29.05
N LEU B 48 55.83 -41.71 29.64
CA LEU B 48 55.00 -40.96 30.57
C LEU B 48 55.21 -41.44 32.00
N ASN B 49 56.14 -42.36 32.17
CA ASN B 49 56.45 -42.94 33.48
C ASN B 49 56.61 -41.88 34.58
N GLY B 50 55.83 -42.03 35.65
CA GLY B 50 55.91 -41.10 36.76
C GLY B 50 55.01 -39.87 36.74
N GLN B 51 54.50 -39.51 35.58
CA GLN B 51 53.63 -38.33 35.46
C GLN B 51 52.24 -38.51 36.04
N GLN B 52 51.59 -37.40 36.37
CA GLN B 52 50.24 -37.40 36.93
C GLN B 52 49.22 -36.89 35.92
N PHE B 53 48.04 -37.51 35.91
CA PHE B 53 46.96 -37.13 34.99
C PHE B 53 45.65 -36.94 35.75
N THR B 54 45.48 -35.73 36.29
CA THR B 54 44.31 -35.40 37.09
C THR B 54 43.37 -34.34 36.50
N SER B 55 43.60 -33.92 35.27
CA SER B 55 42.73 -32.92 34.66
C SER B 55 42.70 -32.99 33.15
N TYR B 56 41.53 -32.72 32.58
CA TYR B 56 41.38 -32.73 31.14
C TYR B 56 42.36 -31.74 30.53
N GLY B 57 42.90 -32.07 29.36
CA GLY B 57 43.82 -31.16 28.71
C GLY B 57 42.99 -30.19 27.88
N PRO B 58 43.63 -29.25 27.18
CA PRO B 58 42.84 -28.32 26.37
C PRO B 58 42.20 -29.03 25.18
N SER B 59 41.11 -28.47 24.66
CA SER B 59 40.43 -29.03 23.51
C SER B 59 41.17 -28.57 22.26
N CYS B 60 40.85 -29.16 21.12
CA CYS B 60 41.50 -28.75 19.89
C CYS B 60 40.93 -27.37 19.52
N MET B 61 41.56 -26.67 18.58
CA MET B 61 41.06 -25.35 18.18
C MET B 61 39.57 -25.44 17.88
N GLN B 62 38.81 -24.52 18.48
CA GLN B 62 37.36 -24.47 18.34
C GLN B 62 36.89 -23.40 17.38
N MET B 63 35.95 -23.75 16.51
CA MET B 63 35.41 -22.78 15.57
C MET B 63 34.09 -22.29 16.11
N ASN B 64 33.89 -20.97 16.09
CA ASN B 64 32.66 -20.37 16.57
C ASN B 64 31.48 -20.84 15.71
N PRO B 65 30.41 -21.34 16.34
CA PRO B 65 29.21 -21.83 15.63
C PRO B 65 28.44 -20.73 14.89
N MET B 66 28.53 -19.51 15.41
CA MET B 66 27.86 -18.36 14.83
C MET B 66 26.35 -18.56 14.91
N GLY B 67 25.87 -18.98 16.08
CA GLY B 67 24.45 -19.21 16.28
C GLY B 67 23.83 -18.24 17.26
N SER B 68 22.51 -18.33 17.43
CA SER B 68 21.80 -17.43 18.35
C SER B 68 20.56 -18.08 18.96
N PHE B 69 20.77 -18.98 19.92
CA PHE B 69 19.66 -19.66 20.58
C PHE B 69 18.99 -18.80 21.64
N GLU B 70 19.77 -17.93 22.28
CA GLU B 70 19.27 -17.06 23.33
C GLU B 70 18.33 -15.97 22.80
N ASP B 71 18.15 -15.93 21.50
CA ASP B 71 17.28 -14.92 20.89
C ASP B 71 16.04 -15.51 20.23
N THR B 72 15.96 -16.84 20.18
CA THR B 72 14.83 -17.47 19.52
C THR B 72 14.11 -18.55 20.32
N LEU B 73 14.62 -18.86 21.51
CA LEU B 73 14.00 -19.91 22.31
C LEU B 73 13.42 -19.48 23.65
N PRO B 74 12.28 -20.06 24.03
CA PRO B 74 11.65 -19.70 25.31
C PRO B 74 12.51 -20.31 26.43
N LYS B 75 12.57 -19.63 27.57
CA LYS B 75 13.38 -20.08 28.70
C LYS B 75 13.37 -21.59 28.89
N ASN B 76 12.19 -22.19 28.80
CA ASN B 76 12.03 -23.63 28.96
C ASN B 76 13.03 -24.38 28.10
N ALA B 77 12.88 -24.24 26.79
CA ALA B 77 13.75 -24.90 25.82
C ALA B 77 15.20 -24.45 25.90
N LEU B 78 15.42 -23.13 26.06
CA LEU B 78 16.77 -22.60 26.13
C LEU B 78 17.60 -23.24 27.23
N ASP B 79 17.02 -23.39 28.41
CA ASP B 79 17.73 -23.99 29.53
C ASP B 79 18.17 -25.42 29.23
N LEU B 80 17.30 -26.17 28.56
CA LEU B 80 17.59 -27.56 28.20
C LEU B 80 18.72 -27.67 27.19
N VAL B 81 18.77 -26.79 26.20
CA VAL B 81 19.84 -26.86 25.21
C VAL B 81 21.17 -26.46 25.83
N LEU B 82 21.16 -25.44 26.67
CA LEU B 82 22.38 -24.99 27.32
C LEU B 82 22.95 -26.08 28.22
N GLN B 83 22.07 -26.81 28.90
CA GLN B 83 22.50 -27.88 29.79
C GLN B 83 23.16 -29.03 29.04
N SER B 84 22.67 -29.32 27.83
CA SER B 84 23.25 -30.39 27.03
C SER B 84 24.65 -29.99 26.61
N LYS B 85 24.88 -28.67 26.55
CA LYS B 85 26.18 -28.12 26.18
C LYS B 85 26.52 -28.32 24.71
N ILE B 86 25.53 -28.72 23.92
CA ILE B 86 25.76 -28.95 22.50
C ILE B 86 26.08 -27.64 21.77
N PHE B 87 26.98 -27.71 20.81
CA PHE B 87 27.38 -26.57 20.01
C PHE B 87 27.91 -25.38 20.80
N GLN B 88 28.68 -25.67 21.85
CA GLN B 88 29.31 -24.64 22.67
C GLN B 88 30.82 -24.85 22.59
N VAL B 89 31.57 -23.81 22.24
CA VAL B 89 33.02 -23.95 22.13
C VAL B 89 33.58 -24.32 23.51
N VAL B 90 34.57 -25.21 23.51
CA VAL B 90 35.18 -25.64 24.76
C VAL B 90 36.53 -24.97 24.96
N LEU B 91 36.72 -24.39 26.14
CA LEU B 91 37.97 -23.70 26.46
C LEU B 91 38.56 -24.28 27.74
N PRO B 92 39.90 -24.26 27.86
CA PRO B 92 40.81 -23.72 26.85
C PRO B 92 40.96 -24.69 25.66
N ASN B 93 41.61 -24.20 24.61
CA ASN B 93 41.87 -25.00 23.42
C ASN B 93 43.24 -24.62 22.87
N ASP B 94 43.81 -25.52 22.08
CA ASP B 94 45.14 -25.30 21.49
C ASP B 94 45.34 -26.37 20.42
N GLU B 95 46.30 -26.19 19.52
CA GLU B 95 46.53 -27.21 18.51
C GLU B 95 47.13 -28.47 19.13
N ASP B 96 47.82 -28.30 20.25
CA ASP B 96 48.40 -29.45 20.98
C ASP B 96 47.23 -29.88 21.85
N CYS B 97 46.40 -30.76 21.31
CA CYS B 97 45.19 -31.18 21.98
C CYS B 97 44.88 -32.67 22.00
N LEU B 98 45.70 -33.48 21.33
CA LEU B 98 45.40 -34.90 21.27
C LEU B 98 45.68 -35.72 22.53
N THR B 99 44.73 -35.69 23.46
CA THR B 99 44.83 -36.45 24.71
C THR B 99 43.61 -37.34 24.86
N ILE B 100 43.73 -38.34 25.73
CA ILE B 100 42.66 -39.30 25.96
C ILE B 100 42.45 -39.42 27.46
N ASN B 101 41.24 -39.77 27.88
CA ASN B 101 40.93 -39.88 29.30
C ASN B 101 40.29 -41.21 29.66
N VAL B 102 40.41 -41.57 30.94
CA VAL B 102 39.85 -42.81 31.43
C VAL B 102 39.15 -42.63 32.78
N ILE B 103 37.91 -43.11 32.85
CA ILE B 103 37.14 -43.04 34.08
C ILE B 103 36.72 -44.45 34.43
N ARG B 104 36.99 -44.88 35.65
CA ARG B 104 36.64 -46.23 36.08
C ARG B 104 36.06 -46.24 37.49
N PRO B 105 35.33 -47.32 37.84
CA PRO B 105 34.73 -47.42 39.17
C PRO B 105 35.83 -47.39 40.24
N PRO B 106 35.54 -46.81 41.41
CA PRO B 106 36.57 -46.76 42.44
C PRO B 106 36.96 -48.17 42.90
N GLY B 107 38.25 -48.42 43.05
CA GLY B 107 38.72 -49.73 43.48
C GLY B 107 39.05 -50.67 42.35
N THR B 108 38.78 -50.26 41.12
CA THR B 108 39.06 -51.11 39.96
C THR B 108 40.52 -51.56 39.94
N ARG B 109 40.72 -52.87 39.74
CA ARG B 109 42.06 -53.42 39.68
C ARG B 109 42.46 -53.68 38.23
N ALA B 110 43.76 -53.64 37.97
CA ALA B 110 44.30 -53.86 36.63
C ALA B 110 43.80 -55.12 35.94
N SER B 111 43.45 -56.13 36.72
CA SER B 111 42.99 -57.39 36.15
C SER B 111 41.48 -57.51 36.02
N ALA B 112 40.77 -56.43 36.36
CA ALA B 112 39.30 -56.42 36.29
C ALA B 112 38.75 -56.89 34.93
N GLY B 113 39.41 -56.52 33.85
CA GLY B 113 38.95 -56.91 32.54
C GLY B 113 37.53 -56.45 32.25
N LEU B 114 37.20 -55.23 32.64
CA LEU B 114 35.86 -54.68 32.43
C LEU B 114 35.61 -54.26 30.99
N PRO B 115 34.34 -54.25 30.56
CA PRO B 115 34.01 -53.85 29.19
C PRO B 115 34.35 -52.37 29.07
N VAL B 116 34.62 -51.92 27.85
CA VAL B 116 34.99 -50.51 27.65
C VAL B 116 34.04 -49.78 26.71
N MET B 117 33.57 -48.62 27.14
CA MET B 117 32.69 -47.79 26.32
C MET B 117 33.54 -46.60 25.87
N LEU B 118 33.94 -46.62 24.62
CA LEU B 118 34.79 -45.60 24.05
C LEU B 118 33.97 -44.49 23.36
N TRP B 119 33.89 -43.35 24.04
CA TRP B 119 33.12 -42.19 23.60
C TRP B 119 33.77 -41.23 22.61
N ILE B 120 33.04 -40.90 21.55
CA ILE B 120 33.48 -39.97 20.51
C ILE B 120 32.49 -38.78 20.55
N PHE B 121 32.92 -37.65 21.09
CA PHE B 121 32.07 -36.48 21.20
C PHE B 121 31.60 -35.91 19.86
N GLY B 122 30.50 -35.17 19.89
CA GLY B 122 29.99 -34.57 18.67
C GLY B 122 29.93 -33.06 18.83
N GLY B 123 30.42 -32.34 17.82
CA GLY B 123 30.40 -30.90 17.84
C GLY B 123 30.38 -30.38 16.41
N GLY B 124 29.55 -31.01 15.58
CA GLY B 124 29.44 -30.61 14.19
C GLY B 124 30.73 -30.66 13.40
N PHE B 125 31.72 -31.41 13.91
CA PHE B 125 33.02 -31.53 13.26
C PHE B 125 33.76 -30.19 13.23
N GLU B 126 33.30 -29.24 14.05
CA GLU B 126 33.89 -27.91 14.08
C GLU B 126 34.21 -27.41 15.49
N LEU B 127 33.70 -28.12 16.49
CA LEU B 127 33.95 -27.74 17.88
C LEU B 127 33.70 -28.95 18.78
N GLY B 128 33.91 -28.76 20.08
CA GLY B 128 33.70 -29.85 21.01
C GLY B 128 34.99 -30.38 21.61
N GLY B 129 34.86 -31.19 22.64
CA GLY B 129 36.03 -31.76 23.30
C GLY B 129 35.59 -32.90 24.19
N SER B 130 36.54 -33.69 24.67
CA SER B 130 36.24 -34.82 25.53
C SER B 130 35.83 -34.42 26.95
N SER B 131 36.11 -33.18 27.35
CA SER B 131 35.74 -32.74 28.70
C SER B 131 34.24 -32.57 28.87
N LEU B 132 33.52 -32.31 27.78
CA LEU B 132 32.08 -32.16 27.89
C LEU B 132 31.44 -33.54 27.71
N PHE B 133 30.16 -33.67 28.01
CA PHE B 133 29.48 -34.95 27.88
C PHE B 133 30.23 -35.96 28.76
N PRO B 134 30.33 -35.68 30.06
CA PRO B 134 31.03 -36.56 31.01
C PRO B 134 30.48 -37.98 31.10
N GLY B 135 31.37 -38.95 31.29
CA GLY B 135 30.95 -40.34 31.39
C GLY B 135 30.69 -40.82 32.80
N ASP B 136 30.80 -39.92 33.77
CA ASP B 136 30.58 -40.28 35.17
C ASP B 136 29.24 -40.99 35.41
N GLN B 137 28.15 -40.43 34.90
CA GLN B 137 26.83 -41.03 35.09
C GLN B 137 26.76 -42.44 34.51
N MET B 138 27.38 -42.65 33.37
CA MET B 138 27.39 -43.98 32.75
C MET B 138 28.11 -44.96 33.68
N VAL B 139 29.30 -44.60 34.11
CA VAL B 139 30.09 -45.46 35.00
C VAL B 139 29.36 -45.75 36.31
N ALA B 140 28.78 -44.70 36.90
CA ALA B 140 28.06 -44.86 38.17
C ALA B 140 26.91 -45.85 38.05
N LYS B 141 26.16 -45.77 36.96
CA LYS B 141 25.03 -46.66 36.73
C LYS B 141 25.49 -48.10 36.48
N SER B 142 26.58 -48.26 35.75
CA SER B 142 27.09 -49.60 35.45
C SER B 142 27.45 -50.33 36.75
N VAL B 143 28.03 -49.59 37.69
CA VAL B 143 28.39 -50.18 38.98
C VAL B 143 27.11 -50.53 39.72
N LEU B 144 26.16 -49.61 39.70
CA LEU B 144 24.88 -49.80 40.37
C LEU B 144 24.17 -51.08 39.91
N MET B 145 24.30 -51.43 38.64
CA MET B 145 23.66 -52.64 38.14
C MET B 145 24.56 -53.88 38.09
N GLY B 146 25.70 -53.82 38.78
CA GLY B 146 26.62 -54.94 38.82
C GLY B 146 27.27 -55.29 37.48
N LYS B 147 27.30 -54.34 36.56
CA LYS B 147 27.90 -54.54 35.25
C LYS B 147 28.87 -53.39 34.96
N PRO B 148 29.86 -53.20 35.86
CA PRO B 148 30.84 -52.13 35.70
C PRO B 148 31.54 -52.07 34.37
N VAL B 149 31.70 -50.84 33.86
CA VAL B 149 32.39 -50.61 32.61
C VAL B 149 33.39 -49.49 32.83
N ILE B 150 34.32 -49.35 31.91
CA ILE B 150 35.29 -48.28 32.00
C ILE B 150 34.95 -47.33 30.87
N HIS B 151 34.92 -46.04 31.18
CA HIS B 151 34.60 -45.02 30.17
C HIS B 151 35.88 -44.40 29.67
N VAL B 152 35.95 -44.21 28.36
CA VAL B 152 37.13 -43.60 27.75
C VAL B 152 36.67 -42.61 26.68
N SER B 153 37.35 -41.47 26.63
CA SER B 153 37.02 -40.42 25.66
C SER B 153 38.30 -39.77 25.14
N MET B 154 38.28 -39.29 23.91
CA MET B 154 39.46 -38.65 23.33
C MET B 154 39.12 -37.33 22.64
N ASN B 155 40.14 -36.50 22.45
CA ASN B 155 39.98 -35.25 21.72
C ASN B 155 40.37 -35.59 20.30
N TYR B 156 39.81 -34.86 19.34
CA TYR B 156 40.19 -35.05 17.95
C TYR B 156 40.04 -33.69 17.30
N ARG B 157 40.84 -33.45 16.27
CA ARG B 157 40.81 -32.17 15.57
C ARG B 157 39.50 -31.93 14.80
N VAL B 158 39.02 -30.70 14.89
CA VAL B 158 37.78 -30.30 14.21
C VAL B 158 38.02 -29.08 13.31
N ALA B 159 36.98 -28.71 12.55
CA ALA B 159 37.06 -27.58 11.63
C ALA B 159 38.20 -27.81 10.66
N SER B 160 38.86 -26.72 10.26
CA SER B 160 39.98 -26.79 9.31
C SER B 160 41.14 -27.66 9.76
N TRP B 161 41.46 -27.61 11.04
CA TRP B 161 42.56 -28.40 11.58
C TRP B 161 42.33 -29.89 11.38
N GLY B 162 41.09 -30.33 11.56
CA GLY B 162 40.82 -31.75 11.40
C GLY B 162 40.11 -32.19 10.14
N PHE B 163 39.50 -31.25 9.41
CA PHE B 163 38.78 -31.63 8.22
C PHE B 163 38.95 -30.72 7.01
N LEU B 164 40.18 -30.25 6.82
CA LEU B 164 40.48 -29.41 5.68
C LEU B 164 40.42 -30.36 4.48
N ALA B 165 39.90 -29.87 3.35
CA ALA B 165 39.78 -30.69 2.15
C ALA B 165 40.37 -29.98 0.93
N GLY B 166 39.84 -30.28 -0.25
CA GLY B 166 40.35 -29.66 -1.46
C GLY B 166 41.27 -30.62 -2.21
N PRO B 167 41.81 -30.20 -3.36
CA PRO B 167 42.70 -31.02 -4.18
C PRO B 167 44.09 -31.32 -3.60
N ASP B 168 44.69 -30.33 -2.93
CA ASP B 168 46.01 -30.51 -2.35
C ASP B 168 45.99 -31.54 -1.24
N ILE B 169 45.04 -31.41 -0.32
CA ILE B 169 44.89 -32.35 0.78
C ILE B 169 44.66 -33.76 0.20
N GLN B 170 43.78 -33.83 -0.80
CA GLN B 170 43.45 -35.10 -1.43
C GLN B 170 44.65 -35.79 -2.06
N ASN B 171 45.37 -35.07 -2.91
CA ASN B 171 46.55 -35.62 -3.59
C ASN B 171 47.62 -36.08 -2.60
N GLU B 172 47.62 -35.48 -1.40
CA GLU B 172 48.58 -35.83 -0.37
C GLU B 172 48.02 -37.00 0.45
N GLY B 173 46.73 -37.27 0.28
CA GLY B 173 46.10 -38.35 1.02
C GLY B 173 45.88 -37.99 2.48
N SER B 174 45.66 -36.71 2.78
CA SER B 174 45.45 -36.26 4.15
C SER B 174 44.01 -35.93 4.54
N GLY B 175 43.04 -36.42 3.77
CA GLY B 175 41.66 -36.14 4.11
C GLY B 175 41.23 -36.71 5.46
N ASN B 176 40.25 -36.06 6.08
CA ASN B 176 39.70 -36.50 7.35
C ASN B 176 40.69 -36.67 8.51
N ALA B 177 41.57 -35.69 8.70
CA ALA B 177 42.53 -35.78 9.79
C ALA B 177 41.89 -36.11 11.14
N GLY B 178 40.75 -35.47 11.43
CA GLY B 178 40.08 -35.71 12.69
C GLY B 178 39.61 -37.15 12.89
N LEU B 179 39.28 -37.83 11.81
CA LEU B 179 38.85 -39.21 11.93
C LEU B 179 40.06 -40.09 12.21
N HIS B 180 41.20 -39.72 11.63
CA HIS B 180 42.44 -40.47 11.85
C HIS B 180 42.77 -40.35 13.34
N ASP B 181 42.56 -39.17 13.90
CA ASP B 181 42.82 -38.95 15.33
C ASP B 181 42.02 -39.93 16.19
N GLN B 182 40.74 -40.10 15.87
CA GLN B 182 39.89 -41.00 16.64
C GLN B 182 40.38 -42.44 16.46
N ARG B 183 40.84 -42.76 15.25
CA ARG B 183 41.32 -44.11 14.96
C ARG B 183 42.61 -44.40 15.73
N LEU B 184 43.45 -43.38 15.92
CA LEU B 184 44.68 -43.57 16.66
C LEU B 184 44.35 -43.82 18.14
N ALA B 185 43.38 -43.09 18.66
CA ALA B 185 42.98 -43.25 20.05
C ALA B 185 42.43 -44.67 20.27
N MET B 186 41.67 -45.16 19.29
CA MET B 186 41.10 -46.50 19.38
C MET B 186 42.21 -47.55 19.45
N GLN B 187 43.31 -47.28 18.74
CA GLN B 187 44.46 -48.17 18.73
C GLN B 187 45.18 -48.05 20.07
N TRP B 188 45.22 -46.84 20.61
CA TRP B 188 45.87 -46.60 21.90
C TRP B 188 45.14 -47.42 22.95
N VAL B 189 43.81 -47.40 22.89
CA VAL B 189 42.98 -48.16 23.83
C VAL B 189 43.29 -49.64 23.73
N ALA B 190 43.38 -50.16 22.50
CA ALA B 190 43.69 -51.57 22.28
C ALA B 190 45.01 -51.97 22.94
N ASP B 191 46.02 -51.13 22.80
CA ASP B 191 47.34 -51.42 23.37
C ASP B 191 47.50 -51.10 24.85
N ASN B 192 46.74 -50.12 25.34
CA ASN B 192 46.88 -49.69 26.73
C ASN B 192 45.77 -49.85 27.75
N ILE B 193 44.53 -50.09 27.33
CA ILE B 193 43.43 -50.17 28.29
C ILE B 193 43.51 -51.27 29.35
N ALA B 194 44.21 -52.36 29.05
CA ALA B 194 44.33 -53.45 30.00
C ALA B 194 44.85 -53.01 31.37
N GLY B 195 45.93 -52.23 31.37
CA GLY B 195 46.50 -51.77 32.62
C GLY B 195 45.58 -50.94 33.50
N PHE B 196 44.51 -50.41 32.90
CA PHE B 196 43.55 -49.60 33.66
C PHE B 196 42.43 -50.47 34.22
N GLY B 197 42.40 -51.75 33.82
CA GLY B 197 41.38 -52.64 34.31
C GLY B 197 40.34 -52.96 33.26
N GLY B 198 40.62 -52.60 32.02
CA GLY B 198 39.69 -52.87 30.95
C GLY B 198 40.11 -54.03 30.07
N ASP B 199 39.18 -54.52 29.25
CA ASP B 199 39.43 -55.62 28.32
C ASP B 199 39.33 -55.08 26.89
N PRO B 200 40.47 -54.90 26.21
CA PRO B 200 40.46 -54.38 24.85
C PRO B 200 39.64 -55.22 23.86
N SER B 201 39.26 -56.43 24.26
CA SER B 201 38.46 -57.27 23.37
C SER B 201 36.96 -57.01 23.56
N LYS B 202 36.63 -56.15 24.52
CA LYS B 202 35.23 -55.84 24.78
C LYS B 202 34.95 -54.35 24.68
N VAL B 203 35.41 -53.74 23.59
CA VAL B 203 35.21 -52.32 23.39
C VAL B 203 33.98 -52.02 22.55
N THR B 204 33.17 -51.10 23.05
CA THR B 204 32.00 -50.65 22.32
C THR B 204 32.25 -49.18 22.06
N ILE B 205 32.18 -48.77 20.81
CA ILE B 205 32.37 -47.37 20.46
C ILE B 205 31.00 -46.71 20.35
N TYR B 206 30.91 -45.47 20.84
CA TYR B 206 29.66 -44.73 20.79
C TYR B 206 29.89 -43.23 20.79
N GLY B 207 29.02 -42.53 20.08
CA GLY B 207 29.10 -41.08 19.98
C GLY B 207 27.72 -40.51 19.68
N GLU B 208 27.59 -39.20 19.85
CA GLU B 208 26.33 -38.52 19.60
C GLU B 208 26.57 -37.47 18.52
N SER B 209 25.58 -37.29 17.64
CA SER B 209 25.66 -36.34 16.53
C SER B 209 26.90 -36.57 15.67
N ALA B 210 27.82 -35.59 15.64
CA ALA B 210 29.02 -35.76 14.84
C ALA B 210 29.78 -37.01 15.31
N GLY B 211 29.67 -37.32 16.60
CA GLY B 211 30.35 -38.49 17.12
C GLY B 211 29.64 -39.78 16.71
N SER B 212 28.35 -39.66 16.40
CA SER B 212 27.56 -40.81 15.99
C SER B 212 27.94 -41.14 14.55
N MET B 213 28.02 -40.10 13.73
CA MET B 213 28.42 -40.26 12.33
C MET B 213 29.86 -40.82 12.31
N SER B 214 30.71 -40.34 13.22
CA SER B 214 32.09 -40.83 13.29
C SER B 214 32.09 -42.32 13.61
N THR B 215 31.26 -42.71 14.57
CA THR B 215 31.16 -44.13 14.96
C THR B 215 30.80 -44.94 13.71
N PHE B 216 29.82 -44.47 12.94
CA PHE B 216 29.45 -45.16 11.70
C PHE B 216 30.66 -45.24 10.76
N VAL B 217 31.38 -44.13 10.62
CA VAL B 217 32.55 -44.12 9.75
C VAL B 217 33.53 -45.20 10.19
N HIS B 218 33.63 -45.43 11.48
CA HIS B 218 34.55 -46.45 11.97
C HIS B 218 34.14 -47.86 11.52
N LEU B 219 32.87 -48.01 11.13
CA LEU B 219 32.37 -49.30 10.66
C LEU B 219 32.82 -49.53 9.21
N VAL B 220 32.77 -48.48 8.40
CA VAL B 220 33.16 -48.60 7.00
C VAL B 220 34.62 -48.21 6.75
N TRP B 221 35.34 -47.84 7.80
CA TRP B 221 36.74 -47.44 7.68
C TRP B 221 37.55 -48.61 7.07
N ASN B 222 38.36 -48.29 6.06
CA ASN B 222 39.15 -49.31 5.36
C ASN B 222 38.25 -50.42 4.84
N ASP B 223 37.09 -50.01 4.33
CA ASP B 223 36.09 -50.92 3.77
C ASP B 223 35.59 -52.01 4.71
N GLY B 224 35.60 -51.74 6.02
CA GLY B 224 35.10 -52.72 6.96
C GLY B 224 36.15 -53.48 7.75
N ASP B 225 37.41 -53.30 7.40
CA ASP B 225 38.49 -53.97 8.12
C ASP B 225 38.84 -53.16 9.35
N ASN B 226 38.38 -53.58 10.52
CA ASN B 226 38.66 -52.84 11.74
C ASN B 226 39.71 -53.56 12.59
N THR B 227 40.46 -54.46 11.97
CA THR B 227 41.50 -55.20 12.68
C THR B 227 42.79 -54.39 12.82
N TYR B 228 43.41 -54.52 13.98
CA TYR B 228 44.64 -53.83 14.31
C TYR B 228 45.42 -54.84 15.12
N ASN B 229 46.67 -55.10 14.75
CA ASN B 229 47.46 -56.09 15.46
C ASN B 229 46.71 -57.42 15.51
N GLY B 230 46.10 -57.78 14.38
CA GLY B 230 45.37 -59.03 14.29
C GLY B 230 44.12 -59.17 15.13
N LYS B 231 43.56 -58.06 15.59
CA LYS B 231 42.36 -58.10 16.41
C LYS B 231 41.43 -56.93 16.12
N PRO B 232 40.11 -57.15 16.23
CA PRO B 232 39.13 -56.07 15.97
C PRO B 232 39.30 -54.95 16.99
N LEU B 233 39.25 -53.70 16.52
CA LEU B 233 39.39 -52.55 17.40
C LEU B 233 38.18 -52.36 18.32
N PHE B 234 37.06 -52.97 17.93
CA PHE B 234 35.83 -52.90 18.72
C PHE B 234 34.91 -54.07 18.35
N ARG B 235 34.00 -54.43 19.25
CA ARG B 235 33.07 -55.54 19.03
C ARG B 235 31.62 -55.10 18.85
N ALA B 236 31.33 -53.83 19.13
CA ALA B 236 29.99 -53.32 19.02
C ALA B 236 30.01 -51.80 18.82
N ALA B 237 28.88 -51.24 18.42
CA ALA B 237 28.80 -49.81 18.19
C ALA B 237 27.43 -49.24 18.53
N ILE B 238 27.43 -48.02 19.08
CA ILE B 238 26.20 -47.34 19.44
C ILE B 238 26.18 -45.96 18.79
N MET B 239 25.13 -45.68 18.03
CA MET B 239 25.02 -44.41 17.32
C MET B 239 23.83 -43.55 17.77
N GLN B 240 24.13 -42.52 18.55
CA GLN B 240 23.10 -41.60 19.04
C GLN B 240 22.94 -40.44 18.06
N SER B 241 21.97 -40.56 17.17
CA SER B 241 21.68 -39.53 16.16
C SER B 241 22.75 -39.36 15.07
N GLY B 242 22.66 -40.17 14.01
CA GLY B 242 23.62 -40.04 12.93
C GLY B 242 24.39 -41.27 12.46
N CYS B 243 24.60 -41.35 11.15
CA CYS B 243 25.38 -42.43 10.54
C CYS B 243 26.09 -41.91 9.28
N MET B 244 25.62 -42.28 8.09
CA MET B 244 26.27 -41.82 6.86
C MET B 244 26.35 -40.31 6.76
N VAL B 245 27.50 -39.80 6.31
CA VAL B 245 27.66 -38.37 6.11
C VAL B 245 27.31 -38.21 4.62
N PRO B 246 26.33 -37.36 4.30
CA PRO B 246 25.93 -37.14 2.91
C PRO B 246 26.85 -36.13 2.24
N SER B 247 28.08 -36.54 2.00
CA SER B 247 29.08 -35.64 1.43
C SER B 247 29.81 -36.14 0.19
N ASP B 248 30.17 -35.18 -0.67
CA ASP B 248 30.94 -35.47 -1.87
C ASP B 248 32.36 -35.73 -1.38
N PRO B 249 33.22 -36.27 -2.26
CA PRO B 249 34.60 -36.55 -1.87
C PRO B 249 35.42 -35.33 -1.44
N VAL B 250 36.56 -35.58 -0.82
CA VAL B 250 37.45 -34.53 -0.33
C VAL B 250 37.71 -33.43 -1.34
N ASP B 251 38.04 -33.80 -2.57
CA ASP B 251 38.36 -32.81 -3.60
C ASP B 251 37.15 -32.34 -4.40
N GLY B 252 35.96 -32.50 -3.84
CA GLY B 252 34.75 -32.07 -4.52
C GLY B 252 34.56 -30.57 -4.52
N THR B 253 33.42 -30.12 -5.03
CA THR B 253 33.11 -28.69 -5.12
C THR B 253 33.18 -27.86 -3.84
N TYR B 254 32.43 -28.24 -2.80
CA TYR B 254 32.45 -27.44 -1.60
C TYR B 254 33.73 -27.60 -0.78
N GLY B 255 34.28 -28.80 -0.75
CA GLY B 255 35.51 -29.02 -0.03
C GLY B 255 36.58 -28.09 -0.58
N THR B 256 36.66 -28.02 -1.91
CA THR B 256 37.65 -27.18 -2.58
C THR B 256 37.35 -25.70 -2.36
N GLU B 257 36.06 -25.33 -2.40
CA GLU B 257 35.64 -23.96 -2.19
C GLU B 257 36.07 -23.45 -0.81
N ILE B 258 35.82 -24.26 0.21
CA ILE B 258 36.20 -23.88 1.57
C ILE B 258 37.73 -23.82 1.67
N TYR B 259 38.42 -24.75 1.02
CA TYR B 259 39.88 -24.77 1.03
C TYR B 259 40.45 -23.50 0.40
N ASN B 260 39.98 -23.16 -0.80
CA ASN B 260 40.44 -21.96 -1.48
C ASN B 260 40.14 -20.70 -0.65
N GLN B 261 39.05 -20.75 0.10
CA GLN B 261 38.66 -19.62 0.94
C GLN B 261 39.63 -19.44 2.11
N VAL B 262 40.03 -20.56 2.73
CA VAL B 262 40.96 -20.51 3.86
C VAL B 262 42.33 -20.06 3.38
N VAL B 263 42.76 -20.60 2.23
CA VAL B 263 44.05 -20.26 1.65
C VAL B 263 44.11 -18.76 1.33
N ALA B 264 43.04 -18.24 0.72
CA ALA B 264 43.00 -16.83 0.37
C ALA B 264 43.06 -15.94 1.61
N SER B 265 42.24 -16.25 2.61
CA SER B 265 42.21 -15.47 3.84
C SER B 265 43.49 -15.54 4.68
N ALA B 266 44.26 -16.62 4.50
CA ALA B 266 45.50 -16.78 5.25
C ALA B 266 46.67 -16.05 4.60
N GLY B 267 46.45 -15.55 3.38
CA GLY B 267 47.51 -14.85 2.68
C GLY B 267 48.40 -15.82 1.91
N CYS B 268 47.87 -17.00 1.66
CA CYS B 268 48.60 -18.05 0.95
C CYS B 268 48.13 -18.20 -0.48
N GLY B 269 47.31 -17.26 -0.94
CA GLY B 269 46.77 -17.32 -2.29
C GLY B 269 47.78 -17.45 -3.44
N SER B 270 48.95 -16.84 -3.29
CA SER B 270 49.97 -16.89 -4.33
C SER B 270 51.07 -17.92 -4.07
N ALA B 271 51.01 -18.59 -2.93
CA ALA B 271 52.01 -19.58 -2.59
C ALA B 271 52.20 -20.65 -3.65
N SER B 272 53.43 -21.15 -3.75
CA SER B 272 53.77 -22.19 -4.72
C SER B 272 53.17 -23.48 -4.16
N ASP B 273 53.42 -23.72 -2.88
CA ASP B 273 52.90 -24.88 -2.19
C ASP B 273 51.95 -24.36 -1.12
N LYS B 274 50.69 -24.22 -1.48
CA LYS B 274 49.67 -23.71 -0.56
C LYS B 274 49.65 -24.45 0.76
N LEU B 275 49.73 -25.77 0.71
CA LEU B 275 49.72 -26.60 1.91
C LEU B 275 50.90 -26.26 2.81
N ALA B 276 52.06 -26.06 2.20
CA ALA B 276 53.26 -25.72 2.97
C ALA B 276 53.10 -24.33 3.58
N CYS B 277 52.44 -23.44 2.84
CA CYS B 277 52.22 -22.09 3.33
C CYS B 277 51.30 -22.11 4.55
N LEU B 278 50.25 -22.93 4.49
CA LEU B 278 49.31 -23.03 5.61
C LEU B 278 50.01 -23.64 6.82
N ARG B 279 50.88 -24.61 6.57
CA ARG B 279 51.59 -25.27 7.65
C ARG B 279 52.60 -24.34 8.31
N GLY B 280 53.07 -23.34 7.56
CA GLY B 280 54.02 -22.41 8.11
C GLY B 280 53.38 -21.17 8.71
N LEU B 281 52.05 -21.13 8.72
CA LEU B 281 51.31 -20.01 9.26
C LEU B 281 51.33 -19.94 10.79
N SER B 282 51.20 -18.73 11.31
CA SER B 282 51.16 -18.53 12.74
C SER B 282 49.80 -19.10 13.16
N GLN B 283 49.71 -19.55 14.41
CA GLN B 283 48.48 -20.13 14.94
C GLN B 283 47.29 -19.17 14.72
N ASP B 284 47.50 -17.90 15.05
CA ASP B 284 46.46 -16.87 14.93
C ASP B 284 45.89 -16.71 13.52
N THR B 285 46.77 -16.59 12.53
CA THR B 285 46.33 -16.42 11.16
C THR B 285 45.48 -17.59 10.68
N LEU B 286 45.89 -18.82 11.02
CA LEU B 286 45.13 -19.98 10.60
C LEU B 286 43.75 -19.96 11.24
N TYR B 287 43.70 -19.50 12.49
CA TYR B 287 42.43 -19.41 13.18
C TYR B 287 41.51 -18.39 12.52
N GLN B 288 42.03 -17.21 12.24
CA GLN B 288 41.24 -16.16 11.61
C GLN B 288 40.70 -16.61 10.26
N ALA B 289 41.58 -17.20 9.45
CA ALA B 289 41.19 -17.68 8.13
C ALA B 289 39.99 -18.63 8.23
N THR B 290 40.04 -19.48 9.26
CA THR B 290 38.97 -20.46 9.51
C THR B 290 37.69 -19.79 9.98
N SER B 291 37.81 -18.73 10.76
CA SER B 291 36.64 -18.02 11.25
C SER B 291 35.91 -17.30 10.10
N ASP B 292 36.57 -17.19 8.95
CA ASP B 292 35.98 -16.53 7.78
C ASP B 292 35.14 -17.49 6.94
N THR B 293 34.99 -18.73 7.42
CA THR B 293 34.15 -19.70 6.71
C THR B 293 32.92 -19.85 7.59
N PRO B 294 31.79 -20.32 7.02
CA PRO B 294 30.56 -20.49 7.80
C PRO B 294 30.60 -21.53 8.91
N GLY B 295 30.00 -21.18 10.04
CA GLY B 295 29.93 -22.10 11.17
C GLY B 295 28.65 -22.92 11.08
N VAL B 296 28.55 -23.96 11.88
CA VAL B 296 27.40 -24.87 11.88
C VAL B 296 26.03 -24.23 12.11
N LEU B 297 25.95 -23.23 13.00
CA LEU B 297 24.68 -22.59 13.27
C LEU B 297 24.39 -21.37 12.40
N ALA B 298 25.32 -21.04 11.51
CA ALA B 298 25.14 -19.92 10.58
C ALA B 298 24.15 -20.37 9.51
N TYR B 299 23.78 -19.47 8.61
CA TYR B 299 22.80 -19.75 7.56
C TYR B 299 22.95 -21.07 6.76
N PRO B 300 24.16 -21.39 6.26
CA PRO B 300 24.31 -22.64 5.50
C PRO B 300 23.94 -23.88 6.31
N SER B 301 23.81 -23.71 7.61
CA SER B 301 23.40 -24.78 8.50
C SER B 301 24.13 -26.11 8.29
N LEU B 302 23.38 -27.18 8.03
CA LEU B 302 23.98 -28.51 7.85
C LEU B 302 24.88 -28.68 6.63
N ARG B 303 24.97 -27.65 5.78
CA ARG B 303 25.88 -27.74 4.64
C ARG B 303 27.20 -27.30 5.28
N LEU B 304 27.74 -28.15 6.14
CA LEU B 304 28.97 -27.88 6.89
C LEU B 304 30.23 -27.52 6.11
N SER B 305 30.98 -26.57 6.67
CA SER B 305 32.24 -26.13 6.06
C SER B 305 33.32 -27.19 6.27
N TYR B 306 33.14 -28.04 7.27
CA TYR B 306 34.09 -29.10 7.61
C TYR B 306 33.35 -30.34 8.10
N LEU B 307 33.60 -31.47 7.44
CA LEU B 307 32.97 -32.72 7.82
C LEU B 307 33.66 -33.86 7.05
N PRO B 308 33.49 -35.11 7.51
CA PRO B 308 34.11 -36.27 6.85
C PRO B 308 33.72 -36.38 5.38
N ARG B 309 34.69 -36.73 4.54
CA ARG B 309 34.43 -36.88 3.11
C ARG B 309 35.15 -38.08 2.52
N PRO B 310 34.53 -38.77 1.55
CA PRO B 310 35.19 -39.95 0.94
C PRO B 310 36.57 -39.55 0.42
N ASP B 311 37.59 -40.30 0.80
CA ASP B 311 38.95 -40.00 0.37
C ASP B 311 39.54 -41.05 -0.57
N GLY B 312 38.82 -42.15 -0.75
CA GLY B 312 39.29 -43.20 -1.64
C GLY B 312 40.16 -44.28 -1.03
N THR B 313 40.70 -44.02 0.17
CA THR B 313 41.55 -45.00 0.83
C THR B 313 40.98 -45.45 2.17
N PHE B 314 40.71 -44.51 3.05
CA PHE B 314 40.18 -44.86 4.37
C PHE B 314 38.65 -44.87 4.32
N ILE B 315 38.07 -43.86 3.67
CA ILE B 315 36.63 -43.81 3.44
C ILE B 315 36.67 -43.90 1.91
N THR B 316 36.73 -45.11 1.40
CA THR B 316 36.86 -45.35 -0.03
C THR B 316 35.78 -44.86 -0.97
N ASP B 317 34.60 -44.54 -0.47
CA ASP B 317 33.56 -44.12 -1.40
C ASP B 317 32.33 -43.50 -0.75
N ASP B 318 31.46 -43.00 -1.62
CA ASP B 318 30.17 -42.44 -1.24
C ASP B 318 29.68 -43.35 -0.10
N MET B 319 29.53 -42.77 1.09
CA MET B 319 29.12 -43.55 2.25
C MET B 319 27.81 -44.33 2.15
N TYR B 320 26.87 -43.86 1.32
CA TYR B 320 25.63 -44.60 1.17
C TYR B 320 25.90 -45.89 0.36
N ALA B 321 26.83 -45.79 -0.58
CA ALA B 321 27.21 -46.93 -1.41
C ALA B 321 27.98 -47.96 -0.59
N LEU B 322 28.79 -47.47 0.35
CA LEU B 322 29.58 -48.36 1.20
C LEU B 322 28.67 -49.30 1.98
N VAL B 323 27.57 -48.76 2.52
CA VAL B 323 26.65 -49.59 3.28
C VAL B 323 25.91 -50.51 2.32
N ARG B 324 25.56 -50.01 1.14
CA ARG B 324 24.87 -50.83 0.14
C ARG B 324 25.77 -51.99 -0.28
N ASP B 325 27.06 -51.68 -0.49
CA ASP B 325 28.02 -52.67 -0.94
C ASP B 325 28.66 -53.55 0.15
N GLY B 326 28.12 -53.48 1.36
CA GLY B 326 28.64 -54.29 2.45
C GLY B 326 30.06 -54.02 2.90
N LYS B 327 30.59 -52.84 2.61
CA LYS B 327 31.96 -52.54 3.01
C LYS B 327 32.06 -52.02 4.45
N TYR B 328 31.64 -52.86 5.39
CA TYR B 328 31.67 -52.51 6.81
C TYR B 328 32.07 -53.68 7.71
N ALA B 329 32.41 -53.37 8.95
CA ALA B 329 32.78 -54.37 9.94
C ALA B 329 31.50 -55.08 10.36
N HIS B 330 31.63 -56.34 10.77
CA HIS B 330 30.51 -57.16 11.20
C HIS B 330 30.35 -57.20 12.71
N VAL B 331 29.60 -56.23 13.24
CA VAL B 331 29.36 -56.14 14.67
C VAL B 331 27.91 -55.76 14.91
N PRO B 332 27.36 -56.14 16.06
CA PRO B 332 25.97 -55.80 16.39
C PRO B 332 25.97 -54.30 16.69
N VAL B 333 24.86 -53.63 16.44
CA VAL B 333 24.81 -52.20 16.69
C VAL B 333 23.48 -51.69 17.20
N ILE B 334 23.53 -50.48 17.76
CA ILE B 334 22.35 -49.78 18.23
C ILE B 334 22.47 -48.42 17.57
N ILE B 335 21.38 -47.94 17.00
CA ILE B 335 21.37 -46.63 16.36
C ILE B 335 19.97 -46.06 16.56
N GLY B 336 19.90 -44.84 17.07
CA GLY B 336 18.61 -44.23 17.30
C GLY B 336 18.60 -42.75 17.00
N ASP B 337 17.46 -42.11 17.27
CA ASP B 337 17.30 -40.69 17.01
C ASP B 337 16.38 -40.04 18.02
N GLN B 338 16.40 -38.72 18.03
CA GLN B 338 15.50 -37.95 18.88
C GLN B 338 14.40 -37.61 17.87
N ASN B 339 13.16 -37.61 18.31
CA ASN B 339 12.03 -37.35 17.41
C ASN B 339 12.19 -36.11 16.53
N ASP B 340 12.70 -35.03 17.09
CA ASP B 340 12.84 -33.78 16.35
C ASP B 340 14.29 -33.30 16.18
N GLU B 341 15.06 -34.06 15.41
CA GLU B 341 16.48 -33.75 15.17
C GLU B 341 16.74 -32.38 14.52
N GLY B 342 15.90 -31.97 13.58
CA GLY B 342 16.13 -30.71 12.88
C GLY B 342 15.77 -29.36 13.47
N THR B 343 14.95 -29.32 14.52
CA THR B 343 14.54 -28.04 15.09
C THR B 343 15.66 -27.07 15.46
N LEU B 344 16.73 -27.58 16.06
CA LEU B 344 17.84 -26.72 16.46
C LEU B 344 18.43 -26.03 15.23
N PHE B 345 18.57 -26.79 14.15
CA PHE B 345 19.14 -26.31 12.90
C PHE B 345 18.19 -25.42 12.09
N GLY B 346 16.89 -25.63 12.26
CA GLY B 346 15.94 -24.81 11.55
C GLY B 346 16.01 -23.36 12.00
N LEU B 347 16.49 -23.16 13.23
CA LEU B 347 16.60 -21.82 13.80
C LEU B 347 17.61 -20.93 13.08
N SER B 348 18.34 -21.49 12.12
CA SER B 348 19.35 -20.73 11.39
C SER B 348 18.83 -20.07 10.11
N SER B 349 17.59 -20.38 9.74
CA SER B 349 17.02 -19.84 8.51
C SER B 349 15.60 -19.32 8.71
N LEU B 350 15.40 -18.59 9.80
CA LEU B 350 14.10 -18.06 10.13
C LEU B 350 13.65 -16.91 9.23
N ASN B 351 14.53 -16.51 8.31
CA ASN B 351 14.24 -15.44 7.37
C ASN B 351 13.58 -16.07 6.12
N VAL B 352 13.57 -17.40 6.07
CA VAL B 352 12.95 -18.13 4.97
C VAL B 352 11.50 -18.33 5.39
N THR B 353 10.60 -17.59 4.75
CA THR B 353 9.20 -17.68 5.14
C THR B 353 8.23 -18.13 4.05
N THR B 354 8.64 -18.08 2.78
CA THR B 354 7.73 -18.50 1.73
C THR B 354 8.20 -19.79 1.04
N ASP B 355 7.31 -20.39 0.26
CA ASP B 355 7.64 -21.61 -0.48
C ASP B 355 8.77 -21.37 -1.46
N ALA B 356 8.73 -20.21 -2.13
CA ALA B 356 9.78 -19.87 -3.09
C ALA B 356 11.11 -19.67 -2.38
N GLN B 357 11.10 -19.04 -1.21
CA GLN B 357 12.33 -18.83 -0.46
C GLN B 357 12.88 -20.17 0.03
N ALA B 358 11.98 -21.08 0.41
CA ALA B 358 12.40 -22.40 0.89
C ALA B 358 13.06 -23.18 -0.26
N ARG B 359 12.45 -23.14 -1.43
CA ARG B 359 13.00 -23.84 -2.59
C ARG B 359 14.43 -23.36 -2.88
N ALA B 360 14.62 -22.04 -2.85
CA ALA B 360 15.93 -21.44 -3.13
C ALA B 360 16.96 -21.90 -2.10
N TYR B 361 16.51 -21.95 -0.85
CA TYR B 361 17.37 -22.38 0.25
C TYR B 361 17.77 -23.84 0.06
N PHE B 362 16.81 -24.66 -0.38
CA PHE B 362 17.10 -26.08 -0.61
C PHE B 362 18.05 -26.24 -1.79
N LYS B 363 17.82 -25.48 -2.85
CA LYS B 363 18.68 -25.58 -4.03
C LYS B 363 20.12 -25.16 -3.73
N GLN B 364 20.29 -24.11 -2.94
CA GLN B 364 21.64 -23.66 -2.62
C GLN B 364 22.30 -24.60 -1.60
N SER B 365 21.49 -25.39 -0.91
CA SER B 365 22.01 -26.35 0.08
C SER B 365 22.41 -27.65 -0.64
N PHE B 366 21.58 -28.05 -1.60
CA PHE B 366 21.80 -29.28 -2.36
C PHE B 366 22.11 -28.95 -3.80
N ILE B 367 23.38 -28.60 -4.05
CA ILE B 367 23.85 -28.22 -5.37
C ILE B 367 23.70 -29.28 -6.44
N HIS B 368 23.52 -30.54 -6.05
CA HIS B 368 23.37 -31.63 -7.02
C HIS B 368 21.92 -32.01 -7.33
N ALA B 369 20.98 -31.32 -6.73
CA ALA B 369 19.56 -31.63 -6.96
C ALA B 369 18.94 -30.90 -8.15
N SER B 370 18.31 -31.67 -9.03
CA SER B 370 17.66 -31.08 -10.21
C SER B 370 16.34 -30.49 -9.74
N ASP B 371 15.70 -29.70 -10.61
CA ASP B 371 14.42 -29.10 -10.26
C ASP B 371 13.37 -30.17 -10.03
N ALA B 372 13.45 -31.26 -10.79
CA ALA B 372 12.50 -32.36 -10.65
C ALA B 372 12.68 -32.99 -9.25
N GLU B 373 13.92 -33.09 -8.80
CA GLU B 373 14.18 -33.67 -7.49
C GLU B 373 13.78 -32.71 -6.37
N ILE B 374 13.91 -31.41 -6.61
CA ILE B 374 13.52 -30.43 -5.60
C ILE B 374 11.99 -30.43 -5.54
N ASP B 375 11.34 -30.64 -6.68
CA ASP B 375 9.88 -30.69 -6.73
C ASP B 375 9.40 -31.85 -5.85
N THR B 376 9.98 -33.03 -6.08
CA THR B 376 9.62 -34.23 -5.32
C THR B 376 9.87 -34.03 -3.82
N LEU B 377 10.98 -33.39 -3.49
CA LEU B 377 11.31 -33.12 -2.11
C LEU B 377 10.25 -32.22 -1.46
N MET B 378 9.90 -31.14 -2.15
CA MET B 378 8.90 -30.21 -1.61
C MET B 378 7.47 -30.76 -1.65
N ALA B 379 7.28 -31.93 -2.26
CA ALA B 379 5.97 -32.56 -2.29
C ALA B 379 5.92 -33.53 -1.11
N ALA B 380 7.08 -33.98 -0.67
CA ALA B 380 7.19 -34.90 0.47
C ALA B 380 7.17 -34.06 1.75
N TYR B 381 7.84 -32.92 1.72
CA TYR B 381 7.87 -31.98 2.84
C TYR B 381 7.13 -30.73 2.36
N THR B 382 5.83 -30.67 2.67
CA THR B 382 5.00 -29.54 2.26
C THR B 382 5.09 -28.38 3.26
N SER B 383 4.33 -27.32 2.98
CA SER B 383 4.29 -26.14 3.85
C SER B 383 3.26 -26.30 4.96
N ASP B 384 2.47 -27.37 4.90
CA ASP B 384 1.45 -27.63 5.93
C ASP B 384 2.17 -27.71 7.28
N ILE B 385 1.98 -26.72 8.15
CA ILE B 385 2.66 -26.69 9.44
C ILE B 385 2.39 -27.86 10.38
N THR B 386 1.26 -28.56 10.18
CA THR B 386 0.94 -29.69 11.05
C THR B 386 1.81 -30.90 10.75
N GLN B 387 2.37 -30.96 9.54
CA GLN B 387 3.20 -32.11 9.15
C GLN B 387 4.70 -31.92 9.43
N GLY B 388 5.09 -30.73 9.87
CA GLY B 388 6.49 -30.45 10.16
C GLY B 388 6.95 -30.86 11.55
N SER B 389 8.19 -30.51 11.88
CA SER B 389 8.79 -30.85 13.17
C SER B 389 8.94 -29.58 14.03
N PRO B 390 8.64 -29.66 15.35
CA PRO B 390 8.18 -30.77 16.20
C PRO B 390 7.01 -31.55 15.63
N PHE B 391 7.26 -32.82 15.33
CA PHE B 391 6.23 -33.68 14.76
C PHE B 391 5.02 -33.89 15.67
N ASP B 392 3.86 -33.98 15.03
CA ASP B 392 2.58 -34.18 15.72
C ASP B 392 2.24 -33.11 16.75
N THR B 393 2.47 -31.84 16.42
CA THR B 393 2.15 -30.73 17.33
C THR B 393 1.15 -29.78 16.67
N GLY B 394 0.48 -30.27 15.63
CA GLY B 394 -0.53 -29.48 14.93
C GLY B 394 -0.07 -28.10 14.46
N ILE B 395 -0.88 -27.09 14.74
CA ILE B 395 -0.58 -25.72 14.34
C ILE B 395 0.42 -25.02 15.27
N PHE B 396 0.85 -25.71 16.31
CA PHE B 396 1.80 -25.13 17.25
C PHE B 396 3.25 -25.21 16.77
N ASN B 397 4.09 -24.38 17.37
CA ASN B 397 5.53 -24.33 17.07
C ASN B 397 5.92 -23.73 15.72
N ALA B 398 4.94 -23.22 14.98
CA ALA B 398 5.23 -22.63 13.66
C ALA B 398 5.68 -21.19 13.84
N ILE B 399 6.92 -21.00 14.30
CA ILE B 399 7.44 -19.66 14.52
C ILE B 399 7.60 -18.88 13.22
N THR B 400 7.51 -19.59 12.11
CA THR B 400 7.57 -19.01 10.77
C THR B 400 6.77 -20.02 9.95
N PRO B 401 6.39 -19.66 8.71
CA PRO B 401 5.63 -20.60 7.89
C PRO B 401 6.44 -21.79 7.38
N GLN B 402 7.77 -21.68 7.45
CA GLN B 402 8.63 -22.74 6.93
C GLN B 402 9.53 -23.44 7.97
N PHE B 403 9.52 -22.94 9.20
CA PHE B 403 10.36 -23.52 10.26
C PHE B 403 10.22 -25.02 10.53
N LYS B 404 8.98 -25.51 10.65
CA LYS B 404 8.74 -26.92 10.93
C LYS B 404 9.04 -27.83 9.73
N ARG B 405 8.96 -27.25 8.54
CA ARG B 405 9.22 -27.96 7.29
C ARG B 405 10.74 -28.11 7.09
N ILE B 406 11.45 -27.01 7.24
CA ILE B 406 12.90 -26.99 7.08
C ILE B 406 13.53 -27.90 8.13
N SER B 407 13.06 -27.82 9.37
CA SER B 407 13.58 -28.63 10.45
C SER B 407 13.34 -30.12 10.18
N ALA B 408 12.14 -30.45 9.72
CA ALA B 408 11.82 -31.84 9.42
C ALA B 408 12.76 -32.38 8.35
N LEU B 409 12.94 -31.60 7.29
CA LEU B 409 13.79 -32.00 6.17
C LEU B 409 15.25 -32.17 6.59
N LEU B 410 15.79 -31.15 7.25
CA LEU B 410 17.17 -31.16 7.71
C LEU B 410 17.42 -32.32 8.67
N GLY B 411 16.48 -32.53 9.58
CA GLY B 411 16.64 -33.60 10.55
C GLY B 411 16.62 -34.98 9.92
N ASP B 412 15.75 -35.18 8.95
CA ASP B 412 15.64 -36.48 8.29
C ASP B 412 16.83 -36.84 7.43
N LEU B 413 17.29 -35.89 6.63
CA LEU B 413 18.42 -36.14 5.75
C LEU B 413 19.72 -36.41 6.49
N ALA B 414 19.99 -35.62 7.52
CA ALA B 414 21.23 -35.79 8.25
C ALA B 414 21.20 -36.88 9.31
N PHE B 415 20.02 -37.20 9.84
CA PHE B 415 19.94 -38.19 10.91
C PHE B 415 18.88 -39.29 10.84
N THR B 416 17.64 -38.89 11.09
CA THR B 416 16.49 -39.78 11.17
C THR B 416 16.14 -40.73 10.03
N LEU B 417 16.12 -40.25 8.79
CA LEU B 417 15.79 -41.14 7.68
C LEU B 417 17.07 -41.79 7.15
N ALA B 418 18.20 -41.14 7.41
CA ALA B 418 19.48 -41.68 6.98
C ALA B 418 19.66 -42.99 7.75
N ARG B 419 19.25 -42.97 9.03
CA ARG B 419 19.31 -44.12 9.91
C ARG B 419 18.52 -45.31 9.35
N ARG B 420 17.33 -45.04 8.84
CA ARG B 420 16.48 -46.09 8.26
C ARG B 420 17.22 -46.74 7.09
N TYR B 421 17.82 -45.90 6.25
CA TYR B 421 18.57 -46.38 5.10
C TYR B 421 19.70 -47.28 5.58
N PHE B 422 20.43 -46.85 6.60
CA PHE B 422 21.52 -47.63 7.17
C PHE B 422 21.01 -48.98 7.65
N LEU B 423 19.91 -48.96 8.38
CA LEU B 423 19.30 -50.18 8.92
C LEU B 423 18.79 -51.15 7.85
N ASN B 424 18.25 -50.62 6.76
CA ASN B 424 17.74 -51.47 5.70
C ASN B 424 18.84 -52.22 4.94
N TYR B 425 20.03 -51.65 4.88
CA TYR B 425 21.14 -52.28 4.16
C TYR B 425 22.19 -52.98 5.02
N TYR B 426 22.44 -52.46 6.21
CA TYR B 426 23.45 -53.04 7.08
C TYR B 426 23.13 -54.46 7.50
N GLN B 427 24.06 -55.37 7.26
CA GLN B 427 23.88 -56.77 7.63
C GLN B 427 25.11 -57.25 8.38
N GLY B 428 25.84 -56.30 8.98
CA GLY B 428 27.05 -56.65 9.72
C GLY B 428 26.81 -57.43 11.00
N GLY B 429 25.63 -57.24 11.59
CA GLY B 429 25.30 -57.94 12.81
C GLY B 429 23.89 -57.61 13.26
N THR B 430 23.54 -58.03 14.48
CA THR B 430 22.20 -57.77 15.01
C THR B 430 22.00 -56.26 15.16
N LYS B 431 20.81 -55.78 14.80
CA LYS B 431 20.54 -54.35 14.90
C LYS B 431 19.44 -53.98 15.88
N TYR B 432 19.63 -52.84 16.54
CA TYR B 432 18.66 -52.32 17.49
C TYR B 432 18.49 -50.85 17.17
N SER B 433 17.26 -50.35 17.24
CA SER B 433 17.02 -48.94 16.95
C SER B 433 16.01 -48.35 17.94
N PHE B 434 16.19 -47.07 18.24
CA PHE B 434 15.29 -46.39 19.16
C PHE B 434 14.88 -45.02 18.62
N LEU B 435 13.71 -44.56 19.04
CA LEU B 435 13.19 -43.26 18.64
C LEU B 435 12.60 -42.62 19.88
N SER B 436 13.26 -41.58 20.38
CA SER B 436 12.83 -40.89 21.57
C SER B 436 11.84 -39.77 21.33
N LYS B 437 10.79 -39.73 22.16
CA LYS B 437 9.76 -38.70 22.11
C LYS B 437 9.59 -38.20 23.56
N GLN B 438 10.67 -38.34 24.31
CA GLN B 438 10.70 -37.97 25.72
C GLN B 438 10.29 -36.53 26.05
N LEU B 439 10.62 -35.59 25.17
CA LEU B 439 10.29 -34.19 25.41
C LEU B 439 9.08 -33.65 24.64
N SER B 440 8.18 -34.53 24.23
CA SER B 440 6.99 -34.10 23.50
C SER B 440 6.31 -32.95 24.25
N GLY B 441 5.95 -31.90 23.52
CA GLY B 441 5.31 -30.77 24.16
C GLY B 441 6.27 -29.62 24.38
N LEU B 442 7.57 -29.90 24.36
CA LEU B 442 8.55 -28.83 24.56
C LEU B 442 8.35 -27.83 23.42
N PRO B 443 8.05 -26.57 23.76
CA PRO B 443 7.84 -25.53 22.75
C PRO B 443 9.01 -25.26 21.81
N VAL B 444 8.67 -25.13 20.53
CA VAL B 444 9.66 -24.85 19.47
C VAL B 444 10.61 -25.97 19.08
N LEU B 445 11.19 -26.66 20.07
CA LEU B 445 12.16 -27.71 19.76
C LEU B 445 11.69 -29.16 19.85
N GLY B 446 10.70 -29.44 20.69
CA GLY B 446 10.23 -30.81 20.84
C GLY B 446 11.37 -31.66 21.39
N THR B 447 11.45 -32.93 20.98
CA THR B 447 12.53 -33.81 21.43
C THR B 447 13.71 -33.53 20.51
N PHE B 448 14.43 -32.47 20.85
CA PHE B 448 15.55 -31.98 20.07
C PHE B 448 16.86 -32.73 20.06
N HIS B 449 17.65 -32.40 19.06
CA HIS B 449 18.98 -32.95 18.83
C HIS B 449 19.90 -32.67 20.00
N GLY B 450 20.41 -33.73 20.63
CA GLY B 450 21.33 -33.57 21.74
C GLY B 450 20.73 -33.65 23.14
N ASN B 451 19.40 -33.67 23.25
CA ASN B 451 18.76 -33.74 24.55
C ASN B 451 19.09 -35.05 25.26
N ASP B 452 19.44 -36.09 24.49
CA ASP B 452 19.78 -37.37 25.09
C ASP B 452 21.02 -37.22 25.97
N ILE B 453 21.85 -36.23 25.65
CA ILE B 453 23.05 -35.96 26.43
C ILE B 453 22.69 -35.68 27.89
N ILE B 454 21.60 -34.95 28.08
CA ILE B 454 21.13 -34.60 29.41
C ILE B 454 20.82 -35.81 30.28
N TRP B 455 20.00 -36.73 29.75
CA TRP B 455 19.61 -37.92 30.50
C TRP B 455 20.66 -39.01 30.48
N GLN B 456 21.76 -38.78 29.77
CA GLN B 456 22.83 -39.79 29.72
C GLN B 456 24.02 -39.38 30.58
N ASP B 457 24.20 -38.09 30.79
CA ASP B 457 25.34 -37.60 31.57
C ASP B 457 25.05 -36.65 32.73
N TYR B 458 23.87 -36.02 32.74
CA TYR B 458 23.55 -35.06 33.80
C TYR B 458 22.37 -35.38 34.71
N LEU B 459 21.26 -35.82 34.15
CA LEU B 459 20.08 -36.12 34.95
C LEU B 459 19.48 -37.48 34.63
N VAL B 460 18.57 -37.92 35.48
CA VAL B 460 17.88 -39.18 35.29
C VAL B 460 16.48 -38.88 34.77
N GLY B 461 16.11 -39.51 33.66
CA GLY B 461 14.80 -39.29 33.09
C GLY B 461 14.32 -40.60 32.50
N SER B 462 13.10 -40.63 31.98
CA SER B 462 12.58 -41.86 31.41
C SER B 462 13.57 -42.47 30.40
N GLY B 463 14.23 -41.61 29.62
CA GLY B 463 15.19 -42.06 28.63
C GLY B 463 16.50 -42.62 29.18
N SER B 464 16.87 -42.21 30.39
CA SER B 464 18.09 -42.68 31.04
C SER B 464 18.23 -44.20 31.05
N VAL B 465 17.11 -44.89 31.15
CA VAL B 465 17.08 -46.35 31.17
C VAL B 465 17.60 -46.90 29.84
N ILE B 466 17.55 -46.08 28.80
CA ILE B 466 18.05 -46.49 27.50
C ILE B 466 19.50 -46.02 27.33
N TYR B 467 19.71 -44.71 27.47
CA TYR B 467 21.04 -44.12 27.30
C TYR B 467 22.09 -44.63 28.26
N ASN B 468 21.68 -45.14 29.41
CA ASN B 468 22.62 -45.68 30.38
C ASN B 468 22.44 -47.19 30.47
N ASN B 469 21.40 -47.63 31.16
CA ASN B 469 21.11 -49.06 31.36
C ASN B 469 21.23 -49.94 30.12
N ALA B 470 20.44 -49.63 29.11
CA ALA B 470 20.44 -50.42 27.89
C ALA B 470 21.80 -50.46 27.20
N PHE B 471 22.45 -49.30 27.12
CA PHE B 471 23.75 -49.21 26.48
C PHE B 471 24.82 -49.95 27.29
N ILE B 472 24.69 -49.91 28.61
CA ILE B 472 25.64 -50.60 29.48
C ILE B 472 25.50 -52.12 29.31
N ALA B 473 24.26 -52.58 29.23
CA ALA B 473 23.99 -54.00 29.04
C ALA B 473 24.52 -54.42 27.67
N PHE B 474 24.35 -53.55 26.68
CA PHE B 474 24.82 -53.83 25.32
C PHE B 474 26.35 -53.95 25.33
N ALA B 475 27.02 -53.06 26.06
CA ALA B 475 28.47 -53.07 26.15
C ALA B 475 28.97 -54.34 26.85
N ASN B 476 28.22 -54.78 27.86
CA ASN B 476 28.56 -55.97 28.63
C ASN B 476 28.24 -57.30 27.95
N ASP B 477 26.98 -57.43 27.52
CA ASP B 477 26.51 -58.67 26.92
C ASP B 477 26.12 -58.60 25.46
N LEU B 478 26.32 -57.45 24.82
CA LEU B 478 25.94 -57.30 23.41
C LEU B 478 24.45 -57.57 23.22
N ASP B 479 23.68 -57.40 24.29
CA ASP B 479 22.23 -57.61 24.25
C ASP B 479 21.61 -56.60 25.22
N PRO B 480 21.04 -55.51 24.68
CA PRO B 480 20.40 -54.46 25.49
C PRO B 480 19.34 -54.98 26.45
N ASN B 481 18.73 -56.12 26.13
CA ASN B 481 17.70 -56.69 26.98
C ASN B 481 18.25 -57.26 28.28
N LYS B 482 19.57 -57.27 28.43
CA LYS B 482 20.19 -57.80 29.65
C LYS B 482 20.13 -56.73 30.74
N ALA B 483 19.58 -55.56 30.39
CA ALA B 483 19.44 -54.46 31.32
C ALA B 483 18.26 -54.70 32.25
N GLY B 484 17.48 -55.72 31.93
CA GLY B 484 16.33 -56.07 32.75
C GLY B 484 15.19 -55.08 32.68
N LEU B 485 15.05 -54.41 31.53
CA LEU B 485 13.98 -53.43 31.37
C LEU B 485 12.66 -54.14 31.23
N TRP B 486 11.59 -53.46 31.63
CA TRP B 486 10.24 -54.01 31.55
C TRP B 486 9.80 -54.20 30.10
N THR B 487 10.21 -53.28 29.23
CA THR B 487 9.86 -53.34 27.83
C THR B 487 10.94 -54.07 27.03
N ASN B 488 10.56 -55.14 26.36
CA ASN B 488 11.50 -55.91 25.56
C ASN B 488 11.89 -55.10 24.33
N TRP B 489 13.19 -55.10 24.01
CA TRP B 489 13.70 -54.40 22.84
C TRP B 489 13.86 -55.40 21.70
N PRO B 490 13.03 -55.28 20.66
CA PRO B 490 13.13 -56.21 19.51
C PRO B 490 14.26 -55.82 18.56
N THR B 491 14.78 -56.79 17.83
CA THR B 491 15.84 -56.49 16.86
C THR B 491 15.17 -55.84 15.66
N TYR B 492 15.96 -55.17 14.82
CA TYR B 492 15.45 -54.50 13.63
C TYR B 492 15.91 -55.22 12.36
N THR B 493 14.96 -55.58 11.50
CA THR B 493 15.31 -56.25 10.25
C THR B 493 15.15 -55.28 9.08
N SER B 494 13.97 -54.68 8.94
CA SER B 494 13.74 -53.71 7.87
C SER B 494 12.59 -52.77 8.17
N SER B 495 12.55 -51.65 7.46
CA SER B 495 11.51 -50.65 7.66
C SER B 495 10.13 -51.15 7.19
N SER B 496 10.10 -52.23 6.42
CA SER B 496 8.83 -52.76 5.94
C SER B 496 8.47 -54.06 6.65
N GLN B 497 9.28 -54.45 7.63
CA GLN B 497 9.01 -55.68 8.35
C GLN B 497 7.68 -55.68 9.09
N SER B 498 7.35 -56.83 9.65
CA SER B 498 6.13 -57.00 10.42
C SER B 498 6.46 -56.85 11.90
N GLY B 499 5.63 -56.09 12.61
CA GLY B 499 5.86 -55.90 14.02
C GLY B 499 6.70 -54.68 14.31
N ASN B 500 6.52 -54.11 15.51
CA ASN B 500 7.28 -52.94 15.91
C ASN B 500 8.78 -53.26 15.91
N ASN B 501 9.58 -52.29 15.48
CA ASN B 501 11.03 -52.47 15.42
C ASN B 501 11.80 -51.32 16.04
N LEU B 502 11.09 -50.46 16.76
CA LEU B 502 11.72 -49.32 17.41
C LEU B 502 11.40 -49.25 18.89
N MET B 503 12.43 -49.11 19.71
CA MET B 503 12.23 -48.94 21.13
C MET B 503 11.94 -47.45 21.20
N GLN B 504 10.81 -47.06 21.77
CA GLN B 504 10.49 -45.65 21.84
C GLN B 504 10.36 -45.18 23.27
N ILE B 505 10.61 -43.90 23.48
CA ILE B 505 10.57 -43.30 24.80
C ILE B 505 9.61 -42.12 24.87
N ASN B 506 8.81 -42.06 25.95
CA ASN B 506 7.93 -40.91 26.13
C ASN B 506 8.32 -40.27 27.47
N GLY B 507 7.51 -39.35 27.96
CA GLY B 507 7.85 -38.69 29.21
C GLY B 507 7.88 -39.54 30.46
N LEU B 508 7.12 -40.64 30.48
CA LEU B 508 7.05 -41.49 31.67
C LEU B 508 7.70 -42.86 31.54
N GLY B 509 7.65 -43.45 30.35
CA GLY B 509 8.25 -44.77 30.20
C GLY B 509 8.59 -45.19 28.79
N LEU B 510 8.54 -46.50 28.56
CA LEU B 510 8.88 -47.08 27.27
C LEU B 510 7.71 -47.82 26.61
N TYR B 511 7.85 -48.03 25.31
CA TYR B 511 6.88 -48.75 24.50
C TYR B 511 7.59 -48.96 23.18
N THR B 512 6.92 -49.57 22.21
CA THR B 512 7.58 -49.78 20.92
C THR B 512 6.73 -49.22 19.80
N GLY B 513 7.36 -49.02 18.64
CA GLY B 513 6.65 -48.47 17.49
C GLY B 513 7.26 -48.95 16.18
N LYS B 514 6.84 -48.33 15.09
CA LYS B 514 7.34 -48.71 13.76
C LYS B 514 8.13 -47.62 13.06
N ASP B 515 9.16 -48.05 12.34
CA ASP B 515 10.01 -47.13 11.58
C ASP B 515 9.44 -47.04 10.16
N ASN B 516 8.19 -46.57 10.05
CA ASN B 516 7.54 -46.46 8.75
C ASN B 516 6.94 -45.09 8.51
N PHE B 517 7.37 -44.10 9.28
CA PHE B 517 6.85 -42.75 9.14
C PHE B 517 7.49 -41.99 7.98
N ARG B 518 6.77 -40.99 7.48
CA ARG B 518 7.24 -40.16 6.37
C ARG B 518 7.90 -40.96 5.24
N PRO B 519 7.20 -41.97 4.69
CA PRO B 519 7.78 -42.78 3.62
C PRO B 519 8.04 -42.04 2.29
N ASP B 520 7.29 -40.98 2.00
CA ASP B 520 7.52 -40.24 0.76
C ASP B 520 8.82 -39.45 0.83
N ALA B 521 9.14 -39.00 2.04
CA ALA B 521 10.37 -38.24 2.26
C ALA B 521 11.56 -39.16 2.08
N TYR B 522 11.46 -40.37 2.62
CA TYR B 522 12.53 -41.35 2.50
C TYR B 522 12.88 -41.60 1.02
N SER B 523 11.87 -41.83 0.20
CA SER B 523 12.11 -42.07 -1.23
C SER B 523 12.61 -40.81 -1.93
N ALA B 524 12.11 -39.66 -1.53
CA ALA B 524 12.51 -38.39 -2.15
C ALA B 524 13.99 -38.10 -1.87
N LEU B 525 14.44 -38.40 -0.66
CA LEU B 525 15.82 -38.13 -0.30
C LEU B 525 16.81 -39.22 -0.70
N PHE B 526 16.38 -40.47 -0.68
CA PHE B 526 17.32 -41.55 -0.94
C PHE B 526 17.17 -42.44 -2.16
N SER B 527 16.32 -42.09 -3.11
CA SER B 527 16.21 -42.90 -4.33
C SER B 527 17.59 -42.73 -4.98
N ASN B 528 18.17 -41.55 -4.80
CA ASN B 528 19.50 -41.21 -5.29
C ASN B 528 20.13 -40.27 -4.27
N PRO B 529 20.69 -40.83 -3.18
CA PRO B 529 21.33 -40.07 -2.11
C PRO B 529 22.30 -38.96 -2.53
N PRO B 530 23.20 -39.24 -3.49
CA PRO B 530 24.15 -38.22 -3.94
C PRO B 530 23.49 -36.90 -4.31
N SER B 531 22.29 -36.96 -4.87
CA SER B 531 21.58 -35.75 -5.27
C SER B 531 21.43 -34.77 -4.12
N PHE B 532 21.58 -35.26 -2.89
CA PHE B 532 21.43 -34.40 -1.73
C PHE B 532 22.65 -34.32 -0.83
N PHE B 533 23.82 -34.52 -1.43
CA PHE B 533 25.08 -34.47 -0.72
C PHE B 533 25.57 -33.03 -0.69
N VAL B 534 26.43 -32.72 0.28
CA VAL B 534 27.01 -31.38 0.41
C VAL B 534 28.51 -31.47 0.12
N ALA C 1 -56.54 7.87 -20.88
CA ALA C 1 -55.50 7.00 -20.26
C ALA C 1 -54.26 6.95 -21.15
N PRO C 2 -53.07 6.79 -20.54
CA PRO C 2 -51.85 6.74 -21.36
C PRO C 2 -51.84 5.48 -22.21
N THR C 3 -51.25 5.54 -23.39
CA THR C 3 -51.20 4.37 -24.24
C THR C 3 -49.82 4.23 -24.87
N ALA C 4 -49.52 3.03 -25.33
CA ALA C 4 -48.24 2.74 -25.96
C ALA C 4 -48.43 1.63 -26.97
N THR C 5 -47.68 1.69 -28.06
CA THR C 5 -47.74 0.66 -29.09
C THR C 5 -46.47 -0.17 -29.00
N LEU C 6 -46.64 -1.48 -28.89
CA LEU C 6 -45.51 -2.40 -28.79
C LEU C 6 -44.91 -2.69 -30.15
N ALA C 7 -43.77 -3.37 -30.15
CA ALA C 7 -43.06 -3.71 -31.37
C ALA C 7 -43.95 -4.40 -32.40
N ASN C 8 -44.73 -5.37 -31.97
CA ASN C 8 -45.61 -6.11 -32.88
C ASN C 8 -46.86 -5.34 -33.33
N GLY C 9 -47.01 -4.10 -32.86
CA GLY C 9 -48.15 -3.31 -33.28
C GLY C 9 -49.30 -3.23 -32.29
N ASP C 10 -49.29 -4.07 -31.26
CA ASP C 10 -50.34 -4.04 -30.26
C ASP C 10 -50.32 -2.68 -29.56
N THR C 11 -51.50 -2.18 -29.23
CA THR C 11 -51.61 -0.91 -28.51
C THR C 11 -52.23 -1.25 -27.17
N ILE C 12 -51.51 -0.94 -26.10
CA ILE C 12 -51.99 -1.23 -24.76
C ILE C 12 -52.29 0.08 -24.03
N THR C 13 -53.04 -0.02 -22.94
CA THR C 13 -53.39 1.15 -22.17
C THR C 13 -52.83 1.06 -20.75
N GLY C 14 -52.34 2.18 -20.26
CA GLY C 14 -51.78 2.21 -18.93
C GLY C 14 -52.65 2.95 -17.94
N LEU C 15 -52.02 3.51 -16.92
CA LEU C 15 -52.73 4.22 -15.88
C LEU C 15 -52.17 5.60 -15.60
N ASN C 16 -53.06 6.56 -15.40
CA ASN C 16 -52.63 7.90 -15.06
C ASN C 16 -52.68 7.92 -13.53
N ALA C 17 -51.54 7.65 -12.90
CA ALA C 17 -51.47 7.60 -11.44
C ALA C 17 -51.30 9.00 -10.87
N ILE C 18 -51.55 10.01 -11.70
CA ILE C 18 -51.42 11.41 -11.31
C ILE C 18 -49.95 11.79 -11.11
N VAL C 19 -49.28 11.19 -10.14
CA VAL C 19 -47.87 11.50 -9.89
C VAL C 19 -46.98 10.99 -11.02
N ASN C 20 -47.52 10.10 -11.84
CA ASN C 20 -46.79 9.54 -12.97
C ASN C 20 -47.71 8.63 -13.77
N GLU C 21 -47.21 8.12 -14.88
CA GLU C 21 -47.97 7.22 -15.75
C GLU C 21 -47.37 5.81 -15.63
N LYS C 22 -48.22 4.81 -15.48
CA LYS C 22 -47.74 3.44 -15.33
C LYS C 22 -48.39 2.42 -16.25
N PHE C 23 -47.61 1.41 -16.62
CA PHE C 23 -48.07 0.30 -17.43
C PHE C 23 -47.59 -0.88 -16.59
N LEU C 24 -48.51 -1.48 -15.84
CA LEU C 24 -48.18 -2.57 -14.92
C LEU C 24 -48.72 -3.95 -15.27
N GLY C 25 -47.95 -4.97 -14.91
CA GLY C 25 -48.37 -6.34 -15.13
C GLY C 25 -48.31 -6.81 -16.56
N ILE C 26 -47.39 -6.26 -17.34
CA ILE C 26 -47.26 -6.67 -18.73
C ILE C 26 -46.52 -8.01 -18.80
N PRO C 27 -47.16 -9.05 -19.36
CA PRO C 27 -46.51 -10.36 -19.46
C PRO C 27 -45.42 -10.37 -20.53
N PHE C 28 -44.21 -10.80 -20.17
CA PHE C 28 -43.13 -10.84 -21.13
C PHE C 28 -42.69 -12.26 -21.45
N ALA C 29 -43.36 -13.23 -20.83
CA ALA C 29 -43.05 -14.63 -21.05
C ALA C 29 -44.24 -15.52 -20.72
N GLU C 30 -44.25 -16.72 -21.27
CA GLU C 30 -45.31 -17.68 -20.99
C GLU C 30 -45.17 -18.10 -19.53
N PRO C 31 -46.30 -18.44 -18.87
CA PRO C 31 -46.21 -18.84 -17.46
C PRO C 31 -45.21 -19.99 -17.35
N PRO C 32 -44.16 -19.84 -16.53
CA PRO C 32 -43.16 -20.88 -16.35
C PRO C 32 -43.65 -22.00 -15.44
N VAL C 33 -44.85 -22.49 -15.72
CA VAL C 33 -45.48 -23.54 -14.95
C VAL C 33 -45.32 -24.93 -15.57
N GLY C 34 -45.48 -25.96 -14.75
CA GLY C 34 -45.37 -27.34 -15.21
C GLY C 34 -44.15 -27.71 -16.04
N THR C 35 -44.40 -28.03 -17.30
CA THR C 35 -43.36 -28.41 -18.25
C THR C 35 -42.22 -27.38 -18.36
N LEU C 36 -42.53 -26.12 -18.07
CA LEU C 36 -41.54 -25.07 -18.17
C LEU C 36 -40.88 -24.70 -16.85
N ARG C 37 -41.20 -25.43 -15.79
CA ARG C 37 -40.59 -25.16 -14.49
C ARG C 37 -39.08 -25.30 -14.63
N PHE C 38 -38.35 -24.40 -13.95
CA PHE C 38 -36.88 -24.40 -13.95
C PHE C 38 -36.20 -23.91 -15.23
N LYS C 39 -36.97 -23.67 -16.28
CA LYS C 39 -36.38 -23.94 -17.71
C LYS C 39 -36.34 -22.45 -18.01
N PRO C 40 -35.56 -22.04 -19.03
CA PRO C 40 -35.52 -20.62 -19.35
C PRO C 40 -36.90 -20.18 -19.84
N PRO C 41 -37.24 -18.91 -19.64
CA PRO C 41 -38.55 -18.41 -20.07
C PRO C 41 -38.77 -18.43 -21.57
N VAL C 42 -40.02 -18.63 -21.97
CA VAL C 42 -40.39 -18.63 -23.38
C VAL C 42 -41.07 -17.29 -23.61
N PRO C 43 -40.66 -16.55 -24.65
CA PRO C 43 -41.31 -15.26 -24.87
C PRO C 43 -42.82 -15.35 -25.08
N TYR C 44 -43.54 -14.34 -24.59
CA TYR C 44 -44.99 -14.29 -24.71
C TYR C 44 -45.31 -13.99 -26.18
N SER C 45 -46.26 -14.72 -26.75
CA SER C 45 -46.59 -14.52 -28.15
C SER C 45 -48.02 -14.06 -28.42
N ALA C 46 -48.90 -14.19 -27.44
CA ALA C 46 -50.29 -13.78 -27.62
C ALA C 46 -50.39 -12.26 -27.73
N SER C 47 -51.39 -11.77 -28.44
CA SER C 47 -51.57 -10.33 -28.62
C SER C 47 -52.14 -9.65 -27.37
N LEU C 48 -51.58 -8.49 -27.05
CA LEU C 48 -52.02 -7.71 -25.90
C LEU C 48 -52.78 -6.50 -26.42
N ASN C 49 -53.05 -6.51 -27.72
CA ASN C 49 -53.76 -5.40 -28.35
C ASN C 49 -55.06 -5.09 -27.62
N GLY C 50 -55.25 -3.81 -27.29
CA GLY C 50 -56.47 -3.37 -26.63
C GLY C 50 -56.60 -3.64 -25.15
N GLN C 51 -55.63 -4.34 -24.54
CA GLN C 51 -55.72 -4.63 -23.12
C GLN C 51 -55.20 -3.50 -22.25
N GLN C 52 -55.59 -3.52 -20.97
CA GLN C 52 -55.18 -2.51 -20.00
C GLN C 52 -54.25 -3.10 -18.96
N PHE C 53 -53.33 -2.28 -18.47
CA PHE C 53 -52.35 -2.73 -17.49
C PHE C 53 -52.23 -1.66 -16.43
N THR C 54 -53.19 -1.67 -15.51
CA THR C 54 -53.27 -0.69 -14.44
C THR C 54 -52.96 -1.18 -13.03
N SER C 55 -52.48 -2.41 -12.91
CA SER C 55 -52.11 -2.92 -11.60
C SER C 55 -50.98 -3.94 -11.71
N TYR C 56 -50.16 -4.00 -10.66
CA TYR C 56 -49.05 -4.94 -10.61
C TYR C 56 -49.59 -6.37 -10.66
N GLY C 57 -48.80 -7.27 -11.22
CA GLY C 57 -49.20 -8.65 -11.26
C GLY C 57 -48.66 -9.28 -9.99
N PRO C 58 -48.93 -10.56 -9.72
CA PRO C 58 -48.38 -11.14 -8.49
C PRO C 58 -46.87 -11.41 -8.60
N SER C 59 -46.18 -11.43 -7.47
CA SER C 59 -44.75 -11.73 -7.47
C SER C 59 -44.62 -13.23 -7.68
N CYS C 60 -43.40 -13.71 -7.91
CA CYS C 60 -43.18 -15.14 -8.10
C CYS C 60 -43.23 -15.79 -6.72
N MET C 61 -43.31 -17.12 -6.67
CA MET C 61 -43.37 -17.83 -5.39
C MET C 61 -42.27 -17.32 -4.46
N GLN C 62 -42.61 -17.11 -3.20
CA GLN C 62 -41.67 -16.59 -2.22
C GLN C 62 -41.25 -17.65 -1.21
N MET C 63 -39.98 -17.58 -0.79
CA MET C 63 -39.50 -18.52 0.21
C MET C 63 -39.32 -17.77 1.53
N ASN C 64 -39.87 -18.32 2.60
CA ASN C 64 -39.76 -17.71 3.92
C ASN C 64 -38.29 -17.56 4.31
N PRO C 65 -37.90 -16.38 4.80
CA PRO C 65 -36.51 -16.09 5.21
C PRO C 65 -36.06 -16.92 6.42
N MET C 66 -37.02 -17.42 7.18
CA MET C 66 -36.73 -18.21 8.37
C MET C 66 -35.90 -17.36 9.32
N GLY C 67 -36.25 -16.08 9.42
CA GLY C 67 -35.51 -15.18 10.30
C GLY C 67 -36.38 -14.05 10.81
N SER C 68 -36.00 -13.47 11.94
CA SER C 68 -36.74 -12.36 12.55
C SER C 68 -35.77 -11.48 13.32
N PHE C 69 -36.07 -10.19 13.42
CA PHE C 69 -35.18 -9.27 14.12
C PHE C 69 -35.79 -8.62 15.36
N GLU C 70 -37.03 -9.00 15.69
CA GLU C 70 -37.70 -8.43 16.85
C GLU C 70 -37.01 -8.78 18.18
N ASP C 71 -36.33 -9.93 18.21
CA ASP C 71 -35.66 -10.37 19.42
C ASP C 71 -34.21 -9.91 19.57
N THR C 72 -33.66 -9.23 18.56
CA THR C 72 -32.27 -8.79 18.64
C THR C 72 -32.02 -7.31 18.40
N LEU C 73 -32.90 -6.67 17.62
CA LEU C 73 -32.75 -5.26 17.32
C LEU C 73 -33.61 -4.33 18.15
N PRO C 74 -33.07 -3.17 18.56
CA PRO C 74 -33.82 -2.21 19.37
C PRO C 74 -34.83 -1.52 18.45
N LYS C 75 -35.77 -0.78 19.03
CA LYS C 75 -36.80 -0.10 18.26
C LYS C 75 -36.27 0.66 17.04
N ASN C 76 -35.43 1.65 17.28
CA ASN C 76 -34.88 2.47 16.21
C ASN C 76 -34.27 1.66 15.05
N ALA C 77 -33.48 0.65 15.39
CA ALA C 77 -32.86 -0.18 14.36
C ALA C 77 -33.90 -1.06 13.68
N LEU C 78 -34.74 -1.71 14.49
CA LEU C 78 -35.77 -2.59 13.96
C LEU C 78 -36.76 -1.85 13.04
N ASP C 79 -37.00 -0.57 13.33
CA ASP C 79 -37.92 0.22 12.51
C ASP C 79 -37.33 0.47 11.12
N LEU C 80 -36.05 0.77 11.07
CA LEU C 80 -35.36 1.01 9.80
C LEU C 80 -35.39 -0.23 8.92
N VAL C 81 -35.05 -1.38 9.48
CA VAL C 81 -35.04 -2.62 8.72
C VAL C 81 -36.43 -2.96 8.21
N LEU C 82 -37.45 -2.64 8.98
CA LEU C 82 -38.82 -2.91 8.57
C LEU C 82 -39.18 -1.95 7.44
N GLN C 83 -38.71 -0.72 7.54
CA GLN C 83 -38.99 0.28 6.52
C GLN C 83 -38.26 -0.02 5.22
N SER C 84 -37.15 -0.74 5.31
CA SER C 84 -36.37 -1.11 4.13
C SER C 84 -37.02 -2.30 3.45
N LYS C 85 -37.98 -2.92 4.14
CA LYS C 85 -38.70 -4.08 3.62
C LYS C 85 -37.76 -5.26 3.32
N ILE C 86 -36.53 -5.15 3.80
CA ILE C 86 -35.52 -6.18 3.60
C ILE C 86 -35.98 -7.55 4.12
N PHE C 87 -35.70 -8.59 3.34
CA PHE C 87 -36.05 -9.95 3.71
C PHE C 87 -37.49 -10.16 4.15
N GLN C 88 -38.41 -9.72 3.31
CA GLN C 88 -39.84 -9.86 3.58
C GLN C 88 -40.48 -10.45 2.35
N VAL C 89 -41.29 -11.50 2.52
CA VAL C 89 -41.93 -12.10 1.36
C VAL C 89 -42.91 -11.09 0.78
N VAL C 90 -43.06 -11.13 -0.54
CA VAL C 90 -43.95 -10.21 -1.24
C VAL C 90 -45.19 -10.96 -1.68
N LEU C 91 -46.34 -10.52 -1.20
CA LEU C 91 -47.61 -11.15 -1.54
C LEU C 91 -48.52 -10.17 -2.25
N PRO C 92 -49.41 -10.68 -3.11
CA PRO C 92 -49.58 -12.10 -3.41
C PRO C 92 -48.51 -12.64 -4.38
N ASN C 93 -48.45 -13.96 -4.52
CA ASN C 93 -47.51 -14.58 -5.43
C ASN C 93 -48.11 -15.79 -6.13
N ASP C 94 -47.48 -16.18 -7.23
CA ASP C 94 -47.95 -17.31 -8.04
C ASP C 94 -46.81 -17.64 -8.99
N GLU C 95 -46.82 -18.83 -9.56
CA GLU C 95 -45.77 -19.20 -10.50
C GLU C 95 -45.93 -18.43 -11.82
N ASP C 96 -47.15 -18.00 -12.10
CA ASP C 96 -47.43 -17.20 -13.30
C ASP C 96 -47.12 -15.80 -12.77
N CYS C 97 -45.87 -15.39 -12.91
CA CYS C 97 -45.42 -14.12 -12.36
C CYS C 97 -44.51 -13.30 -13.28
N LEU C 98 -44.27 -13.77 -14.49
CA LEU C 98 -43.36 -13.08 -15.38
C LEU C 98 -43.95 -11.88 -16.12
N THR C 99 -44.08 -10.77 -15.38
CA THR C 99 -44.60 -9.52 -15.94
C THR C 99 -43.53 -8.44 -15.78
N ILE C 100 -43.72 -7.33 -16.48
CA ILE C 100 -42.81 -6.21 -16.41
C ILE C 100 -43.62 -4.92 -16.28
N ASN C 101 -43.05 -3.93 -15.58
CA ASN C 101 -43.73 -2.67 -15.34
C ASN C 101 -42.94 -1.50 -15.91
N VAL C 102 -43.65 -0.47 -16.37
CA VAL C 102 -43.02 0.73 -16.92
C VAL C 102 -43.61 1.96 -16.23
N ILE C 103 -42.76 2.76 -15.61
CA ILE C 103 -43.21 4.00 -14.95
C ILE C 103 -42.55 5.19 -15.65
N ARG C 104 -43.36 6.13 -16.14
CA ARG C 104 -42.80 7.29 -16.82
C ARG C 104 -43.36 8.60 -16.27
N PRO C 105 -42.66 9.70 -16.54
CA PRO C 105 -43.14 11.00 -16.05
C PRO C 105 -44.47 11.36 -16.70
N PRO C 106 -45.29 12.16 -16.03
CA PRO C 106 -46.56 12.53 -16.66
C PRO C 106 -46.28 13.35 -17.91
N GLY C 107 -47.08 13.18 -18.95
CA GLY C 107 -46.88 13.94 -20.17
C GLY C 107 -45.98 13.29 -21.21
N THR C 108 -45.22 12.28 -20.79
CA THR C 108 -44.30 11.59 -21.70
C THR C 108 -45.00 11.06 -22.95
N ARG C 109 -44.42 11.34 -24.11
CA ARG C 109 -44.97 10.86 -25.38
C ARG C 109 -44.07 9.75 -25.94
N ALA C 110 -44.59 9.01 -26.91
CA ALA C 110 -43.86 7.91 -27.53
C ALA C 110 -42.49 8.28 -28.10
N SER C 111 -42.34 9.54 -28.51
CA SER C 111 -41.08 9.97 -29.11
C SER C 111 -40.10 10.63 -28.13
N ALA C 112 -40.44 10.63 -26.84
CA ALA C 112 -39.59 11.24 -25.82
C ALA C 112 -38.12 10.79 -25.85
N GLY C 113 -37.88 9.54 -26.22
CA GLY C 113 -36.52 9.02 -26.29
C GLY C 113 -35.76 9.17 -24.98
N LEU C 114 -36.45 9.00 -23.86
CA LEU C 114 -35.85 9.14 -22.52
C LEU C 114 -34.93 7.99 -22.11
N PRO C 115 -33.96 8.28 -21.23
CA PRO C 115 -33.02 7.26 -20.74
C PRO C 115 -33.84 6.27 -19.94
N VAL C 116 -33.39 5.03 -19.87
CA VAL C 116 -34.14 4.02 -19.15
C VAL C 116 -33.35 3.40 -18.01
N MET C 117 -33.95 3.41 -16.81
CA MET C 117 -33.32 2.80 -15.66
C MET C 117 -34.05 1.48 -15.39
N LEU C 118 -33.38 0.39 -15.74
CA LEU C 118 -33.96 -0.94 -15.59
C LEU C 118 -33.57 -1.52 -14.24
N TRP C 119 -34.57 -1.69 -13.38
CA TRP C 119 -34.35 -2.19 -12.04
C TRP C 119 -34.53 -3.69 -11.85
N ILE C 120 -33.61 -4.28 -11.09
CA ILE C 120 -33.64 -5.71 -10.76
C ILE C 120 -33.66 -5.74 -9.23
N PHE C 121 -34.80 -6.13 -8.65
CA PHE C 121 -34.94 -6.20 -7.20
C PHE C 121 -34.04 -7.24 -6.54
N GLY C 122 -33.77 -7.03 -5.25
CA GLY C 122 -32.94 -7.96 -4.52
C GLY C 122 -33.74 -8.61 -3.41
N GLY C 123 -33.63 -9.93 -3.32
CA GLY C 123 -34.33 -10.69 -2.29
C GLY C 123 -33.56 -11.95 -1.93
N GLY C 124 -32.23 -11.85 -1.95
CA GLY C 124 -31.37 -12.98 -1.62
C GLY C 124 -31.59 -14.15 -2.56
N PHE C 125 -32.08 -13.84 -3.75
CA PHE C 125 -32.36 -14.84 -4.77
C PHE C 125 -33.39 -15.87 -4.27
N GLU C 126 -34.13 -15.52 -3.22
CA GLU C 126 -35.11 -16.46 -2.67
C GLU C 126 -36.50 -15.87 -2.49
N LEU C 127 -36.61 -14.56 -2.63
CA LEU C 127 -37.91 -13.89 -2.50
C LEU C 127 -37.83 -12.51 -3.16
N GLY C 128 -38.93 -11.76 -3.09
CA GLY C 128 -38.92 -10.43 -3.68
C GLY C 128 -39.79 -10.32 -4.93
N GLY C 129 -40.08 -9.08 -5.32
CA GLY C 129 -40.88 -8.83 -6.49
C GLY C 129 -40.73 -7.39 -6.94
N SER C 130 -41.08 -7.11 -8.18
CA SER C 130 -40.96 -5.75 -8.72
C SER C 130 -41.81 -4.69 -8.01
N SER C 131 -42.94 -5.11 -7.44
CA SER C 131 -43.80 -4.17 -6.74
C SER C 131 -43.17 -3.61 -5.47
N LEU C 132 -42.25 -4.36 -4.87
CA LEU C 132 -41.57 -3.87 -3.68
C LEU C 132 -40.52 -2.91 -4.22
N PHE C 133 -40.07 -1.95 -3.44
CA PHE C 133 -39.06 -1.01 -3.94
C PHE C 133 -39.56 -0.33 -5.23
N PRO C 134 -40.57 0.55 -5.10
CA PRO C 134 -41.14 1.26 -6.26
C PRO C 134 -40.19 2.30 -6.86
N GLY C 135 -40.25 2.47 -8.17
CA GLY C 135 -39.39 3.43 -8.82
C GLY C 135 -39.93 4.85 -8.87
N ASP C 136 -41.09 5.08 -8.25
CA ASP C 136 -41.73 6.40 -8.23
C ASP C 136 -40.83 7.56 -7.81
N GLN C 137 -40.19 7.44 -6.65
CA GLN C 137 -39.32 8.51 -6.16
C GLN C 137 -38.20 8.84 -7.14
N MET C 138 -37.65 7.80 -7.77
CA MET C 138 -36.58 8.00 -8.75
C MET C 138 -37.09 8.84 -9.92
N VAL C 139 -38.22 8.44 -10.49
CA VAL C 139 -38.82 9.15 -11.61
C VAL C 139 -39.15 10.60 -11.25
N ALA C 140 -39.76 10.79 -10.08
CA ALA C 140 -40.13 12.13 -9.62
C ALA C 140 -38.90 13.02 -9.54
N LYS C 141 -37.80 12.47 -9.05
CA LYS C 141 -36.57 13.24 -8.93
C LYS C 141 -35.98 13.59 -10.29
N SER C 142 -35.99 12.63 -11.22
CA SER C 142 -35.44 12.88 -12.54
C SER C 142 -36.17 14.04 -13.21
N VAL C 143 -37.51 14.06 -13.08
CA VAL C 143 -38.31 15.12 -13.66
C VAL C 143 -37.90 16.45 -13.01
N LEU C 144 -37.71 16.40 -11.70
CA LEU C 144 -37.34 17.56 -10.92
C LEU C 144 -36.00 18.18 -11.33
N MET C 145 -35.05 17.36 -11.79
CA MET C 145 -33.75 17.90 -12.18
C MET C 145 -33.58 18.13 -13.68
N GLY C 146 -34.66 17.97 -14.44
CA GLY C 146 -34.59 18.19 -15.88
C GLY C 146 -33.92 17.05 -16.63
N LYS C 147 -33.82 15.90 -15.96
CA LYS C 147 -33.20 14.73 -16.55
C LYS C 147 -34.16 13.54 -16.42
N PRO C 148 -35.41 13.72 -16.87
CA PRO C 148 -36.44 12.67 -16.81
C PRO C 148 -36.07 11.29 -17.35
N VAL C 149 -36.30 10.27 -16.54
CA VAL C 149 -36.01 8.90 -16.93
C VAL C 149 -37.28 8.06 -16.82
N ILE C 150 -37.28 6.93 -17.51
CA ILE C 150 -38.38 5.98 -17.47
C ILE C 150 -37.86 4.81 -16.64
N HIS C 151 -38.63 4.42 -15.63
CA HIS C 151 -38.23 3.32 -14.75
C HIS C 151 -38.95 2.05 -15.18
N VAL C 152 -38.20 0.96 -15.30
CA VAL C 152 -38.76 -0.32 -15.70
C VAL C 152 -38.29 -1.38 -14.71
N SER C 153 -39.19 -2.24 -14.25
CA SER C 153 -38.83 -3.29 -13.31
C SER C 153 -39.52 -4.59 -13.70
N MET C 154 -38.85 -5.71 -13.46
CA MET C 154 -39.44 -7.00 -13.82
C MET C 154 -39.43 -7.98 -12.66
N ASN C 155 -40.27 -9.00 -12.77
CA ASN C 155 -40.32 -10.07 -11.79
C ASN C 155 -39.44 -11.16 -12.38
N TYR C 156 -38.78 -11.92 -11.52
CA TYR C 156 -37.97 -13.03 -12.00
C TYR C 156 -38.11 -14.13 -10.95
N ARG C 157 -38.03 -15.38 -11.39
CA ARG C 157 -38.15 -16.51 -10.47
C ARG C 157 -37.01 -16.55 -9.47
N VAL C 158 -37.35 -16.88 -8.22
CA VAL C 158 -36.40 -16.95 -7.12
C VAL C 158 -36.50 -18.31 -6.43
N ALA C 159 -35.64 -18.52 -5.44
CA ALA C 159 -35.62 -19.80 -4.70
C ALA C 159 -35.49 -20.98 -5.66
N SER C 160 -36.16 -22.08 -5.36
CA SER C 160 -36.09 -23.28 -6.19
C SER C 160 -36.66 -23.06 -7.59
N TRP C 161 -37.69 -22.22 -7.68
CA TRP C 161 -38.32 -21.96 -8.96
C TRP C 161 -37.38 -21.30 -9.95
N GLY C 162 -36.51 -20.44 -9.44
CA GLY C 162 -35.59 -19.75 -10.32
C GLY C 162 -34.11 -20.11 -10.22
N PHE C 163 -33.72 -20.88 -9.21
CA PHE C 163 -32.31 -21.22 -9.07
C PHE C 163 -32.03 -22.65 -8.60
N LEU C 164 -32.91 -23.57 -8.98
CA LEU C 164 -32.72 -24.97 -8.63
C LEU C 164 -31.45 -25.33 -9.38
N ALA C 165 -30.60 -26.13 -8.75
CA ALA C 165 -29.35 -26.52 -9.38
C ALA C 165 -29.18 -28.04 -9.41
N GLY C 166 -27.94 -28.52 -9.31
CA GLY C 166 -27.70 -29.95 -9.34
C GLY C 166 -27.37 -30.47 -10.74
N PRO C 167 -27.02 -31.75 -10.87
CA PRO C 167 -26.66 -32.40 -12.14
C PRO C 167 -27.74 -32.48 -13.22
N ASP C 168 -28.97 -32.80 -12.80
CA ASP C 168 -30.06 -32.92 -13.74
C ASP C 168 -30.34 -31.57 -14.40
N ILE C 169 -30.40 -30.51 -13.60
CA ILE C 169 -30.62 -29.17 -14.15
C ILE C 169 -29.47 -28.83 -15.10
N GLN C 170 -28.24 -29.00 -14.63
CA GLN C 170 -27.07 -28.70 -15.43
C GLN C 170 -27.04 -29.45 -16.76
N ASN C 171 -27.27 -30.77 -16.72
CA ASN C 171 -27.22 -31.58 -17.94
C ASN C 171 -28.27 -31.16 -18.95
N GLU C 172 -29.35 -30.57 -18.47
CA GLU C 172 -30.43 -30.11 -19.32
C GLU C 172 -30.11 -28.69 -19.79
N GLY C 173 -29.20 -28.03 -19.09
CA GLY C 173 -28.81 -26.68 -19.43
C GLY C 173 -29.80 -25.65 -18.90
N SER C 174 -30.41 -25.94 -17.76
CA SER C 174 -31.40 -25.02 -17.18
C SER C 174 -30.94 -24.29 -15.92
N GLY C 175 -29.64 -24.08 -15.78
CA GLY C 175 -29.15 -23.37 -14.62
C GLY C 175 -29.52 -21.90 -14.68
N ASN C 176 -29.68 -21.28 -13.52
CA ASN C 176 -30.01 -19.86 -13.43
C ASN C 176 -31.24 -19.42 -14.22
N ALA C 177 -32.36 -20.10 -13.98
CA ALA C 177 -33.62 -19.75 -14.65
C ALA C 177 -33.99 -18.31 -14.34
N GLY C 178 -33.83 -17.92 -13.08
CA GLY C 178 -34.16 -16.57 -12.67
C GLY C 178 -33.42 -15.49 -13.46
N LEU C 179 -32.12 -15.70 -13.68
CA LEU C 179 -31.34 -14.72 -14.43
C LEU C 179 -31.81 -14.64 -15.88
N HIS C 180 -32.15 -15.80 -16.46
CA HIS C 180 -32.67 -15.84 -17.82
C HIS C 180 -33.94 -14.98 -17.89
N ASP C 181 -34.76 -15.04 -16.85
CA ASP C 181 -35.98 -14.24 -16.81
C ASP C 181 -35.60 -12.77 -16.93
N GLN C 182 -34.55 -12.36 -16.22
CA GLN C 182 -34.11 -10.98 -16.27
C GLN C 182 -33.63 -10.62 -17.68
N ARG C 183 -32.83 -11.52 -18.26
CA ARG C 183 -32.30 -11.31 -19.59
C ARG C 183 -33.40 -11.19 -20.65
N LEU C 184 -34.41 -12.04 -20.57
CA LEU C 184 -35.51 -11.96 -21.53
C LEU C 184 -36.21 -10.62 -21.34
N ALA C 185 -36.31 -10.19 -20.09
CA ALA C 185 -36.93 -8.91 -19.76
C ALA C 185 -36.16 -7.77 -20.43
N MET C 186 -34.83 -7.85 -20.34
CA MET C 186 -33.96 -6.83 -20.93
C MET C 186 -34.14 -6.79 -22.44
N GLN C 187 -34.32 -7.96 -23.05
CA GLN C 187 -34.52 -8.03 -24.48
C GLN C 187 -35.90 -7.47 -24.84
N TRP C 188 -36.87 -7.68 -23.96
CA TRP C 188 -38.24 -7.17 -24.17
C TRP C 188 -38.16 -5.64 -24.19
N VAL C 189 -37.37 -5.08 -23.29
CA VAL C 189 -37.20 -3.63 -23.21
C VAL C 189 -36.58 -3.12 -24.52
N ALA C 190 -35.58 -3.86 -25.02
CA ALA C 190 -34.91 -3.49 -26.26
C ALA C 190 -35.90 -3.44 -27.42
N ASP C 191 -36.81 -4.41 -27.46
CA ASP C 191 -37.78 -4.48 -28.55
C ASP C 191 -39.00 -3.57 -28.37
N ASN C 192 -39.36 -3.27 -27.12
CA ASN C 192 -40.59 -2.50 -26.90
C ASN C 192 -40.57 -1.16 -26.20
N ILE C 193 -39.51 -0.84 -25.46
CA ILE C 193 -39.48 0.42 -24.71
C ILE C 193 -39.65 1.70 -25.53
N ALA C 194 -39.25 1.69 -26.80
CA ALA C 194 -39.38 2.88 -27.64
C ALA C 194 -40.82 3.41 -27.68
N GLY C 195 -41.78 2.49 -27.74
CA GLY C 195 -43.17 2.88 -27.79
C GLY C 195 -43.68 3.57 -26.53
N PHE C 196 -42.95 3.44 -25.42
CA PHE C 196 -43.35 4.06 -24.15
C PHE C 196 -42.66 5.42 -23.94
N GLY C 197 -41.83 5.82 -24.91
CA GLY C 197 -41.12 7.08 -24.80
C GLY C 197 -39.71 6.89 -24.25
N GLY C 198 -39.17 5.70 -24.42
CA GLY C 198 -37.83 5.42 -23.94
C GLY C 198 -36.86 5.16 -25.08
N ASP C 199 -35.57 5.33 -24.82
CA ASP C 199 -34.54 5.10 -25.83
C ASP C 199 -33.87 3.77 -25.47
N PRO C 200 -34.05 2.74 -26.31
CA PRO C 200 -33.42 1.44 -26.03
C PRO C 200 -31.89 1.48 -26.01
N SER C 201 -31.32 2.54 -26.59
CA SER C 201 -29.86 2.68 -26.63
C SER C 201 -29.35 3.41 -25.40
N LYS C 202 -30.25 3.80 -24.51
CA LYS C 202 -29.85 4.49 -23.29
C LYS C 202 -30.36 3.78 -22.04
N VAL C 203 -30.11 2.47 -21.99
CA VAL C 203 -30.55 1.67 -20.85
C VAL C 203 -29.43 1.52 -19.83
N THR C 204 -29.75 1.80 -18.57
CA THR C 204 -28.80 1.65 -17.49
C THR C 204 -29.44 0.60 -16.57
N ILE C 205 -28.77 -0.52 -16.37
CA ILE C 205 -29.33 -1.55 -15.49
C ILE C 205 -28.80 -1.34 -14.09
N TYR C 206 -29.67 -1.49 -13.10
CA TYR C 206 -29.25 -1.35 -11.71
C TYR C 206 -30.02 -2.28 -10.80
N GLY C 207 -29.50 -2.50 -9.61
CA GLY C 207 -30.14 -3.38 -8.66
C GLY C 207 -29.42 -3.30 -7.33
N GLU C 208 -30.05 -3.81 -6.28
CA GLU C 208 -29.46 -3.79 -4.95
C GLU C 208 -29.39 -5.21 -4.41
N SER C 209 -28.33 -5.51 -3.66
CA SER C 209 -28.13 -6.83 -3.08
C SER C 209 -28.19 -7.89 -4.19
N ALA C 210 -29.08 -8.86 -4.06
CA ALA C 210 -29.22 -9.90 -5.09
C ALA C 210 -29.40 -9.26 -6.46
N GLY C 211 -30.01 -8.08 -6.49
CA GLY C 211 -30.23 -7.39 -7.75
C GLY C 211 -28.94 -6.76 -8.26
N SER C 212 -28.05 -6.43 -7.34
CA SER C 212 -26.77 -5.84 -7.69
C SER C 212 -25.87 -6.93 -8.25
N MET C 213 -25.89 -8.11 -7.64
CA MET C 213 -25.06 -9.23 -8.12
C MET C 213 -25.58 -9.64 -9.48
N SER C 214 -26.89 -9.55 -9.66
CA SER C 214 -27.51 -9.88 -10.94
C SER C 214 -27.00 -8.89 -11.98
N THR C 215 -27.01 -7.60 -11.62
CA THR C 215 -26.52 -6.57 -12.53
C THR C 215 -25.12 -6.94 -12.99
N PHE C 216 -24.29 -7.38 -12.04
CA PHE C 216 -22.93 -7.80 -12.36
C PHE C 216 -22.94 -8.94 -13.36
N VAL C 217 -23.79 -9.94 -13.11
CA VAL C 217 -23.88 -11.09 -13.99
C VAL C 217 -24.19 -10.67 -15.42
N HIS C 218 -25.05 -9.69 -15.59
CA HIS C 218 -25.39 -9.23 -16.92
C HIS C 218 -24.19 -8.64 -17.63
N LEU C 219 -23.21 -8.20 -16.85
CA LEU C 219 -21.99 -7.65 -17.44
C LEU C 219 -21.19 -8.79 -18.07
N VAL C 220 -21.03 -9.89 -17.33
CA VAL C 220 -20.27 -11.06 -17.79
C VAL C 220 -21.05 -12.11 -18.56
N TRP C 221 -22.36 -11.92 -18.67
CA TRP C 221 -23.23 -12.86 -19.37
C TRP C 221 -22.75 -13.08 -20.81
N ASN C 222 -22.66 -14.33 -21.23
CA ASN C 222 -22.18 -14.66 -22.56
C ASN C 222 -20.79 -14.03 -22.76
N ASP C 223 -20.00 -14.06 -21.70
CA ASP C 223 -18.64 -13.53 -21.72
C ASP C 223 -18.53 -12.08 -22.19
N GLY C 224 -19.43 -11.22 -21.72
CA GLY C 224 -19.38 -9.82 -22.11
C GLY C 224 -20.07 -9.43 -23.40
N ASP C 225 -20.63 -10.40 -24.11
CA ASP C 225 -21.33 -10.10 -25.35
C ASP C 225 -22.79 -9.81 -24.98
N ASN C 226 -23.09 -8.53 -24.80
CA ASN C 226 -24.45 -8.12 -24.42
C ASN C 226 -25.23 -7.58 -25.59
N THR C 227 -24.86 -7.97 -26.81
CA THR C 227 -25.58 -7.48 -27.98
C THR C 227 -26.77 -8.37 -28.34
N TYR C 228 -27.88 -7.71 -28.67
CA TYR C 228 -29.12 -8.38 -29.05
C TYR C 228 -29.64 -7.64 -30.28
N ASN C 229 -29.94 -8.37 -31.33
CA ASN C 229 -30.43 -7.76 -32.58
C ASN C 229 -29.52 -6.65 -33.08
N GLY C 230 -28.22 -6.88 -32.97
CA GLY C 230 -27.25 -5.91 -33.44
C GLY C 230 -26.89 -4.77 -32.49
N LYS C 231 -27.58 -4.67 -31.37
CA LYS C 231 -27.30 -3.58 -30.45
C LYS C 231 -27.14 -4.05 -29.00
N PRO C 232 -26.36 -3.29 -28.21
CA PRO C 232 -26.13 -3.63 -26.80
C PRO C 232 -27.43 -3.50 -26.01
N LEU C 233 -27.62 -4.37 -25.03
CA LEU C 233 -28.84 -4.35 -24.20
C LEU C 233 -28.80 -3.24 -23.15
N PHE C 234 -27.63 -2.67 -22.91
CA PHE C 234 -27.47 -1.61 -21.93
C PHE C 234 -26.14 -0.87 -22.17
N ARG C 235 -26.06 0.38 -21.74
CA ARG C 235 -24.86 1.19 -21.93
C ARG C 235 -24.20 1.62 -20.62
N ALA C 236 -24.73 1.15 -19.50
CA ALA C 236 -24.20 1.51 -18.19
C ALA C 236 -24.85 0.63 -17.13
N ALA C 237 -24.20 0.49 -15.99
CA ALA C 237 -24.73 -0.35 -14.92
C ALA C 237 -24.44 0.26 -13.55
N ILE C 238 -25.35 0.03 -12.61
CA ILE C 238 -25.19 0.52 -11.25
C ILE C 238 -25.40 -0.63 -10.30
N MET C 239 -24.41 -0.86 -9.43
CA MET C 239 -24.49 -1.95 -8.48
C MET C 239 -24.48 -1.47 -7.03
N GLN C 240 -25.64 -1.58 -6.38
CA GLN C 240 -25.79 -1.20 -4.99
C GLN C 240 -25.63 -2.43 -4.10
N SER C 241 -24.44 -2.57 -3.51
CA SER C 241 -24.11 -3.68 -2.62
C SER C 241 -24.06 -5.03 -3.31
N GLY C 242 -22.94 -5.32 -3.98
CA GLY C 242 -22.79 -6.61 -4.63
C GLY C 242 -22.37 -6.67 -6.09
N CYS C 243 -21.53 -7.67 -6.40
CA CYS C 243 -21.05 -7.91 -7.74
C CYS C 243 -20.88 -9.43 -7.92
N MET C 244 -19.64 -9.92 -8.03
CA MET C 244 -19.44 -11.36 -8.22
C MET C 244 -20.14 -12.22 -7.16
N VAL C 245 -20.68 -13.35 -7.60
CA VAL C 245 -21.31 -14.29 -6.68
C VAL C 245 -20.22 -15.33 -6.42
N PRO C 246 -19.78 -15.48 -5.16
CA PRO C 246 -18.73 -16.46 -4.81
C PRO C 246 -19.30 -17.87 -4.78
N SER C 247 -19.66 -18.38 -5.95
CA SER C 247 -20.29 -19.70 -6.03
C SER C 247 -19.64 -20.75 -6.93
N ASP C 248 -19.83 -22.02 -6.56
CA ASP C 248 -19.32 -23.14 -7.36
C ASP C 248 -20.35 -23.30 -8.48
N PRO C 249 -20.02 -24.09 -9.50
CA PRO C 249 -20.97 -24.28 -10.61
C PRO C 249 -22.29 -24.93 -10.21
N VAL C 250 -23.24 -24.91 -11.14
CA VAL C 250 -24.57 -25.47 -10.96
C VAL C 250 -24.55 -26.89 -10.39
N ASP C 251 -23.80 -27.78 -11.02
CA ASP C 251 -23.73 -29.17 -10.54
C ASP C 251 -22.68 -29.36 -9.45
N GLY C 252 -22.32 -28.27 -8.78
CA GLY C 252 -21.34 -28.36 -7.71
C GLY C 252 -21.88 -29.14 -6.51
N THR C 253 -21.17 -29.04 -5.38
CA THR C 253 -21.55 -29.75 -4.16
C THR C 253 -22.83 -29.30 -3.46
N TYR C 254 -22.89 -28.04 -3.05
CA TYR C 254 -24.07 -27.57 -2.34
C TYR C 254 -25.29 -27.42 -3.26
N GLY C 255 -25.05 -27.13 -4.52
CA GLY C 255 -26.15 -27.01 -5.46
C GLY C 255 -26.84 -28.34 -5.59
N THR C 256 -26.06 -29.43 -5.69
CA THR C 256 -26.59 -30.78 -5.81
C THR C 256 -27.29 -31.19 -4.52
N GLU C 257 -26.68 -30.81 -3.42
CA GLU C 257 -27.17 -31.10 -2.08
C GLU C 257 -28.58 -30.52 -1.87
N ILE C 258 -28.78 -29.27 -2.27
CA ILE C 258 -30.09 -28.64 -2.12
C ILE C 258 -31.08 -29.36 -3.03
N TYR C 259 -30.66 -29.61 -4.26
CA TYR C 259 -31.51 -30.30 -5.22
C TYR C 259 -32.00 -31.63 -4.63
N ASN C 260 -31.10 -32.43 -4.10
CA ASN C 260 -31.49 -33.72 -3.53
C ASN C 260 -32.52 -33.52 -2.40
N GLN C 261 -32.35 -32.46 -1.62
CA GLN C 261 -33.27 -32.16 -0.52
C GLN C 261 -34.66 -31.84 -1.06
N VAL C 262 -34.71 -31.01 -2.10
CA VAL C 262 -35.98 -30.63 -2.71
C VAL C 262 -36.64 -31.86 -3.31
N VAL C 263 -35.87 -32.66 -4.03
CA VAL C 263 -36.40 -33.88 -4.64
C VAL C 263 -36.98 -34.79 -3.56
N ALA C 264 -36.22 -34.98 -2.48
CA ALA C 264 -36.67 -35.85 -1.38
C ALA C 264 -37.93 -35.32 -0.70
N SER C 265 -37.89 -34.08 -0.24
CA SER C 265 -39.03 -33.47 0.44
C SER C 265 -40.28 -33.41 -0.42
N ALA C 266 -40.11 -33.35 -1.74
CA ALA C 266 -41.25 -33.28 -2.64
C ALA C 266 -41.91 -34.63 -2.85
N GLY C 267 -41.21 -35.71 -2.49
CA GLY C 267 -41.76 -37.04 -2.69
C GLY C 267 -41.37 -37.59 -4.04
N CYS C 268 -40.28 -37.05 -4.60
CA CYS C 268 -39.81 -37.48 -5.91
C CYS C 268 -38.53 -38.31 -5.85
N GLY C 269 -38.18 -38.79 -4.65
CA GLY C 269 -36.98 -39.57 -4.48
C GLY C 269 -36.95 -40.90 -5.22
N SER C 270 -38.11 -41.39 -5.63
CA SER C 270 -38.19 -42.67 -6.33
C SER C 270 -38.55 -42.54 -7.80
N ALA C 271 -38.62 -41.32 -8.29
CA ALA C 271 -38.96 -41.09 -9.70
C ALA C 271 -37.76 -41.46 -10.57
N SER C 272 -38.01 -42.06 -11.74
CA SER C 272 -36.93 -42.43 -12.63
C SER C 272 -36.52 -41.22 -13.48
N ASP C 273 -37.29 -40.14 -13.34
CA ASP C 273 -37.05 -38.88 -14.03
C ASP C 273 -37.42 -37.78 -13.04
N LYS C 274 -36.49 -37.46 -12.15
CA LYS C 274 -36.72 -36.46 -11.11
C LYS C 274 -37.21 -35.10 -11.58
N LEU C 275 -36.65 -34.59 -12.68
CA LEU C 275 -37.09 -33.30 -13.18
C LEU C 275 -38.54 -33.40 -13.63
N ALA C 276 -38.86 -34.47 -14.34
CA ALA C 276 -40.23 -34.68 -14.80
C ALA C 276 -41.17 -34.74 -13.58
N CYS C 277 -40.71 -35.41 -12.53
CA CYS C 277 -41.51 -35.53 -11.31
C CYS C 277 -41.76 -34.19 -10.61
N LEU C 278 -40.73 -33.36 -10.52
CA LEU C 278 -40.88 -32.06 -9.87
C LEU C 278 -41.76 -31.15 -10.71
N ARG C 279 -41.69 -31.29 -12.03
CA ARG C 279 -42.50 -30.48 -12.92
C ARG C 279 -43.96 -30.89 -12.89
N GLY C 280 -44.22 -32.11 -12.43
CA GLY C 280 -45.60 -32.59 -12.36
C GLY C 280 -46.19 -32.44 -10.97
N LEU C 281 -45.44 -31.77 -10.09
CA LEU C 281 -45.88 -31.57 -8.71
C LEU C 281 -46.96 -30.52 -8.56
N SER C 282 -47.78 -30.69 -7.52
CA SER C 282 -48.81 -29.72 -7.23
C SER C 282 -48.03 -28.45 -6.88
N GLN C 283 -48.69 -27.30 -7.01
CA GLN C 283 -48.04 -26.04 -6.72
C GLN C 283 -47.67 -25.94 -5.23
N ASP C 284 -48.50 -26.54 -4.37
CA ASP C 284 -48.27 -26.50 -2.94
C ASP C 284 -47.12 -27.41 -2.46
N THR C 285 -46.98 -28.57 -3.09
CA THR C 285 -45.93 -29.50 -2.71
C THR C 285 -44.54 -28.90 -3.02
N LEU C 286 -44.40 -28.27 -4.18
CA LEU C 286 -43.12 -27.66 -4.52
C LEU C 286 -42.80 -26.57 -3.51
N TYR C 287 -43.81 -25.79 -3.15
CA TYR C 287 -43.60 -24.74 -2.16
C TYR C 287 -43.14 -25.33 -0.83
N GLN C 288 -43.83 -26.37 -0.36
CA GLN C 288 -43.48 -27.01 0.91
C GLN C 288 -42.09 -27.64 0.87
N ALA C 289 -41.79 -28.37 -0.20
CA ALA C 289 -40.48 -29.02 -0.34
C ALA C 289 -39.38 -27.97 -0.28
N THR C 290 -39.61 -26.83 -0.93
CA THR C 290 -38.65 -25.75 -0.96
C THR C 290 -38.46 -25.19 0.45
N SER C 291 -39.54 -25.17 1.23
CA SER C 291 -39.46 -24.65 2.59
C SER C 291 -38.65 -25.57 3.48
N ASP C 292 -38.29 -26.74 2.97
CA ASP C 292 -37.52 -27.69 3.77
C ASP C 292 -36.02 -27.49 3.63
N THR C 293 -35.63 -26.46 2.88
CA THR C 293 -34.22 -26.14 2.72
C THR C 293 -34.05 -24.83 3.48
N PRO C 294 -32.84 -24.52 3.94
CA PRO C 294 -32.61 -23.29 4.70
C PRO C 294 -32.82 -21.97 3.96
N GLY C 295 -33.27 -20.96 4.71
CA GLY C 295 -33.52 -19.64 4.15
C GLY C 295 -32.35 -18.72 4.45
N VAL C 296 -32.30 -17.60 3.74
CA VAL C 296 -31.22 -16.63 3.89
C VAL C 296 -30.91 -16.22 5.33
N LEU C 297 -31.94 -16.15 6.17
CA LEU C 297 -31.70 -15.75 7.56
C LEU C 297 -31.48 -16.93 8.50
N ALA C 298 -31.53 -18.16 7.95
CA ALA C 298 -31.29 -19.34 8.76
C ALA C 298 -29.80 -19.38 9.09
N TYR C 299 -29.40 -20.36 9.90
CA TYR C 299 -28.00 -20.50 10.33
C TYR C 299 -26.98 -20.45 9.19
N PRO C 300 -27.18 -21.25 8.11
CA PRO C 300 -26.24 -21.23 7.00
C PRO C 300 -25.98 -19.84 6.41
N SER C 301 -26.83 -18.89 6.78
CA SER C 301 -26.70 -17.51 6.35
C SER C 301 -26.36 -17.33 4.87
N LEU C 302 -25.35 -16.50 4.58
CA LEU C 302 -24.96 -16.23 3.20
C LEU C 302 -24.56 -17.42 2.32
N ARG C 303 -24.56 -18.62 2.91
CA ARG C 303 -24.27 -19.82 2.14
C ARG C 303 -25.67 -20.21 1.65
N LEU C 304 -26.22 -19.36 0.79
CA LEU C 304 -27.55 -19.52 0.24
C LEU C 304 -27.84 -20.86 -0.42
N SER C 305 -29.08 -21.31 -0.28
CA SER C 305 -29.52 -22.56 -0.88
C SER C 305 -29.78 -22.32 -2.38
N TYR C 306 -30.07 -21.07 -2.72
CA TYR C 306 -30.36 -20.69 -4.09
C TYR C 306 -29.62 -19.40 -4.45
N LEU C 307 -28.88 -19.43 -5.55
CA LEU C 307 -28.11 -18.28 -6.01
C LEU C 307 -27.52 -18.59 -7.38
N PRO C 308 -27.09 -17.54 -8.12
CA PRO C 308 -26.50 -17.73 -9.45
C PRO C 308 -25.23 -18.56 -9.35
N ARG C 309 -25.05 -19.49 -10.30
CA ARG C 309 -23.87 -20.36 -10.31
C ARG C 309 -23.36 -20.54 -11.74
N PRO C 310 -22.03 -20.65 -11.92
CA PRO C 310 -21.49 -20.84 -13.27
C PRO C 310 -22.15 -22.04 -13.93
N ASP C 311 -22.59 -21.89 -15.18
CA ASP C 311 -23.25 -22.97 -15.90
C ASP C 311 -22.48 -23.44 -17.13
N GLY C 312 -21.46 -22.68 -17.51
CA GLY C 312 -20.65 -23.03 -18.67
C GLY C 312 -21.04 -22.39 -19.99
N THR C 313 -22.26 -21.87 -20.09
CA THR C 313 -22.69 -21.26 -21.34
C THR C 313 -23.06 -19.78 -21.25
N PHE C 314 -23.84 -19.41 -20.24
CA PHE C 314 -24.23 -18.01 -20.08
C PHE C 314 -23.27 -17.38 -19.07
N ILE C 315 -23.14 -18.05 -17.95
CA ILE C 315 -22.11 -17.72 -16.94
C ILE C 315 -21.07 -18.80 -17.12
N THR C 316 -20.19 -18.53 -18.05
CA THR C 316 -19.23 -19.52 -18.52
C THR C 316 -18.20 -20.00 -17.51
N ASP C 317 -18.00 -19.27 -16.43
CA ASP C 317 -16.97 -19.71 -15.49
C ASP C 317 -16.97 -18.92 -14.19
N ASP C 318 -16.07 -19.34 -13.31
CA ASP C 318 -15.81 -18.70 -12.02
C ASP C 318 -16.02 -17.20 -12.27
N MET C 319 -16.95 -16.58 -11.54
CA MET C 319 -17.22 -15.16 -11.77
C MET C 319 -16.04 -14.24 -11.45
N TYR C 320 -15.16 -14.65 -10.56
CA TYR C 320 -13.99 -13.85 -10.25
C TYR C 320 -13.03 -13.99 -11.43
N ALA C 321 -13.00 -15.18 -12.02
CA ALA C 321 -12.14 -15.45 -13.17
C ALA C 321 -12.60 -14.63 -14.36
N LEU C 322 -13.91 -14.55 -14.56
CA LEU C 322 -14.47 -13.80 -15.67
C LEU C 322 -14.02 -12.34 -15.65
N VAL C 323 -13.94 -11.74 -14.46
CA VAL C 323 -13.53 -10.35 -14.33
C VAL C 323 -12.06 -10.11 -14.66
N ARG C 324 -11.18 -10.97 -14.17
CA ARG C 324 -9.78 -10.76 -14.47
C ARG C 324 -9.46 -11.16 -15.91
N ASP C 325 -10.31 -11.98 -16.51
CA ASP C 325 -10.09 -12.40 -17.90
C ASP C 325 -10.78 -11.48 -18.91
N GLY C 326 -11.27 -10.34 -18.46
CA GLY C 326 -11.92 -9.39 -19.34
C GLY C 326 -13.18 -9.85 -20.09
N LYS C 327 -13.85 -10.88 -19.60
CA LYS C 327 -15.07 -11.37 -20.26
C LYS C 327 -16.29 -10.60 -19.76
N TYR C 328 -16.38 -9.34 -20.15
CA TYR C 328 -17.48 -8.46 -19.75
C TYR C 328 -17.75 -7.37 -20.77
N ALA C 329 -18.96 -6.83 -20.74
CA ALA C 329 -19.32 -5.76 -21.67
C ALA C 329 -18.52 -4.55 -21.24
N HIS C 330 -18.25 -3.67 -22.18
CA HIS C 330 -17.49 -2.46 -21.91
C HIS C 330 -18.41 -1.26 -21.71
N VAL C 331 -18.81 -1.02 -20.47
CA VAL C 331 -19.69 0.10 -20.15
C VAL C 331 -19.21 0.75 -18.87
N PRO C 332 -19.54 2.04 -18.68
CA PRO C 332 -19.13 2.73 -17.45
C PRO C 332 -19.99 2.14 -16.32
N VAL C 333 -19.50 2.21 -15.08
CA VAL C 333 -20.25 1.65 -13.97
C VAL C 333 -20.09 2.43 -12.67
N ILE C 334 -21.06 2.22 -11.79
CA ILE C 334 -21.04 2.79 -10.45
C ILE C 334 -21.29 1.56 -9.59
N ILE C 335 -20.51 1.41 -8.52
CA ILE C 335 -20.67 0.29 -7.60
C ILE C 335 -20.26 0.77 -6.23
N GLY C 336 -21.05 0.43 -5.21
CA GLY C 336 -20.74 0.85 -3.87
C GLY C 336 -21.32 -0.07 -2.82
N ASP C 337 -21.09 0.28 -1.56
CA ASP C 337 -21.57 -0.52 -0.43
C ASP C 337 -22.00 0.34 0.76
N GLN C 338 -22.68 -0.32 1.69
CA GLN C 338 -23.10 0.28 2.92
C GLN C 338 -21.98 -0.13 3.88
N ASN C 339 -21.54 0.80 4.71
CA ASN C 339 -20.44 0.53 5.63
C ASN C 339 -20.50 -0.82 6.34
N ASP C 340 -21.68 -1.19 6.86
CA ASP C 340 -21.82 -2.45 7.60
C ASP C 340 -22.78 -3.46 6.94
N GLU C 341 -22.39 -3.97 5.79
CA GLU C 341 -23.21 -4.92 5.03
C GLU C 341 -23.56 -6.21 5.78
N GLY C 342 -22.61 -6.73 6.55
CA GLY C 342 -22.84 -8.00 7.24
C GLY C 342 -23.62 -8.10 8.55
N THR C 343 -23.71 -7.01 9.31
CA THR C 343 -24.42 -7.04 10.59
C THR C 343 -25.77 -7.77 10.58
N LEU C 344 -26.58 -7.51 9.57
CA LEU C 344 -27.89 -8.14 9.47
C LEU C 344 -27.75 -9.66 9.39
N PHE C 345 -26.77 -10.11 8.62
CA PHE C 345 -26.52 -11.53 8.43
C PHE C 345 -25.85 -12.18 9.65
N GLY C 346 -25.02 -11.41 10.35
CA GLY C 346 -24.34 -11.92 11.52
C GLY C 346 -25.28 -12.31 12.64
N LEU C 347 -26.50 -11.78 12.60
CA LEU C 347 -27.49 -12.08 13.63
C LEU C 347 -28.03 -13.50 13.52
N SER C 348 -27.70 -14.19 12.43
CA SER C 348 -28.17 -15.55 12.23
C SER C 348 -27.27 -16.58 12.90
N SER C 349 -26.12 -16.12 13.40
CA SER C 349 -25.16 -17.01 14.05
C SER C 349 -24.79 -16.56 15.47
N LEU C 350 -25.78 -16.08 16.21
CA LEU C 350 -25.53 -15.61 17.57
C LEU C 350 -25.16 -16.71 18.56
N ASN C 351 -25.45 -17.96 18.21
CA ASN C 351 -25.12 -19.08 19.10
C ASN C 351 -23.64 -19.41 19.01
N VAL C 352 -22.90 -18.60 18.26
CA VAL C 352 -21.46 -18.76 18.09
C VAL C 352 -20.82 -17.67 18.95
N THR C 353 -20.16 -18.08 20.04
CA THR C 353 -19.54 -17.11 20.94
C THR C 353 -18.05 -17.31 21.22
N THR C 354 -17.48 -18.42 20.76
CA THR C 354 -16.07 -18.68 20.99
C THR C 354 -15.28 -18.78 19.69
N ASP C 355 -13.97 -18.54 19.77
CA ASP C 355 -13.14 -18.59 18.59
C ASP C 355 -13.16 -20.00 17.99
N ALA C 356 -13.28 -21.00 18.85
CA ALA C 356 -13.31 -22.38 18.40
C ALA C 356 -14.58 -22.61 17.59
N GLN C 357 -15.69 -22.05 18.06
CA GLN C 357 -16.97 -22.20 17.37
C GLN C 357 -16.94 -21.45 16.04
N ALA C 358 -16.28 -20.30 16.02
CA ALA C 358 -16.15 -19.50 14.81
C ALA C 358 -15.44 -20.28 13.71
N ARG C 359 -14.30 -20.89 14.06
CA ARG C 359 -13.53 -21.67 13.10
C ARG C 359 -14.41 -22.79 12.54
N ALA C 360 -15.17 -23.42 13.42
CA ALA C 360 -16.06 -24.50 13.02
C ALA C 360 -17.10 -23.97 12.05
N TYR C 361 -17.63 -22.79 12.35
CA TYR C 361 -18.64 -22.18 11.50
C TYR C 361 -18.05 -21.81 10.14
N PHE C 362 -16.85 -21.23 10.15
CA PHE C 362 -16.22 -20.85 8.90
C PHE C 362 -15.89 -22.08 8.07
N LYS C 363 -15.46 -23.15 8.74
CA LYS C 363 -15.11 -24.39 8.06
C LYS C 363 -16.32 -25.03 7.38
N GLN C 364 -17.48 -25.00 8.02
CA GLN C 364 -18.66 -25.59 7.41
C GLN C 364 -19.26 -24.63 6.39
N SER C 365 -18.95 -23.35 6.52
CA SER C 365 -19.44 -22.35 5.58
C SER C 365 -18.64 -22.41 4.27
N PHE C 366 -17.32 -22.55 4.39
CA PHE C 366 -16.42 -22.60 3.25
C PHE C 366 -15.76 -23.97 3.10
N ILE C 367 -16.51 -24.90 2.50
CA ILE C 367 -16.04 -26.27 2.33
C ILE C 367 -14.75 -26.46 1.52
N HIS C 368 -14.34 -25.43 0.79
CA HIS C 368 -13.12 -25.53 -0.02
C HIS C 368 -11.90 -24.93 0.65
N ALA C 369 -12.07 -24.33 1.82
CA ALA C 369 -10.98 -23.70 2.54
C ALA C 369 -10.13 -24.71 3.33
N SER C 370 -8.82 -24.63 3.20
CA SER C 370 -7.92 -25.53 3.92
C SER C 370 -7.78 -24.94 5.33
N ASP C 371 -7.30 -25.75 6.27
CA ASP C 371 -7.10 -25.27 7.62
C ASP C 371 -6.18 -24.06 7.63
N ALA C 372 -5.17 -24.06 6.77
CA ALA C 372 -4.23 -22.96 6.67
C ALA C 372 -4.96 -21.68 6.24
N GLU C 373 -5.87 -21.83 5.28
CA GLU C 373 -6.63 -20.68 4.79
C GLU C 373 -7.58 -20.15 5.86
N ILE C 374 -8.11 -21.06 6.68
CA ILE C 374 -9.01 -20.65 7.75
C ILE C 374 -8.18 -19.96 8.83
N ASP C 375 -6.93 -20.39 8.99
CA ASP C 375 -6.03 -19.78 9.96
C ASP C 375 -5.75 -18.35 9.54
N THR C 376 -5.46 -18.17 8.26
CA THR C 376 -5.16 -16.85 7.71
C THR C 376 -6.41 -15.96 7.81
N LEU C 377 -7.56 -16.53 7.50
CA LEU C 377 -8.82 -15.80 7.55
C LEU C 377 -9.08 -15.29 8.96
N MET C 378 -8.93 -16.17 9.94
CA MET C 378 -9.17 -15.80 11.34
C MET C 378 -8.07 -14.88 11.88
N ALA C 379 -7.02 -14.68 11.10
CA ALA C 379 -5.94 -13.80 11.50
C ALA C 379 -6.24 -12.38 10.99
N ALA C 380 -6.99 -12.31 9.90
CA ALA C 380 -7.37 -11.03 9.29
C ALA C 380 -8.60 -10.51 10.01
N TYR C 381 -9.48 -11.44 10.39
CA TYR C 381 -10.68 -11.09 11.13
C TYR C 381 -10.53 -11.64 12.54
N THR C 382 -9.76 -10.93 13.36
CA THR C 382 -9.52 -11.33 14.74
C THR C 382 -10.80 -11.32 15.55
N SER C 383 -10.68 -11.65 16.83
CA SER C 383 -11.82 -11.68 17.73
C SER C 383 -11.93 -10.34 18.45
N ASP C 384 -11.01 -9.43 18.14
CA ASP C 384 -11.00 -8.10 18.75
C ASP C 384 -12.31 -7.40 18.40
N ILE C 385 -13.25 -7.36 19.34
CA ILE C 385 -14.56 -6.75 19.12
C ILE C 385 -14.55 -5.33 18.58
N THR C 386 -13.42 -4.62 18.71
CA THR C 386 -13.36 -3.25 18.21
C THR C 386 -13.01 -3.17 16.72
N GLN C 387 -12.70 -4.32 16.12
CA GLN C 387 -12.34 -4.34 14.70
C GLN C 387 -13.43 -4.97 13.83
N GLY C 388 -14.53 -5.36 14.46
CA GLY C 388 -15.62 -5.97 13.71
C GLY C 388 -16.68 -4.95 13.31
N SER C 389 -17.72 -5.42 12.63
CA SER C 389 -18.81 -4.57 12.18
C SER C 389 -19.97 -4.68 13.17
N PRO C 390 -20.66 -3.56 13.48
CA PRO C 390 -20.47 -2.18 13.00
C PRO C 390 -19.04 -1.66 13.17
N PHE C 391 -18.41 -1.28 12.06
CA PHE C 391 -17.06 -0.77 12.08
C PHE C 391 -16.91 0.56 12.82
N ASP C 392 -15.76 0.75 13.45
CA ASP C 392 -15.45 1.97 14.20
C ASP C 392 -16.44 2.29 15.31
N THR C 393 -16.92 1.25 16.00
CA THR C 393 -17.87 1.42 17.10
C THR C 393 -17.27 0.93 18.41
N GLY C 394 -15.94 0.97 18.50
CA GLY C 394 -15.26 0.55 19.71
C GLY C 394 -15.73 -0.77 20.30
N ILE C 395 -15.98 -0.79 21.60
CA ILE C 395 -16.41 -2.00 22.28
C ILE C 395 -17.93 -2.15 22.36
N PHE C 396 -18.65 -1.33 21.60
CA PHE C 396 -20.10 -1.40 21.58
C PHE C 396 -20.62 -2.35 20.52
N ASN C 397 -21.89 -2.72 20.64
CA ASN C 397 -22.55 -3.60 19.67
C ASN C 397 -22.08 -5.04 19.68
N ALA C 398 -21.29 -5.41 20.69
CA ALA C 398 -20.78 -6.77 20.79
C ALA C 398 -21.83 -7.73 21.38
N ILE C 399 -22.93 -7.92 20.64
CA ILE C 399 -23.99 -8.83 21.08
C ILE C 399 -23.38 -10.10 21.66
N THR C 400 -22.30 -10.55 21.03
CA THR C 400 -21.58 -11.75 21.47
C THR C 400 -20.13 -11.46 21.17
N PRO C 401 -19.22 -12.36 21.56
CA PRO C 401 -17.80 -12.12 21.28
C PRO C 401 -17.42 -12.36 19.82
N GLN C 402 -18.32 -12.99 19.06
CA GLN C 402 -18.04 -13.31 17.66
C GLN C 402 -18.92 -12.59 16.65
N PHE C 403 -19.97 -11.93 17.11
CA PHE C 403 -20.89 -11.22 16.22
C PHE C 403 -20.23 -10.22 15.27
N LYS C 404 -19.48 -9.28 15.81
CA LYS C 404 -18.83 -8.26 15.00
C LYS C 404 -17.81 -8.78 13.99
N ARG C 405 -17.10 -9.86 14.31
CA ARG C 405 -16.13 -10.39 13.36
C ARG C 405 -16.83 -11.20 12.28
N ILE C 406 -17.86 -11.95 12.67
CA ILE C 406 -18.62 -12.74 11.70
C ILE C 406 -19.27 -11.80 10.69
N SER C 407 -19.84 -10.70 11.20
CA SER C 407 -20.51 -9.71 10.35
C SER C 407 -19.54 -9.07 9.38
N ALA C 408 -18.37 -8.69 9.87
CA ALA C 408 -17.36 -8.08 9.03
C ALA C 408 -16.99 -9.03 7.89
N LEU C 409 -16.75 -10.29 8.24
CA LEU C 409 -16.37 -11.32 7.25
C LEU C 409 -17.45 -11.54 6.21
N LEU C 410 -18.67 -11.82 6.67
CA LEU C 410 -19.77 -12.06 5.75
C LEU C 410 -19.96 -10.84 4.84
N GLY C 411 -19.96 -9.66 5.44
CA GLY C 411 -20.15 -8.44 4.68
C GLY C 411 -19.09 -8.23 3.61
N ASP C 412 -17.82 -8.36 3.99
CA ASP C 412 -16.72 -8.17 3.06
C ASP C 412 -16.65 -9.16 1.91
N LEU C 413 -16.82 -10.44 2.21
CA LEU C 413 -16.77 -11.48 1.21
C LEU C 413 -17.90 -11.40 0.19
N ALA C 414 -19.10 -11.15 0.69
CA ALA C 414 -20.27 -11.07 -0.18
C ALA C 414 -20.42 -9.74 -0.90
N PHE C 415 -19.96 -8.64 -0.28
CA PHE C 415 -20.15 -7.34 -0.90
C PHE C 415 -18.98 -6.36 -0.98
N THR C 416 -18.64 -5.78 0.16
CA THR C 416 -17.63 -4.75 0.24
C THR C 416 -16.21 -5.00 -0.29
N LEU C 417 -15.61 -6.14 0.02
CA LEU C 417 -14.26 -6.39 -0.48
C LEU C 417 -14.30 -7.01 -1.88
N ALA C 418 -15.37 -7.73 -2.18
CA ALA C 418 -15.54 -8.32 -3.51
C ALA C 418 -15.62 -7.15 -4.50
N ARG C 419 -16.22 -6.05 -4.06
CA ARG C 419 -16.33 -4.86 -4.88
C ARG C 419 -14.95 -4.34 -5.25
N ARG C 420 -14.07 -4.26 -4.24
CA ARG C 420 -12.71 -3.76 -4.46
C ARG C 420 -12.01 -4.63 -5.51
N TYR C 421 -12.23 -5.94 -5.42
CA TYR C 421 -11.64 -6.89 -6.35
C TYR C 421 -12.17 -6.63 -7.76
N PHE C 422 -13.47 -6.37 -7.86
CA PHE C 422 -14.10 -6.08 -9.14
C PHE C 422 -13.50 -4.80 -9.73
N LEU C 423 -13.41 -3.76 -8.91
CA LEU C 423 -12.87 -2.47 -9.33
C LEU C 423 -11.41 -2.55 -9.78
N ASN C 424 -10.63 -3.41 -9.14
CA ASN C 424 -9.23 -3.54 -9.51
C ASN C 424 -9.05 -4.18 -10.88
N TYR C 425 -9.86 -5.18 -11.21
CA TYR C 425 -9.72 -5.86 -12.50
C TYR C 425 -10.58 -5.33 -13.65
N TYR C 426 -11.75 -4.78 -13.33
CA TYR C 426 -12.64 -4.28 -14.37
C TYR C 426 -12.10 -3.08 -15.14
N GLN C 427 -11.91 -3.26 -16.44
CA GLN C 427 -11.43 -2.19 -17.30
C GLN C 427 -12.44 -1.95 -18.42
N GLY C 428 -13.70 -2.34 -18.19
CA GLY C 428 -14.73 -2.15 -19.20
C GLY C 428 -15.12 -0.71 -19.46
N GLY C 429 -14.87 0.17 -18.49
CA GLY C 429 -15.22 1.57 -18.66
C GLY C 429 -14.95 2.36 -17.41
N THR C 430 -15.23 3.65 -17.46
CA THR C 430 -15.01 4.52 -16.31
C THR C 430 -15.75 3.94 -15.10
N LYS C 431 -15.11 3.99 -13.94
CA LYS C 431 -15.69 3.46 -12.72
C LYS C 431 -15.85 4.51 -11.63
N TYR C 432 -16.95 4.42 -10.90
CA TYR C 432 -17.27 5.31 -9.79
C TYR C 432 -17.69 4.42 -8.63
N SER C 433 -17.23 4.72 -7.42
CA SER C 433 -17.58 3.90 -6.26
C SER C 433 -17.97 4.73 -5.04
N PHE C 434 -18.85 4.17 -4.22
CA PHE C 434 -19.29 4.86 -3.01
C PHE C 434 -19.34 3.93 -1.81
N LEU C 435 -19.21 4.53 -0.62
CA LEU C 435 -19.26 3.79 0.64
C LEU C 435 -20.14 4.60 1.59
N SER C 436 -21.29 4.07 1.95
CA SER C 436 -22.21 4.78 2.83
C SER C 436 -22.01 4.57 4.33
N LYS C 437 -21.97 5.68 5.05
CA LYS C 437 -21.83 5.68 6.51
C LYS C 437 -22.95 6.57 7.06
N GLN C 438 -24.06 6.61 6.33
CA GLN C 438 -25.23 7.42 6.66
C GLN C 438 -25.89 7.07 8.01
N LEU C 439 -25.75 5.82 8.44
CA LEU C 439 -26.37 5.40 9.69
C LEU C 439 -25.38 5.13 10.83
N SER C 440 -24.22 5.77 10.80
CA SER C 440 -23.23 5.57 11.85
C SER C 440 -23.84 5.89 13.21
N GLY C 441 -23.76 4.93 14.13
CA GLY C 441 -24.31 5.14 15.44
C GLY C 441 -25.43 4.15 15.72
N LEU C 442 -26.22 3.86 14.70
CA LEU C 442 -27.31 2.91 14.85
C LEU C 442 -26.77 1.70 15.59
N PRO C 443 -27.38 1.35 16.72
CA PRO C 443 -26.96 0.21 17.53
C PRO C 443 -27.14 -1.16 16.89
N VAL C 444 -26.18 -2.04 17.11
CA VAL C 444 -26.19 -3.40 16.59
C VAL C 444 -25.96 -3.58 15.10
N LEU C 445 -26.60 -2.74 14.28
CA LEU C 445 -26.47 -2.87 12.83
C LEU C 445 -25.54 -1.87 12.14
N GLY C 446 -25.54 -0.63 12.60
CA GLY C 446 -24.71 0.38 11.96
C GLY C 446 -25.35 0.66 10.60
N THR C 447 -24.56 1.08 9.61
CA THR C 447 -25.12 1.34 8.28
C THR C 447 -25.31 -0.03 7.62
N PHE C 448 -26.46 -0.63 7.90
CA PHE C 448 -26.80 -1.96 7.44
C PHE C 448 -27.18 -2.17 5.98
N HIS C 449 -27.06 -3.43 5.58
CA HIS C 449 -27.36 -3.89 4.23
C HIS C 449 -28.82 -3.62 3.86
N GLY C 450 -29.03 -2.83 2.79
CA GLY C 450 -30.39 -2.55 2.34
C GLY C 450 -31.02 -1.23 2.76
N ASN C 451 -30.39 -0.52 3.69
CA ASN C 451 -30.92 0.76 4.16
C ASN C 451 -31.01 1.80 3.04
N ASP C 452 -30.15 1.67 2.05
CA ASP C 452 -30.15 2.62 0.93
C ASP C 452 -31.50 2.61 0.21
N ILE C 453 -32.20 1.49 0.28
CA ILE C 453 -33.52 1.36 -0.35
C ILE C 453 -34.48 2.44 0.18
N ILE C 454 -34.39 2.70 1.48
CA ILE C 454 -35.25 3.68 2.13
C ILE C 454 -35.12 5.06 1.50
N TRP C 455 -33.89 5.54 1.42
CA TRP C 455 -33.60 6.86 0.89
C TRP C 455 -33.69 6.95 -0.63
N GLN C 456 -33.84 5.80 -1.27
CA GLN C 456 -33.95 5.76 -2.73
C GLN C 456 -35.40 5.65 -3.20
N ASP C 457 -36.23 4.95 -2.44
CA ASP C 457 -37.62 4.75 -2.83
C ASP C 457 -38.71 5.26 -1.90
N TYR C 458 -38.41 5.38 -0.61
CA TYR C 458 -39.43 5.82 0.34
C TYR C 458 -39.26 7.20 0.95
N LEU C 459 -38.09 7.47 1.51
CA LEU C 459 -37.84 8.76 2.15
C LEU C 459 -36.67 9.52 1.54
N VAL C 460 -36.47 10.74 2.01
CA VAL C 460 -35.39 11.59 1.55
C VAL C 460 -34.39 11.74 2.71
N GLY C 461 -33.14 11.38 2.45
CA GLY C 461 -32.11 11.49 3.45
C GLY C 461 -30.84 12.00 2.79
N SER C 462 -29.78 12.14 3.55
CA SER C 462 -28.51 12.61 2.99
C SER C 462 -28.06 11.73 1.82
N GLY C 463 -28.32 10.43 1.90
CA GLY C 463 -27.91 9.53 0.84
C GLY C 463 -28.74 9.59 -0.43
N SER C 464 -29.91 10.22 -0.35
CA SER C 464 -30.80 10.34 -1.50
C SER C 464 -30.13 11.06 -2.66
N VAL C 465 -29.25 12.00 -2.35
CA VAL C 465 -28.53 12.74 -3.38
C VAL C 465 -27.68 11.81 -4.24
N ILE C 466 -27.33 10.65 -3.68
CA ILE C 466 -26.53 9.66 -4.41
C ILE C 466 -27.47 8.65 -5.06
N TYR C 467 -28.23 7.95 -4.22
CA TYR C 467 -29.16 6.92 -4.66
C TYR C 467 -30.16 7.40 -5.71
N ASN C 468 -30.44 8.69 -5.70
CA ASN C 468 -31.36 9.24 -6.69
C ASN C 468 -30.62 10.18 -7.64
N ASN C 469 -30.34 11.40 -7.18
CA ASN C 469 -29.67 12.42 -7.99
C ASN C 469 -28.51 11.92 -8.85
N ALA C 470 -27.45 11.46 -8.20
CA ALA C 470 -26.26 10.99 -8.91
C ALA C 470 -26.57 9.85 -9.89
N PHE C 471 -27.34 8.87 -9.45
CA PHE C 471 -27.67 7.74 -10.33
C PHE C 471 -28.44 8.20 -11.56
N ILE C 472 -29.31 9.21 -11.39
CA ILE C 472 -30.09 9.71 -12.51
C ILE C 472 -29.17 10.42 -13.51
N ALA C 473 -28.22 11.20 -12.99
CA ALA C 473 -27.27 11.90 -13.84
C ALA C 473 -26.43 10.87 -14.62
N PHE C 474 -26.10 9.77 -13.95
CA PHE C 474 -25.31 8.72 -14.58
C PHE C 474 -26.08 8.08 -15.74
N ALA C 475 -27.33 7.73 -15.49
CA ALA C 475 -28.19 7.12 -16.52
C ALA C 475 -28.38 8.07 -17.70
N ASN C 476 -28.36 9.37 -17.41
CA ASN C 476 -28.54 10.40 -18.43
C ASN C 476 -27.27 10.77 -19.19
N ASP C 477 -26.22 11.13 -18.45
CA ASP C 477 -24.96 11.56 -19.06
C ASP C 477 -23.74 10.68 -18.80
N LEU C 478 -23.94 9.51 -18.20
CA LEU C 478 -22.85 8.59 -17.91
C LEU C 478 -21.80 9.20 -16.97
N ASP C 479 -22.22 10.14 -16.14
CA ASP C 479 -21.31 10.79 -15.20
C ASP C 479 -22.12 11.36 -14.03
N PRO C 480 -21.98 10.76 -12.84
CA PRO C 480 -22.71 11.21 -11.65
C PRO C 480 -22.53 12.69 -11.33
N ASN C 481 -21.39 13.24 -11.74
CA ASN C 481 -21.08 14.64 -11.47
C ASN C 481 -21.99 15.60 -12.23
N LYS C 482 -22.68 15.10 -13.23
CA LYS C 482 -23.59 15.94 -14.01
C LYS C 482 -24.85 16.23 -13.19
N ALA C 483 -24.85 15.78 -11.94
CA ALA C 483 -25.97 15.98 -11.03
C ALA C 483 -25.81 17.27 -10.22
N GLY C 484 -24.71 17.96 -10.42
CA GLY C 484 -24.47 19.21 -9.70
C GLY C 484 -24.45 19.07 -8.20
N LEU C 485 -23.70 18.09 -7.70
CA LEU C 485 -23.58 17.86 -6.26
C LEU C 485 -22.46 18.77 -5.76
N TRP C 486 -22.46 19.09 -4.48
CA TRP C 486 -21.42 19.96 -3.94
C TRP C 486 -20.06 19.29 -3.78
N THR C 487 -20.06 17.96 -3.63
CA THR C 487 -18.81 17.22 -3.49
C THR C 487 -18.58 16.48 -4.79
N ASN C 488 -17.42 16.70 -5.41
CA ASN C 488 -17.11 16.04 -6.66
C ASN C 488 -16.86 14.56 -6.44
N TRP C 489 -17.30 13.73 -7.38
CA TRP C 489 -17.12 12.29 -7.28
C TRP C 489 -15.92 11.92 -8.15
N PRO C 490 -14.79 11.53 -7.52
CA PRO C 490 -13.61 11.16 -8.29
C PRO C 490 -13.80 9.80 -8.95
N THR C 491 -13.11 9.59 -10.07
CA THR C 491 -13.21 8.32 -10.76
C THR C 491 -12.34 7.30 -10.01
N TYR C 492 -12.69 6.03 -10.13
CA TYR C 492 -11.96 4.96 -9.47
C TYR C 492 -11.16 4.16 -10.48
N THR C 493 -9.87 3.97 -10.23
CA THR C 493 -9.02 3.17 -11.11
C THR C 493 -8.54 1.91 -10.37
N SER C 494 -8.07 2.07 -9.12
CA SER C 494 -7.63 0.92 -8.32
C SER C 494 -7.53 1.32 -6.84
N SER C 495 -7.42 0.33 -5.97
CA SER C 495 -7.34 0.58 -4.54
C SER C 495 -6.02 1.22 -4.07
N SER C 496 -5.05 1.33 -4.97
CA SER C 496 -3.77 1.94 -4.61
C SER C 496 -3.53 3.19 -5.46
N GLN C 497 -4.60 3.73 -6.03
CA GLN C 497 -4.51 4.92 -6.85
C GLN C 497 -4.24 6.13 -5.96
N SER C 498 -3.75 7.21 -6.55
CA SER C 498 -3.46 8.41 -5.80
C SER C 498 -4.72 9.16 -5.39
N GLY C 499 -4.80 9.52 -4.10
CA GLY C 499 -5.92 10.26 -3.59
C GLY C 499 -7.20 9.50 -3.25
N ASN C 500 -8.18 10.23 -2.75
CA ASN C 500 -9.47 9.65 -2.39
C ASN C 500 -10.16 9.13 -3.66
N ASN C 501 -10.69 7.92 -3.58
CA ASN C 501 -11.36 7.32 -4.73
C ASN C 501 -12.80 6.86 -4.45
N LEU C 502 -13.31 7.20 -3.27
CA LEU C 502 -14.67 6.81 -2.90
C LEU C 502 -15.57 7.97 -2.47
N MET C 503 -16.79 7.98 -3.00
CA MET C 503 -17.77 8.99 -2.62
C MET C 503 -18.39 8.40 -1.36
N GLN C 504 -18.40 9.18 -0.27
CA GLN C 504 -18.95 8.68 0.98
C GLN C 504 -20.07 9.52 1.56
N ILE C 505 -20.95 8.86 2.31
CA ILE C 505 -22.10 9.51 2.91
C ILE C 505 -22.15 9.41 4.42
N ASN C 506 -22.44 10.53 5.07
CA ASN C 506 -22.59 10.54 6.52
C ASN C 506 -24.04 10.94 6.76
N GLY C 507 -24.42 11.14 8.02
CA GLY C 507 -25.80 11.50 8.31
C GLY C 507 -26.28 12.84 7.78
N LEU C 508 -25.34 13.74 7.48
CA LEU C 508 -25.72 15.07 7.00
C LEU C 508 -25.45 15.31 5.52
N GLY C 509 -24.26 14.98 5.06
CA GLY C 509 -23.94 15.22 3.66
C GLY C 509 -22.94 14.28 3.02
N LEU C 510 -22.17 14.81 2.08
CA LEU C 510 -21.18 14.04 1.35
C LEU C 510 -19.75 14.47 1.60
N TYR C 511 -18.83 13.53 1.42
CA TYR C 511 -17.40 13.74 1.56
C TYR C 511 -16.75 12.55 0.87
N THR C 512 -15.43 12.53 0.79
CA THR C 512 -14.76 11.40 0.14
C THR C 512 -13.72 10.73 1.03
N GLY C 513 -13.38 9.50 0.66
CA GLY C 513 -12.40 8.74 1.41
C GLY C 513 -11.63 7.80 0.51
N LYS C 514 -10.92 6.84 1.12
CA LYS C 514 -10.13 5.89 0.37
C LYS C 514 -10.58 4.45 0.59
N ASP C 515 -10.53 3.66 -0.49
CA ASP C 515 -10.92 2.26 -0.45
C ASP C 515 -9.67 1.45 -0.11
N ASN C 516 -9.10 1.72 1.06
CA ASN C 516 -7.89 1.04 1.51
C ASN C 516 -8.02 0.43 2.90
N PHE C 517 -9.25 0.17 3.33
CA PHE C 517 -9.47 -0.42 4.65
C PHE C 517 -9.44 -1.95 4.60
N ARG C 518 -9.13 -2.55 5.74
CA ARG C 518 -9.06 -4.01 5.88
C ARG C 518 -8.31 -4.71 4.74
N PRO C 519 -7.11 -4.24 4.40
CA PRO C 519 -6.28 -4.80 3.32
C PRO C 519 -5.87 -6.27 3.51
N ASP C 520 -5.57 -6.65 4.74
CA ASP C 520 -5.17 -8.02 5.00
C ASP C 520 -6.35 -8.97 4.86
N ALA C 521 -7.55 -8.45 5.09
CA ALA C 521 -8.76 -9.25 4.96
C ALA C 521 -8.95 -9.49 3.47
N TYR C 522 -8.67 -8.46 2.68
CA TYR C 522 -8.79 -8.53 1.23
C TYR C 522 -7.89 -9.64 0.66
N SER C 523 -6.62 -9.64 1.00
CA SER C 523 -5.70 -10.66 0.48
C SER C 523 -6.04 -12.05 0.99
N ALA C 524 -6.43 -12.15 2.26
CA ALA C 524 -6.77 -13.42 2.88
C ALA C 524 -7.99 -14.05 2.22
N LEU C 525 -8.87 -13.20 1.75
CA LEU C 525 -10.11 -13.61 1.11
C LEU C 525 -9.94 -13.92 -0.37
N PHE C 526 -9.12 -13.12 -1.04
CA PHE C 526 -8.95 -13.26 -2.48
C PHE C 526 -7.62 -13.73 -3.07
N SER C 527 -6.71 -14.23 -2.24
CA SER C 527 -5.46 -14.74 -2.80
C SER C 527 -5.87 -15.89 -3.73
N ASN C 528 -7.01 -16.50 -3.39
CA ASN C 528 -7.60 -17.57 -4.18
C ASN C 528 -9.10 -17.57 -3.87
N PRO C 529 -9.86 -16.70 -4.56
CA PRO C 529 -11.31 -16.57 -4.37
C PRO C 529 -12.09 -17.88 -4.22
N PRO C 530 -11.87 -18.86 -5.11
CA PRO C 530 -12.59 -20.14 -5.04
C PRO C 530 -12.54 -20.85 -3.68
N SER C 531 -11.50 -20.59 -2.90
CA SER C 531 -11.37 -21.22 -1.59
C SER C 531 -12.52 -20.82 -0.68
N PHE C 532 -13.15 -19.69 -0.97
CA PHE C 532 -14.25 -19.24 -0.12
C PHE C 532 -15.61 -19.19 -0.82
N PHE C 533 -15.77 -20.05 -1.83
CA PHE C 533 -17.02 -20.15 -2.59
C PHE C 533 -18.00 -21.07 -1.86
N VAL C 534 -19.27 -20.96 -2.24
CA VAL C 534 -20.33 -21.77 -1.65
C VAL C 534 -21.01 -22.61 -2.73
N ALA D 1 -18.55 40.72 -23.30
CA ALA D 1 -18.06 40.40 -21.93
C ALA D 1 -17.45 41.62 -21.28
N PRO D 2 -17.77 41.87 -20.01
CA PRO D 2 -17.24 43.04 -19.29
C PRO D 2 -15.71 43.07 -19.27
N THR D 3 -15.14 44.24 -19.48
CA THR D 3 -13.70 44.40 -19.53
C THR D 3 -13.20 45.48 -18.55
N ALA D 4 -11.99 45.28 -18.04
CA ALA D 4 -11.38 46.22 -17.11
C ALA D 4 -9.88 46.26 -17.35
N THR D 5 -9.26 47.38 -17.00
CA THR D 5 -7.82 47.55 -17.16
C THR D 5 -7.18 47.64 -15.78
N LEU D 6 -6.14 46.84 -15.55
CA LEU D 6 -5.45 46.82 -14.26
C LEU D 6 -4.37 47.90 -14.17
N ALA D 7 -3.87 48.12 -12.96
CA ALA D 7 -2.85 49.13 -12.70
C ALA D 7 -1.64 49.07 -13.62
N ASN D 8 -1.25 47.87 -14.00
CA ASN D 8 -0.09 47.68 -14.87
C ASN D 8 -0.47 47.81 -16.34
N GLY D 9 -1.74 48.13 -16.59
CA GLY D 9 -2.18 48.28 -17.97
C GLY D 9 -2.76 47.02 -18.59
N ASP D 10 -2.79 45.91 -17.85
CA ASP D 10 -3.36 44.68 -18.38
C ASP D 10 -4.87 44.84 -18.60
N THR D 11 -5.38 44.24 -19.66
CA THR D 11 -6.80 44.28 -19.94
C THR D 11 -7.37 42.89 -19.66
N ILE D 12 -8.30 42.78 -18.73
CA ILE D 12 -8.88 41.50 -18.37
C ILE D 12 -10.38 41.44 -18.64
N THR D 13 -10.90 40.23 -18.81
CA THR D 13 -12.31 40.01 -19.09
C THR D 13 -13.00 39.38 -17.88
N GLY D 14 -14.28 39.70 -17.72
CA GLY D 14 -15.04 39.16 -16.60
C GLY D 14 -16.30 38.42 -17.04
N LEU D 15 -17.24 38.30 -16.12
CA LEU D 15 -18.49 37.60 -16.38
C LEU D 15 -19.69 38.53 -16.42
N ASN D 16 -20.49 38.40 -17.47
CA ASN D 16 -21.70 39.21 -17.58
C ASN D 16 -22.84 38.40 -16.94
N ALA D 17 -23.09 38.65 -15.66
CA ALA D 17 -24.15 37.94 -14.92
C ALA D 17 -25.51 38.62 -15.05
N ILE D 18 -25.59 39.63 -15.91
CA ILE D 18 -26.82 40.39 -16.16
C ILE D 18 -27.26 41.30 -15.00
N VAL D 19 -27.40 40.75 -13.81
CA VAL D 19 -27.79 41.57 -12.67
C VAL D 19 -26.56 42.36 -12.21
N ASN D 20 -25.40 41.92 -12.69
CA ASN D 20 -24.14 42.56 -12.36
C ASN D 20 -23.01 41.98 -13.21
N GLU D 21 -21.82 42.55 -13.05
CA GLU D 21 -20.65 42.08 -13.78
C GLU D 21 -19.63 41.61 -12.76
N LYS D 22 -19.05 40.45 -13.00
CA LYS D 22 -18.10 39.90 -12.06
C LYS D 22 -16.73 39.61 -12.66
N PHE D 23 -15.71 39.90 -11.88
CA PHE D 23 -14.33 39.62 -12.26
C PHE D 23 -13.89 38.78 -11.05
N LEU D 24 -13.90 37.46 -11.25
CA LEU D 24 -13.60 36.52 -10.17
C LEU D 24 -12.29 35.74 -10.28
N GLY D 25 -11.68 35.50 -9.12
CA GLY D 25 -10.45 34.74 -9.07
C GLY D 25 -9.19 35.42 -9.57
N ILE D 26 -9.10 36.73 -9.39
CA ILE D 26 -7.91 37.46 -9.85
C ILE D 26 -6.79 37.27 -8.83
N PRO D 27 -5.64 36.74 -9.27
CA PRO D 27 -4.53 36.57 -8.31
C PRO D 27 -3.93 37.89 -7.91
N PHE D 28 -3.81 38.13 -6.60
CA PHE D 28 -3.22 39.37 -6.11
C PHE D 28 -1.91 39.12 -5.39
N ALA D 29 -1.51 37.85 -5.30
CA ALA D 29 -0.26 37.48 -4.64
C ALA D 29 0.30 36.21 -5.24
N GLU D 30 1.61 36.01 -5.09
CA GLU D 30 2.24 34.80 -5.59
C GLU D 30 1.73 33.69 -4.67
N PRO D 31 1.56 32.47 -5.19
CA PRO D 31 1.10 31.36 -4.35
C PRO D 31 2.00 31.26 -3.12
N PRO D 32 1.42 31.32 -1.91
CA PRO D 32 2.22 31.23 -0.68
C PRO D 32 2.57 29.79 -0.31
N VAL D 33 3.23 29.10 -1.23
CA VAL D 33 3.59 27.71 -1.04
C VAL D 33 5.07 27.51 -0.74
N GLY D 34 5.42 26.30 -0.29
CA GLY D 34 6.80 25.99 0.02
C GLY D 34 7.45 27.01 0.93
N THR D 35 8.53 27.62 0.46
CA THR D 35 9.27 28.62 1.23
C THR D 35 8.43 29.82 1.67
N LEU D 36 7.34 30.08 0.97
CA LEU D 36 6.48 31.22 1.30
C LEU D 36 5.43 30.94 2.37
N ARG D 37 5.36 29.70 2.86
CA ARG D 37 4.41 29.36 3.89
C ARG D 37 4.62 30.19 5.15
N PHE D 38 3.52 30.62 5.76
CA PHE D 38 3.53 31.41 6.98
C PHE D 38 4.00 32.86 6.81
N LYS D 39 4.47 33.20 5.62
CA LYS D 39 5.34 34.41 5.46
C LYS D 39 4.33 35.37 4.85
N PRO D 40 4.55 36.69 5.01
CA PRO D 40 3.61 37.64 4.42
C PRO D 40 3.57 37.39 2.92
N PRO D 41 2.44 37.70 2.26
CA PRO D 41 2.32 37.48 0.81
C PRO D 41 3.23 38.35 -0.06
N VAL D 42 3.56 37.83 -1.23
CA VAL D 42 4.38 38.55 -2.19
C VAL D 42 3.47 38.96 -3.34
N PRO D 43 3.50 40.25 -3.72
CA PRO D 43 2.66 40.74 -4.81
C PRO D 43 2.84 40.01 -6.13
N TYR D 44 1.72 39.73 -6.79
CA TYR D 44 1.74 39.04 -8.07
C TYR D 44 2.06 40.10 -9.13
N SER D 45 3.26 40.04 -9.71
CA SER D 45 3.65 41.01 -10.71
C SER D 45 3.58 40.51 -12.16
N ALA D 46 3.18 39.25 -12.35
CA ALA D 46 3.08 38.68 -13.70
C ALA D 46 1.87 39.25 -14.44
N SER D 47 1.99 39.43 -15.74
CA SER D 47 0.89 39.99 -16.52
C SER D 47 -0.31 39.06 -16.68
N LEU D 48 -1.51 39.62 -16.61
CA LEU D 48 -2.74 38.85 -16.73
C LEU D 48 -3.50 39.34 -17.96
N ASN D 49 -2.79 40.04 -18.85
CA ASN D 49 -3.41 40.61 -20.05
C ASN D 49 -4.09 39.57 -20.94
N GLY D 50 -5.33 39.85 -21.33
CA GLY D 50 -6.06 38.95 -22.20
C GLY D 50 -6.69 37.74 -21.54
N GLN D 51 -6.58 37.62 -20.22
CA GLN D 51 -7.17 36.49 -19.52
C GLN D 51 -8.59 36.75 -19.03
N GLN D 52 -9.30 35.68 -18.69
CA GLN D 52 -10.68 35.75 -18.22
C GLN D 52 -10.80 35.32 -16.76
N PHE D 53 -11.65 36.02 -16.02
CA PHE D 53 -11.88 35.75 -14.61
C PHE D 53 -13.39 35.66 -14.39
N THR D 54 -13.92 34.47 -14.65
CA THR D 54 -15.35 34.24 -14.58
C THR D 54 -15.88 33.38 -13.45
N SER D 55 -14.99 32.92 -12.58
CA SER D 55 -15.43 32.08 -11.46
C SER D 55 -14.51 32.21 -10.26
N TYR D 56 -15.08 32.04 -9.08
CA TYR D 56 -14.32 32.10 -7.84
C TYR D 56 -13.24 31.03 -7.87
N GLY D 57 -12.05 31.37 -7.39
CA GLY D 57 -10.98 30.41 -7.34
C GLY D 57 -11.15 29.58 -6.07
N PRO D 58 -10.31 28.57 -5.84
CA PRO D 58 -10.47 27.79 -4.62
C PRO D 58 -10.14 28.61 -3.37
N SER D 59 -10.72 28.23 -2.23
CA SER D 59 -10.47 28.90 -0.97
C SER D 59 -9.12 28.41 -0.44
N CYS D 60 -8.63 29.04 0.62
CA CYS D 60 -7.37 28.60 1.21
C CYS D 60 -7.66 27.32 1.98
N MET D 61 -6.63 26.60 2.41
CA MET D 61 -6.86 25.34 3.13
C MET D 61 -7.86 25.54 4.27
N GLN D 62 -8.81 24.62 4.36
CA GLN D 62 -9.86 24.64 5.36
C GLN D 62 -9.63 23.67 6.52
N MET D 63 -9.75 24.16 7.74
CA MET D 63 -9.59 23.31 8.93
C MET D 63 -10.98 22.90 9.39
N ASN D 64 -11.16 21.61 9.68
CA ASN D 64 -12.46 21.13 10.13
C ASN D 64 -12.81 21.80 11.47
N PRO D 65 -14.03 22.33 11.58
CA PRO D 65 -14.52 23.01 12.79
C PRO D 65 -14.65 22.08 14.00
N MET D 66 -14.90 20.80 13.72
CA MET D 66 -15.06 19.78 14.76
C MET D 66 -16.29 20.10 15.61
N GLY D 67 -17.37 20.50 14.95
CA GLY D 67 -18.60 20.83 15.66
C GLY D 67 -19.80 20.01 15.23
N SER D 68 -20.84 20.00 16.05
CA SER D 68 -22.05 19.24 15.76
C SER D 68 -23.33 19.98 16.13
N PHE D 69 -23.92 20.67 15.16
CA PHE D 69 -25.15 21.41 15.37
C PHE D 69 -26.36 20.52 15.08
N GLU D 70 -26.20 19.63 14.11
CA GLU D 70 -27.24 18.70 13.72
C GLU D 70 -27.41 17.62 14.76
N ASP D 71 -27.29 17.99 16.04
CA ASP D 71 -27.43 17.05 17.13
C ASP D 71 -27.91 17.75 18.40
N THR D 72 -27.94 19.08 18.37
CA THR D 72 -28.37 19.84 19.53
C THR D 72 -29.31 20.99 19.17
N LEU D 73 -29.69 21.08 17.90
CA LEU D 73 -30.57 22.15 17.46
C LEU D 73 -31.86 21.68 16.80
N PRO D 74 -32.98 22.32 17.14
CA PRO D 74 -34.26 21.93 16.53
C PRO D 74 -34.21 22.34 15.05
N LYS D 75 -35.05 21.73 14.23
CA LYS D 75 -35.07 22.03 12.80
C LYS D 75 -35.05 23.53 12.48
N ASN D 76 -35.99 24.27 13.03
CA ASN D 76 -36.10 25.70 12.79
C ASN D 76 -34.78 26.43 13.02
N ALA D 77 -34.06 26.06 14.07
CA ALA D 77 -32.78 26.69 14.37
C ALA D 77 -31.68 26.18 13.45
N LEU D 78 -31.67 24.87 13.21
CA LEU D 78 -30.66 24.26 12.35
C LEU D 78 -30.71 24.78 10.92
N ASP D 79 -31.92 25.03 10.42
CA ASP D 79 -32.07 25.53 9.07
C ASP D 79 -31.51 26.95 8.93
N LEU D 80 -31.64 27.74 9.99
CA LEU D 80 -31.13 29.10 9.97
C LEU D 80 -29.60 29.14 10.03
N VAL D 81 -29.02 28.28 10.86
CA VAL D 81 -27.58 28.23 10.98
C VAL D 81 -26.96 27.69 9.69
N LEU D 82 -27.58 26.67 9.12
CA LEU D 82 -27.08 26.09 7.88
C LEU D 82 -27.19 27.12 6.77
N GLN D 83 -28.23 27.95 6.84
CA GLN D 83 -28.45 28.99 5.85
C GLN D 83 -27.40 30.09 5.90
N SER D 84 -26.95 30.45 7.11
CA SER D 84 -25.94 31.50 7.25
C SER D 84 -24.59 31.03 6.72
N LYS D 85 -24.42 29.72 6.65
CA LYS D 85 -23.18 29.12 6.15
C LYS D 85 -22.02 29.30 7.12
N ILE D 86 -22.32 29.78 8.32
CA ILE D 86 -21.30 29.99 9.34
C ILE D 86 -20.58 28.68 9.69
N PHE D 87 -19.26 28.79 9.86
CA PHE D 87 -18.42 27.64 10.22
C PHE D 87 -18.52 26.42 9.32
N GLN D 88 -18.69 26.65 8.02
CA GLN D 88 -18.77 25.56 7.05
C GLN D 88 -17.55 25.63 6.14
N VAL D 89 -16.81 24.53 6.06
CA VAL D 89 -15.62 24.48 5.22
C VAL D 89 -15.99 24.72 3.75
N VAL D 90 -15.22 25.57 3.09
CA VAL D 90 -15.46 25.91 1.70
C VAL D 90 -14.63 25.03 0.77
N LEU D 91 -15.25 24.51 -0.28
CA LEU D 91 -14.59 23.66 -1.24
C LEU D 91 -14.88 24.19 -2.64
N PRO D 92 -13.93 24.04 -3.58
CA PRO D 92 -12.62 23.41 -3.35
C PRO D 92 -11.68 24.37 -2.63
N ASN D 93 -10.52 23.86 -2.22
CA ASN D 93 -9.52 24.68 -1.53
C ASN D 93 -8.12 24.22 -1.90
N ASP D 94 -7.13 25.07 -1.63
CA ASP D 94 -5.74 24.77 -1.97
C ASP D 94 -4.85 25.84 -1.32
N GLU D 95 -3.54 25.62 -1.27
CA GLU D 95 -2.65 26.63 -0.68
C GLU D 95 -2.51 27.82 -1.64
N ASP D 96 -2.72 27.56 -2.93
CA ASP D 96 -2.68 28.61 -3.96
C ASP D 96 -4.10 29.13 -3.96
N CYS D 97 -4.37 30.08 -3.08
CA CYS D 97 -5.72 30.60 -2.90
C CYS D 97 -5.85 32.12 -2.85
N LEU D 98 -4.74 32.83 -2.92
CA LEU D 98 -4.80 34.29 -2.82
C LEU D 98 -5.29 35.02 -4.07
N THR D 99 -6.61 35.07 -4.22
CA THR D 99 -7.24 35.74 -5.33
C THR D 99 -8.23 36.75 -4.78
N ILE D 100 -8.65 37.69 -5.62
CA ILE D 100 -9.59 38.72 -5.20
C ILE D 100 -10.71 38.83 -6.24
N ASN D 101 -11.91 39.19 -5.79
CA ASN D 101 -13.04 39.30 -6.69
C ASN D 101 -13.65 40.70 -6.69
N VAL D 102 -14.20 41.09 -7.83
CA VAL D 102 -14.85 42.38 -7.98
C VAL D 102 -16.22 42.18 -8.63
N ILE D 103 -17.25 42.70 -7.99
CA ILE D 103 -18.62 42.60 -8.49
C ILE D 103 -19.16 44.02 -8.60
N ARG D 104 -19.51 44.43 -9.81
CA ARG D 104 -20.02 45.78 -10.04
C ARG D 104 -21.38 45.80 -10.73
N PRO D 105 -22.10 46.93 -10.63
CA PRO D 105 -23.42 47.07 -11.26
C PRO D 105 -23.28 46.91 -12.78
N PRO D 106 -24.32 46.42 -13.44
CA PRO D 106 -24.21 46.26 -14.90
C PRO D 106 -24.00 47.58 -15.62
N GLY D 107 -23.16 47.54 -16.65
CA GLY D 107 -22.88 48.75 -17.42
C GLY D 107 -21.89 49.72 -16.83
N THR D 108 -21.47 49.50 -15.59
CA THR D 108 -20.52 50.40 -14.93
C THR D 108 -19.36 50.74 -15.84
N ARG D 109 -19.03 52.03 -15.94
CA ARG D 109 -17.91 52.47 -16.78
C ARG D 109 -16.67 52.70 -15.92
N ALA D 110 -15.50 52.46 -16.52
CA ALA D 110 -14.23 52.62 -15.84
C ALA D 110 -14.11 53.93 -15.05
N SER D 111 -14.73 54.99 -15.57
CA SER D 111 -14.66 56.29 -14.92
C SER D 111 -15.78 56.54 -13.91
N ALA D 112 -16.54 55.50 -13.58
CA ALA D 112 -17.65 55.63 -12.64
C ALA D 112 -17.31 56.22 -11.25
N GLY D 113 -16.12 55.89 -10.74
CA GLY D 113 -15.74 56.39 -9.41
C GLY D 113 -16.74 56.03 -8.33
N LEU D 114 -17.21 54.78 -8.34
CA LEU D 114 -18.18 54.32 -7.34
C LEU D 114 -17.55 53.97 -6.00
N PRO D 115 -18.30 54.17 -4.89
CA PRO D 115 -17.75 53.84 -3.56
C PRO D 115 -17.49 52.33 -3.57
N VAL D 116 -16.49 51.89 -2.81
CA VAL D 116 -16.14 50.48 -2.74
C VAL D 116 -16.38 49.86 -1.37
N MET D 117 -17.00 48.69 -1.35
CA MET D 117 -17.25 47.98 -0.11
C MET D 117 -16.35 46.76 -0.16
N LEU D 118 -15.27 46.78 0.63
CA LEU D 118 -14.31 45.70 0.67
C LEU D 118 -14.62 44.74 1.81
N TRP D 119 -15.05 43.54 1.43
CA TRP D 119 -15.47 42.50 2.37
C TRP D 119 -14.40 41.51 2.81
N ILE D 120 -14.36 41.27 4.13
CA ILE D 120 -13.42 40.32 4.72
C ILE D 120 -14.27 39.25 5.40
N PHE D 121 -14.28 38.03 4.85
CA PHE D 121 -15.10 36.96 5.42
C PHE D 121 -14.70 36.54 6.82
N GLY D 122 -15.62 35.88 7.52
CA GLY D 122 -15.34 35.41 8.87
C GLY D 122 -15.47 33.89 8.91
N GLY D 123 -14.55 33.23 9.60
CA GLY D 123 -14.60 31.78 9.70
C GLY D 123 -13.74 31.28 10.84
N GLY D 124 -13.81 31.98 11.97
CA GLY D 124 -13.03 31.61 13.15
C GLY D 124 -11.53 31.60 12.90
N PHE D 125 -11.08 32.27 11.85
CA PHE D 125 -9.66 32.33 11.49
C PHE D 125 -9.13 30.93 11.18
N GLU D 126 -10.04 29.99 10.95
CA GLU D 126 -9.61 28.62 10.67
C GLU D 126 -10.22 28.03 9.40
N LEU D 127 -11.18 28.74 8.82
CA LEU D 127 -11.81 28.30 7.57
C LEU D 127 -12.55 29.46 6.92
N GLY D 128 -13.17 29.19 5.77
CA GLY D 128 -13.90 30.24 5.08
C GLY D 128 -13.25 30.65 3.77
N GLY D 129 -13.96 31.47 3.00
CA GLY D 129 -13.45 31.92 1.72
C GLY D 129 -14.32 33.04 1.20
N SER D 130 -13.90 33.68 0.11
CA SER D 130 -14.66 34.78 -0.47
C SER D 130 -15.90 34.33 -1.25
N SER D 131 -15.87 33.09 -1.73
CA SER D 131 -16.99 32.55 -2.51
C SER D 131 -18.28 32.53 -1.69
N LEU D 132 -18.18 32.22 -0.40
CA LEU D 132 -19.36 32.23 0.45
C LEU D 132 -19.69 33.70 0.67
N PHE D 133 -20.77 33.98 1.35
CA PHE D 133 -21.14 35.37 1.63
C PHE D 133 -20.96 36.26 0.38
N PRO D 134 -21.69 35.97 -0.71
CA PRO D 134 -21.61 36.73 -1.96
C PRO D 134 -22.11 38.18 -1.79
N GLY D 135 -21.50 39.10 -2.54
CA GLY D 135 -21.89 40.50 -2.45
C GLY D 135 -23.05 40.91 -3.35
N ASP D 136 -23.51 39.99 -4.20
CA ASP D 136 -24.61 40.26 -5.13
C ASP D 136 -25.77 41.05 -4.54
N GLN D 137 -26.34 40.57 -3.43
CA GLN D 137 -27.46 41.26 -2.79
C GLN D 137 -27.14 42.70 -2.38
N MET D 138 -25.89 42.95 -1.98
CA MET D 138 -25.51 44.31 -1.56
C MET D 138 -25.47 45.24 -2.79
N VAL D 139 -24.86 44.76 -3.86
CA VAL D 139 -24.75 45.55 -5.08
C VAL D 139 -26.15 45.85 -5.62
N ALA D 140 -26.93 44.80 -5.84
CA ALA D 140 -28.29 44.94 -6.36
C ALA D 140 -29.04 46.03 -5.61
N LYS D 141 -29.03 45.95 -4.28
CA LYS D 141 -29.73 46.95 -3.47
C LYS D 141 -29.16 48.35 -3.67
N SER D 142 -27.84 48.47 -3.77
CA SER D 142 -27.24 49.79 -3.96
C SER D 142 -27.70 50.40 -5.28
N VAL D 143 -27.79 49.57 -6.32
CA VAL D 143 -28.24 50.05 -7.62
C VAL D 143 -29.69 50.48 -7.52
N LEU D 144 -30.48 49.69 -6.78
CA LEU D 144 -31.88 49.98 -6.59
C LEU D 144 -32.13 51.29 -5.85
N MET D 145 -31.25 51.65 -4.93
CA MET D 145 -31.45 52.91 -4.20
C MET D 145 -30.75 54.12 -4.82
N GLY D 146 -30.20 53.92 -6.02
CA GLY D 146 -29.52 55.01 -6.69
C GLY D 146 -28.15 55.37 -6.16
N LYS D 147 -27.57 54.50 -5.34
CA LYS D 147 -26.23 54.73 -4.80
C LYS D 147 -25.38 53.49 -5.03
N PRO D 148 -25.12 53.17 -6.31
CA PRO D 148 -24.32 52.01 -6.68
C PRO D 148 -22.92 51.93 -6.07
N VAL D 149 -22.56 50.75 -5.61
CA VAL D 149 -21.23 50.55 -5.04
C VAL D 149 -20.62 49.35 -5.73
N ILE D 150 -19.31 49.19 -5.58
CA ILE D 150 -18.64 48.04 -6.16
C ILE D 150 -18.25 47.17 -4.98
N HIS D 151 -18.52 45.87 -5.10
CA HIS D 151 -18.20 44.94 -4.03
C HIS D 151 -16.90 44.23 -4.37
N VAL D 152 -16.05 44.06 -3.36
CA VAL D 152 -14.78 43.38 -3.52
C VAL D 152 -14.56 42.44 -2.34
N SER D 153 -13.99 41.27 -2.62
CA SER D 153 -13.73 40.29 -1.57
C SER D 153 -12.44 39.57 -1.90
N MET D 154 -11.71 39.15 -0.88
CA MET D 154 -10.47 38.44 -1.08
C MET D 154 -10.38 37.23 -0.17
N ASN D 155 -9.57 36.28 -0.56
CA ASN D 155 -9.34 35.09 0.24
C ASN D 155 -8.10 35.45 1.05
N TYR D 156 -7.97 34.84 2.22
CA TYR D 156 -6.80 35.03 3.06
C TYR D 156 -6.56 33.70 3.75
N ARG D 157 -5.31 33.45 4.12
CA ARG D 157 -4.95 32.19 4.75
C ARG D 157 -5.53 32.09 6.16
N VAL D 158 -5.97 30.88 6.51
CA VAL D 158 -6.55 30.62 7.82
C VAL D 158 -5.87 29.42 8.47
N ALA D 159 -6.24 29.15 9.73
CA ALA D 159 -5.66 28.05 10.50
C ALA D 159 -4.14 28.21 10.56
N SER D 160 -3.42 27.10 10.52
CA SER D 160 -1.95 27.11 10.59
C SER D 160 -1.32 27.90 9.45
N TRP D 161 -1.88 27.76 8.26
CA TRP D 161 -1.38 28.42 7.08
C TRP D 161 -1.33 29.94 7.24
N GLY D 162 -2.37 30.51 7.83
CA GLY D 162 -2.40 31.95 8.02
C GLY D 162 -2.13 32.49 9.41
N PHE D 163 -2.16 31.64 10.43
CA PHE D 163 -1.95 32.14 11.80
C PHE D 163 -1.07 31.29 12.70
N LEU D 164 -0.06 30.66 12.14
CA LEU D 164 0.86 29.88 12.94
C LEU D 164 1.54 30.91 13.84
N ALA D 165 1.76 30.56 15.10
CA ALA D 165 2.40 31.48 16.02
C ALA D 165 3.60 30.80 16.67
N GLY D 166 3.95 31.22 17.89
CA GLY D 166 5.09 30.62 18.55
C GLY D 166 6.34 31.47 18.41
N PRO D 167 7.46 31.05 19.01
CA PRO D 167 8.73 31.79 18.97
C PRO D 167 9.46 31.92 17.64
N ASP D 168 9.50 30.86 16.84
CA ASP D 168 10.18 30.89 15.56
C ASP D 168 9.49 31.85 14.57
N ILE D 169 8.17 31.83 14.56
CA ILE D 169 7.41 32.71 13.69
C ILE D 169 7.69 34.17 14.09
N GLN D 170 7.61 34.43 15.39
CA GLN D 170 7.82 35.76 15.93
C GLN D 170 9.22 36.32 15.63
N ASN D 171 10.25 35.52 15.86
CA ASN D 171 11.61 35.98 15.61
C ASN D 171 11.86 36.23 14.12
N GLU D 172 11.02 35.63 13.29
CA GLU D 172 11.12 35.77 11.85
C GLU D 172 10.24 36.94 11.41
N GLY D 173 9.33 37.36 12.30
CA GLY D 173 8.42 38.45 11.99
C GLY D 173 7.32 38.03 11.04
N SER D 174 6.93 36.75 11.10
CA SER D 174 5.88 36.23 10.22
C SER D 174 4.55 35.97 10.90
N GLY D 175 4.27 36.70 11.97
CA GLY D 175 3.00 36.51 12.65
C GLY D 175 1.85 37.07 11.83
N ASN D 176 0.66 36.49 12.03
CA ASN D 176 -0.54 36.95 11.34
C ASN D 176 -0.43 37.02 9.82
N ALA D 177 0.02 35.94 9.19
CA ALA D 177 0.15 35.90 7.74
C ALA D 177 -1.17 36.24 7.04
N GLY D 178 -2.26 35.63 7.51
CA GLY D 178 -3.57 35.87 6.93
C GLY D 178 -4.00 37.33 6.97
N LEU D 179 -3.59 38.06 8.01
CA LEU D 179 -3.95 39.47 8.09
C LEU D 179 -3.13 40.24 7.08
N HIS D 180 -1.90 39.78 6.86
CA HIS D 180 -1.03 40.41 5.87
C HIS D 180 -1.67 40.20 4.48
N ASP D 181 -2.37 39.07 4.30
CA ASP D 181 -3.03 38.80 3.03
C ASP D 181 -4.11 39.85 2.79
N GLN D 182 -4.92 40.09 3.83
CA GLN D 182 -5.98 41.08 3.72
C GLN D 182 -5.40 42.45 3.43
N ARG D 183 -4.27 42.77 4.07
CA ARG D 183 -3.64 44.06 3.87
C ARG D 183 -3.15 44.22 2.45
N LEU D 184 -2.53 43.18 1.89
CA LEU D 184 -2.05 43.25 0.50
C LEU D 184 -3.25 43.45 -0.43
N ALA D 185 -4.32 42.69 -0.19
CA ALA D 185 -5.53 42.81 -1.00
C ALA D 185 -6.04 44.25 -0.94
N MET D 186 -5.99 44.86 0.24
CA MET D 186 -6.44 46.24 0.40
C MET D 186 -5.57 47.18 -0.44
N GLN D 187 -4.28 46.89 -0.48
CA GLN D 187 -3.33 47.69 -1.25
C GLN D 187 -3.58 47.44 -2.74
N TRP D 188 -4.00 46.23 -3.09
CA TRP D 188 -4.29 45.87 -4.48
C TRP D 188 -5.47 46.69 -4.97
N VAL D 189 -6.45 46.88 -4.09
CA VAL D 189 -7.63 47.66 -4.41
C VAL D 189 -7.25 49.12 -4.65
N ALA D 190 -6.37 49.65 -3.80
CA ALA D 190 -5.94 51.04 -3.93
C ALA D 190 -5.35 51.28 -5.29
N ASP D 191 -4.55 50.33 -5.76
CA ASP D 191 -3.88 50.44 -7.04
C ASP D 191 -4.69 50.08 -8.29
N ASN D 192 -5.59 49.10 -8.16
CA ASN D 192 -6.36 48.61 -9.31
C ASN D 192 -7.86 48.89 -9.42
N ILE D 193 -8.52 49.24 -8.33
CA ILE D 193 -9.97 49.42 -8.40
C ILE D 193 -10.48 50.48 -9.38
N ALA D 194 -9.74 51.57 -9.58
CA ALA D 194 -10.15 52.64 -10.50
C ALA D 194 -10.51 52.09 -11.89
N GLY D 195 -9.71 51.15 -12.39
CA GLY D 195 -9.97 50.58 -13.70
C GLY D 195 -11.29 49.84 -13.81
N PHE D 196 -11.84 49.39 -12.68
CA PHE D 196 -13.12 48.68 -12.70
C PHE D 196 -14.29 49.64 -12.56
N GLY D 197 -13.99 50.90 -12.27
CA GLY D 197 -15.05 51.88 -12.12
C GLY D 197 -15.21 52.37 -10.70
N GLY D 198 -14.28 51.99 -9.83
CA GLY D 198 -14.37 52.41 -8.45
C GLY D 198 -13.47 53.58 -8.11
N ASP D 199 -13.64 54.11 -6.91
CA ASP D 199 -12.84 55.22 -6.43
C ASP D 199 -12.07 54.70 -5.22
N PRO D 200 -10.74 54.50 -5.38
CA PRO D 200 -9.91 54.00 -4.27
C PRO D 200 -9.94 54.88 -3.02
N SER D 201 -10.46 56.10 -3.13
CA SER D 201 -10.54 57.00 -1.99
C SER D 201 -11.88 56.89 -1.27
N LYS D 202 -12.74 56.01 -1.78
CA LYS D 202 -14.06 55.81 -1.17
C LYS D 202 -14.25 54.35 -0.79
N VAL D 203 -13.25 53.80 -0.11
CA VAL D 203 -13.30 52.41 0.32
C VAL D 203 -13.75 52.25 1.75
N THR D 204 -14.76 51.41 1.93
CA THR D 204 -15.28 51.09 3.24
C THR D 204 -14.96 49.62 3.43
N ILE D 205 -14.28 49.29 4.52
CA ILE D 205 -13.97 47.90 4.80
C ILE D 205 -14.99 47.37 5.79
N TYR D 206 -15.38 46.11 5.61
CA TYR D 206 -16.34 45.52 6.52
C TYR D 206 -16.21 44.00 6.55
N GLY D 207 -16.69 43.41 7.63
CA GLY D 207 -16.60 41.97 7.80
C GLY D 207 -17.46 41.51 8.95
N GLU D 208 -17.64 40.21 9.04
CA GLU D 208 -18.46 39.62 10.09
C GLU D 208 -17.66 38.55 10.85
N SER D 209 -17.82 38.53 12.16
CA SER D 209 -17.11 37.57 13.02
C SER D 209 -15.59 37.78 12.88
N ALA D 210 -14.88 36.72 12.51
CA ALA D 210 -13.44 36.80 12.33
C ALA D 210 -13.11 37.91 11.32
N GLY D 211 -14.03 38.16 10.40
CA GLY D 211 -13.84 39.19 9.40
C GLY D 211 -14.11 40.58 9.98
N SER D 212 -14.85 40.61 11.08
CA SER D 212 -15.17 41.86 11.74
C SER D 212 -13.99 42.24 12.64
N MET D 213 -13.42 41.26 13.33
CA MET D 213 -12.26 41.50 14.20
C MET D 213 -11.11 41.91 13.28
N SER D 214 -11.06 41.31 12.09
CA SER D 214 -10.02 41.64 11.13
C SER D 214 -10.16 43.10 10.73
N THR D 215 -11.39 43.54 10.52
CA THR D 215 -11.64 44.93 10.16
C THR D 215 -11.15 45.83 11.29
N PHE D 216 -11.39 45.42 12.53
CA PHE D 216 -10.92 46.19 13.68
C PHE D 216 -9.39 46.29 13.64
N VAL D 217 -8.73 45.15 13.41
CA VAL D 217 -7.28 45.08 13.34
C VAL D 217 -6.74 46.07 12.30
N HIS D 218 -7.46 46.23 11.20
CA HIS D 218 -7.03 47.16 10.17
C HIS D 218 -7.07 48.60 10.65
N LEU D 219 -7.88 48.87 11.66
CA LEU D 219 -7.96 50.22 12.23
C LEU D 219 -6.70 50.51 13.04
N VAL D 220 -6.22 49.51 13.77
CA VAL D 220 -5.04 49.67 14.62
C VAL D 220 -3.71 49.22 13.99
N TRP D 221 -3.79 48.64 12.80
CA TRP D 221 -2.59 48.17 12.10
C TRP D 221 -1.58 49.32 12.00
N ASN D 222 -0.32 49.00 12.30
CA ASN D 222 0.76 50.00 12.30
C ASN D 222 0.38 51.21 13.13
N ASP D 223 -0.19 50.94 14.31
CA ASP D 223 -0.61 51.99 15.22
C ASP D 223 -1.54 53.03 14.61
N GLY D 224 -2.37 52.61 13.66
CA GLY D 224 -3.31 53.55 13.07
C GLY D 224 -2.90 54.28 11.81
N ASP D 225 -1.70 54.00 11.29
CA ASP D 225 -1.26 54.63 10.06
C ASP D 225 -1.69 53.71 8.91
N ASN D 226 -2.81 54.04 8.27
CA ASN D 226 -3.33 53.24 7.18
C ASN D 226 -2.99 53.88 5.84
N THR D 227 -1.95 54.71 5.83
CA THR D 227 -1.53 55.38 4.62
C THR D 227 -0.74 54.41 3.76
N TYR D 228 -1.05 54.37 2.47
CA TYR D 228 -0.36 53.49 1.55
C TYR D 228 -0.06 54.22 0.25
N ASN D 229 1.21 54.32 -0.10
CA ASN D 229 1.58 54.98 -1.33
C ASN D 229 1.02 56.41 -1.37
N GLY D 230 0.97 57.03 -0.20
CA GLY D 230 0.50 58.41 -0.12
C GLY D 230 -0.94 58.69 0.28
N LYS D 231 -1.79 57.66 0.34
CA LYS D 231 -3.19 57.88 0.69
C LYS D 231 -3.75 56.83 1.64
N PRO D 232 -4.81 57.18 2.39
CA PRO D 232 -5.41 56.21 3.32
C PRO D 232 -5.97 55.03 2.53
N LEU D 233 -5.83 53.83 3.09
CA LEU D 233 -6.32 52.62 2.44
C LEU D 233 -7.84 52.49 2.46
N PHE D 234 -8.50 53.18 3.39
CA PHE D 234 -9.95 53.15 3.53
C PHE D 234 -10.42 54.41 4.27
N ARG D 235 -11.71 54.75 4.11
CA ARG D 235 -12.28 55.95 4.73
C ARG D 235 -13.32 55.65 5.81
N ALA D 236 -13.73 54.39 5.90
CA ALA D 236 -14.74 54.01 6.88
C ALA D 236 -14.71 52.51 7.11
N ALA D 237 -15.31 52.06 8.21
CA ALA D 237 -15.33 50.64 8.54
C ALA D 237 -16.63 50.19 9.19
N ILE D 238 -17.03 48.96 8.88
CA ILE D 238 -18.23 48.36 9.43
C ILE D 238 -17.86 47.01 10.03
N MET D 239 -18.16 46.85 11.32
CA MET D 239 -17.83 45.62 12.02
C MET D 239 -19.07 44.86 12.47
N GLN D 240 -19.34 43.75 11.80
CA GLN D 240 -20.49 42.91 12.12
C GLN D 240 -20.06 41.81 13.08
N SER D 241 -20.26 42.06 14.37
CA SER D 241 -19.90 41.11 15.42
C SER D 241 -18.39 40.84 15.58
N GLY D 242 -17.78 41.68 16.44
CA GLY D 242 -16.37 41.52 16.85
C GLY D 242 -15.48 42.74 16.54
N CYS D 243 -14.59 43.01 17.49
CA CYS D 243 -13.56 44.05 17.36
C CYS D 243 -12.24 43.53 17.94
N MET D 244 -11.79 44.06 19.08
CA MET D 244 -10.52 43.59 19.66
C MET D 244 -10.47 42.07 19.85
N VAL D 245 -9.33 41.46 19.56
CA VAL D 245 -9.16 40.03 19.77
C VAL D 245 -8.51 39.97 21.16
N PRO D 246 -9.10 39.21 22.10
CA PRO D 246 -8.55 39.10 23.45
C PRO D 246 -7.41 38.09 23.51
N SER D 247 -6.30 38.41 22.84
CA SER D 247 -5.18 37.48 22.78
C SER D 247 -3.80 37.96 23.22
N ASP D 248 -2.99 37.01 23.67
CA ASP D 248 -1.62 37.26 24.09
C ASP D 248 -0.76 37.38 22.83
N PRO D 249 0.47 37.92 22.95
CA PRO D 249 1.30 38.03 21.74
C PRO D 249 1.60 36.69 21.05
N VAL D 250 2.11 36.77 19.82
CA VAL D 250 2.44 35.59 19.01
C VAL D 250 3.27 34.52 19.72
N ASP D 251 4.34 34.94 20.38
CA ASP D 251 5.21 34.01 21.10
C ASP D 251 4.70 33.75 22.51
N GLY D 252 3.40 33.94 22.70
CA GLY D 252 2.80 33.71 24.00
C GLY D 252 2.64 32.23 24.29
N THR D 253 2.02 31.93 25.44
CA THR D 253 1.82 30.56 25.89
C THR D 253 1.08 29.60 24.95
N TYR D 254 -0.18 29.90 24.66
CA TYR D 254 -0.97 29.02 23.80
C TYR D 254 -0.52 29.04 22.34
N GLY D 255 -0.03 30.18 21.87
CA GLY D 255 0.44 30.25 20.50
C GLY D 255 1.64 29.32 20.34
N THR D 256 2.52 29.33 21.33
CA THR D 256 3.72 28.50 21.31
C THR D 256 3.31 27.04 21.44
N GLU D 257 2.32 26.79 22.30
CA GLU D 257 1.83 25.43 22.54
C GLU D 257 1.23 24.81 21.28
N ILE D 258 0.47 25.61 20.53
CA ILE D 258 -0.13 25.11 19.30
C ILE D 258 0.97 24.80 18.29
N TYR D 259 1.92 25.71 18.17
CA TYR D 259 3.04 25.55 17.25
C TYR D 259 3.83 24.27 17.52
N ASN D 260 4.14 24.00 18.80
CA ASN D 260 4.89 22.79 19.13
C ASN D 260 4.11 21.55 18.73
N GLN D 261 2.80 21.59 18.90
CA GLN D 261 1.97 20.45 18.55
C GLN D 261 2.00 20.18 17.05
N VAL D 262 1.94 21.24 16.25
CA VAL D 262 1.97 21.09 14.79
C VAL D 262 3.34 20.60 14.35
N VAL D 263 4.38 21.15 14.96
CA VAL D 263 5.74 20.74 14.64
C VAL D 263 5.94 19.26 14.97
N ALA D 264 5.50 18.87 16.16
CA ALA D 264 5.63 17.49 16.60
C ALA D 264 4.81 16.54 15.73
N SER D 265 3.55 16.90 15.48
CA SER D 265 2.67 16.07 14.67
C SER D 265 3.15 15.92 13.23
N ALA D 266 3.86 16.93 12.75
CA ALA D 266 4.37 16.94 11.38
C ALA D 266 5.64 16.13 11.18
N GLY D 267 6.26 15.71 12.29
CA GLY D 267 7.49 14.94 12.21
C GLY D 267 8.71 15.83 12.13
N CYS D 268 8.53 17.10 12.51
CA CYS D 268 9.61 18.07 12.48
C CYS D 268 10.22 18.38 13.84
N GLY D 269 9.88 17.56 14.84
CA GLY D 269 10.39 17.76 16.17
C GLY D 269 11.90 17.80 16.34
N SER D 270 12.63 17.06 15.51
CA SER D 270 14.09 17.03 15.62
C SER D 270 14.81 17.92 14.63
N ALA D 271 14.05 18.60 13.79
CA ALA D 271 14.63 19.47 12.79
C ALA D 271 15.49 20.59 13.37
N SER D 272 16.60 20.87 12.69
CA SER D 272 17.50 21.94 13.10
C SER D 272 16.75 23.25 12.84
N ASP D 273 16.00 23.28 11.74
CA ASP D 273 15.20 24.45 11.37
C ASP D 273 13.76 23.96 11.19
N LYS D 274 12.97 24.08 12.26
CA LYS D 274 11.58 23.64 12.26
C LYS D 274 10.72 24.30 11.19
N LEU D 275 10.88 25.61 11.05
CA LEU D 275 10.12 26.36 10.06
C LEU D 275 10.49 25.83 8.67
N ALA D 276 11.78 25.70 8.42
CA ALA D 276 12.24 25.18 7.13
C ALA D 276 11.65 23.78 6.89
N CYS D 277 11.60 22.98 7.96
CA CYS D 277 11.06 21.63 7.87
C CYS D 277 9.56 21.65 7.55
N LEU D 278 8.82 22.53 8.21
CA LEU D 278 7.39 22.65 7.96
C LEU D 278 7.15 23.09 6.52
N ARG D 279 7.96 24.05 6.07
CA ARG D 279 7.81 24.57 4.71
C ARG D 279 8.11 23.51 3.65
N GLY D 280 8.85 22.49 4.03
CA GLY D 280 9.19 21.44 3.10
C GLY D 280 8.31 20.22 3.16
N LEU D 281 7.19 20.32 3.88
CA LEU D 281 6.24 19.22 4.02
C LEU D 281 5.26 19.15 2.86
N SER D 282 4.78 17.96 2.57
CA SER D 282 3.80 17.78 1.50
C SER D 282 2.56 18.53 1.99
N GLN D 283 1.67 18.88 1.09
CA GLN D 283 0.46 19.61 1.46
C GLN D 283 -0.42 18.81 2.42
N ASP D 284 -0.47 17.49 2.25
CA ASP D 284 -1.31 16.66 3.12
C ASP D 284 -0.79 16.54 4.55
N THR D 285 0.52 16.43 4.71
CA THR D 285 1.11 16.31 6.05
C THR D 285 0.83 17.56 6.88
N LEU D 286 0.97 18.73 6.28
CA LEU D 286 0.71 19.97 7.00
C LEU D 286 -0.77 20.00 7.40
N TYR D 287 -1.62 19.52 6.51
CA TYR D 287 -3.04 19.49 6.79
C TYR D 287 -3.34 18.53 7.96
N GLN D 288 -2.78 17.33 7.90
CA GLN D 288 -2.99 16.35 8.96
C GLN D 288 -2.50 16.85 10.31
N ALA D 289 -1.32 17.48 10.32
CA ALA D 289 -0.75 17.99 11.56
C ALA D 289 -1.64 19.09 12.14
N THR D 290 -2.19 19.93 11.26
CA THR D 290 -3.06 21.02 11.69
C THR D 290 -4.37 20.47 12.26
N SER D 291 -4.80 19.32 11.76
CA SER D 291 -6.04 18.73 12.25
C SER D 291 -5.82 18.19 13.67
N ASP D 292 -4.57 18.02 14.06
CA ASP D 292 -4.25 17.52 15.40
C ASP D 292 -4.36 18.59 16.46
N THR D 293 -4.90 19.75 16.07
CA THR D 293 -5.11 20.82 17.03
C THR D 293 -6.62 21.02 17.03
N PRO D 294 -7.17 21.55 18.13
CA PRO D 294 -8.61 21.76 18.23
C PRO D 294 -9.20 22.81 17.29
N GLY D 295 -10.40 22.51 16.77
CA GLY D 295 -11.10 23.41 15.88
C GLY D 295 -11.94 24.41 16.67
N VAL D 296 -12.54 25.36 15.96
CA VAL D 296 -13.34 26.41 16.60
C VAL D 296 -14.55 25.89 17.37
N LEU D 297 -15.16 24.81 16.88
CA LEU D 297 -16.32 24.24 17.56
C LEU D 297 -15.98 23.17 18.59
N ALA D 298 -14.68 22.93 18.81
CA ALA D 298 -14.25 21.95 19.79
C ALA D 298 -14.40 22.54 21.19
N TYR D 299 -14.17 21.70 22.19
CA TYR D 299 -14.29 22.08 23.60
C TYR D 299 -13.63 23.42 23.98
N PRO D 300 -12.39 23.67 23.50
CA PRO D 300 -11.75 24.93 23.86
C PRO D 300 -12.52 26.15 23.32
N SER D 301 -13.45 25.89 22.40
CA SER D 301 -14.28 26.95 21.82
C SER D 301 -13.50 28.21 21.43
N LEU D 302 -13.98 29.36 21.89
CA LEU D 302 -13.33 30.63 21.54
C LEU D 302 -11.86 30.72 21.94
N ARG D 303 -11.35 29.72 22.65
CA ARG D 303 -9.94 29.72 22.97
C ARG D 303 -9.34 29.08 21.72
N LEU D 304 -9.36 29.85 20.62
CA LEU D 304 -8.89 29.40 19.31
C LEU D 304 -7.43 29.00 19.19
N SER D 305 -7.19 27.99 18.36
CA SER D 305 -5.84 27.49 18.13
C SER D 305 -5.11 28.46 17.19
N TYR D 306 -5.87 29.20 16.40
CA TYR D 306 -5.32 30.15 15.44
C TYR D 306 -6.16 31.43 15.44
N LEU D 307 -5.52 32.55 15.70
CA LEU D 307 -6.20 33.83 15.69
C LEU D 307 -5.17 34.94 15.73
N PRO D 308 -5.60 36.18 15.44
CA PRO D 308 -4.67 37.31 15.45
C PRO D 308 -4.04 37.50 16.82
N ARG D 309 -2.75 37.85 16.84
CA ARG D 309 -2.03 38.09 18.08
C ARG D 309 -1.05 39.24 17.94
N PRO D 310 -0.85 40.02 19.02
CA PRO D 310 0.08 41.15 18.96
C PRO D 310 1.46 40.63 18.52
N ASP D 311 2.08 41.34 17.57
CA ASP D 311 3.38 40.92 17.08
C ASP D 311 4.46 41.96 17.34
N GLY D 312 4.06 43.15 17.75
CA GLY D 312 5.01 44.20 18.05
C GLY D 312 5.32 45.17 16.91
N THR D 313 4.99 44.79 15.68
CA THR D 313 5.26 45.64 14.53
C THR D 313 4.01 46.12 13.80
N PHE D 314 3.13 45.18 13.44
CA PHE D 314 1.90 45.53 12.75
C PHE D 314 0.78 45.71 13.76
N ILE D 315 0.67 44.74 14.68
CA ILE D 315 -0.27 44.83 15.78
C ILE D 315 0.75 45.00 16.90
N THR D 316 1.11 46.25 17.18
CA THR D 316 2.15 46.55 18.16
C THR D 316 1.93 46.22 19.64
N ASP D 317 0.70 45.99 20.06
CA ASP D 317 0.48 45.71 21.48
C ASP D 317 -0.91 45.18 21.78
N ASP D 318 -1.13 44.90 23.06
CA ASP D 318 -2.41 44.44 23.60
C ASP D 318 -3.45 45.27 22.83
N MET D 319 -4.37 44.61 22.15
CA MET D 319 -5.38 45.30 21.35
C MET D 319 -6.32 46.21 22.12
N TYR D 320 -6.54 45.91 23.39
CA TYR D 320 -7.38 46.75 24.22
C TYR D 320 -6.57 48.02 24.54
N ALA D 321 -5.28 47.83 24.78
CA ALA D 321 -4.41 48.95 25.07
C ALA D 321 -4.36 49.86 23.84
N LEU D 322 -4.24 49.25 22.67
CA LEU D 322 -4.18 50.01 21.41
C LEU D 322 -5.34 50.97 21.28
N VAL D 323 -6.54 50.50 21.60
CA VAL D 323 -7.73 51.34 21.48
C VAL D 323 -7.74 52.48 22.49
N ARG D 324 -7.36 52.22 23.73
CA ARG D 324 -7.39 53.30 24.70
C ARG D 324 -6.22 54.27 24.57
N ASP D 325 -5.16 53.86 23.86
CA ASP D 325 -4.01 54.75 23.69
C ASP D 325 -4.06 55.52 22.36
N GLY D 326 -5.23 55.50 21.71
CA GLY D 326 -5.42 56.23 20.45
C GLY D 326 -4.69 55.75 19.21
N LYS D 327 -4.20 54.52 19.23
CA LYS D 327 -3.45 53.96 18.10
C LYS D 327 -4.33 53.33 17.01
N TYR D 328 -5.14 54.16 16.37
CA TYR D 328 -6.04 53.71 15.31
C TYR D 328 -6.25 54.79 14.28
N ALA D 329 -6.69 54.37 13.10
CA ALA D 329 -6.97 55.31 12.01
C ALA D 329 -8.20 56.10 12.42
N HIS D 330 -8.29 57.35 11.99
CA HIS D 330 -9.44 58.19 12.32
C HIS D 330 -10.50 58.15 11.24
N VAL D 331 -11.44 57.22 11.38
CA VAL D 331 -12.52 57.07 10.42
C VAL D 331 -13.85 56.82 11.11
N PRO D 332 -14.97 57.08 10.41
CA PRO D 332 -16.28 56.85 11.01
C PRO D 332 -16.47 55.34 11.01
N VAL D 333 -17.23 54.81 11.97
CA VAL D 333 -17.43 53.37 12.02
C VAL D 333 -18.81 52.93 12.46
N ILE D 334 -19.21 51.74 12.01
CA ILE D 334 -20.46 51.14 12.43
C ILE D 334 -20.01 49.82 13.05
N ILE D 335 -20.49 49.53 14.25
CA ILE D 335 -20.15 48.26 14.90
C ILE D 335 -21.37 47.77 15.67
N GLY D 336 -21.74 46.52 15.43
CA GLY D 336 -22.90 45.97 16.10
C GLY D 336 -22.79 44.50 16.43
N ASP D 337 -23.84 43.98 17.06
CA ASP D 337 -23.88 42.58 17.48
C ASP D 337 -25.24 41.96 17.30
N GLN D 338 -25.28 40.64 17.43
CA GLN D 338 -26.53 39.90 17.38
C GLN D 338 -26.75 39.70 18.88
N ASN D 339 -28.00 39.80 19.33
CA ASN D 339 -28.30 39.67 20.76
C ASN D 339 -27.63 38.50 21.47
N ASP D 340 -27.60 37.34 20.81
CA ASP D 340 -27.03 36.14 21.42
C ASP D 340 -25.85 35.55 20.66
N GLU D 341 -24.74 36.29 20.67
CA GLU D 341 -23.51 35.90 19.98
C GLU D 341 -22.92 34.59 20.48
N GLY D 342 -23.03 34.32 21.79
CA GLY D 342 -22.41 33.12 22.35
C GLY D 342 -23.09 31.77 22.27
N THR D 343 -24.39 31.73 22.04
CA THR D 343 -25.12 30.46 22.00
C THR D 343 -24.48 29.36 21.15
N LEU D 344 -24.11 29.68 19.92
CA LEU D 344 -23.51 28.69 19.03
C LEU D 344 -22.22 28.12 19.63
N PHE D 345 -21.46 28.98 20.31
CA PHE D 345 -20.20 28.56 20.92
C PHE D 345 -20.44 27.77 22.21
N GLY D 346 -21.56 28.03 22.86
CA GLY D 346 -21.88 27.33 24.09
C GLY D 346 -22.16 25.86 23.86
N LEU D 347 -22.60 25.51 22.66
CA LEU D 347 -22.90 24.13 22.31
C LEU D 347 -21.65 23.26 22.38
N SER D 348 -20.50 23.90 22.48
CA SER D 348 -19.23 23.18 22.54
C SER D 348 -18.87 22.65 23.91
N SER D 349 -19.61 23.04 24.94
CA SER D 349 -19.30 22.57 26.29
C SER D 349 -20.54 22.14 27.06
N LEU D 350 -21.41 21.38 26.40
CA LEU D 350 -22.63 20.92 27.03
C LEU D 350 -22.38 19.94 28.16
N ASN D 351 -21.17 19.40 28.24
CA ASN D 351 -20.85 18.47 29.30
C ASN D 351 -20.41 19.22 30.57
N VAL D 352 -20.53 20.55 30.53
CA VAL D 352 -20.21 21.38 31.69
C VAL D 352 -21.57 21.71 32.28
N THR D 353 -21.95 21.00 33.34
CA THR D 353 -23.27 21.19 33.92
C THR D 353 -23.37 21.67 35.37
N THR D 354 -22.25 21.85 36.05
CA THR D 354 -22.29 22.32 37.44
C THR D 354 -21.39 23.53 37.66
N ASP D 355 -21.63 24.25 38.75
CA ASP D 355 -20.83 25.43 39.07
C ASP D 355 -19.35 25.08 39.21
N ALA D 356 -19.06 23.92 39.76
CA ALA D 356 -17.66 23.50 39.92
C ALA D 356 -17.01 23.24 38.56
N GLN D 357 -17.76 22.64 37.64
CA GLN D 357 -17.23 22.36 36.30
C GLN D 357 -17.05 23.66 35.52
N ALA D 358 -18.04 24.55 35.65
CA ALA D 358 -17.98 25.83 34.96
C ALA D 358 -16.77 26.61 35.44
N ARG D 359 -16.48 26.53 36.75
CA ARG D 359 -15.33 27.24 37.30
C ARG D 359 -14.06 26.65 36.72
N ALA D 360 -14.03 25.32 36.57
CA ALA D 360 -12.88 24.64 36.01
C ALA D 360 -12.69 25.03 34.54
N TYR D 361 -13.80 25.12 33.82
CA TYR D 361 -13.78 25.47 32.40
C TYR D 361 -13.26 26.90 32.19
N PHE D 362 -13.71 27.82 33.03
CA PHE D 362 -13.26 29.20 32.89
C PHE D 362 -11.79 29.32 33.26
N LYS D 363 -11.35 28.60 34.29
CA LYS D 363 -9.95 28.65 34.70
C LYS D 363 -9.03 28.16 33.60
N GLN D 364 -9.42 27.10 32.90
CA GLN D 364 -8.57 26.59 31.83
C GLN D 364 -8.67 27.44 30.57
N SER D 365 -9.77 28.18 30.45
CA SER D 365 -9.97 29.05 29.29
C SER D 365 -9.20 30.37 29.47
N PHE D 366 -9.10 30.82 30.71
CA PHE D 366 -8.43 32.08 31.02
C PHE D 366 -7.29 31.84 31.99
N ILE D 367 -6.19 31.36 31.45
CA ILE D 367 -5.01 31.04 32.23
C ILE D 367 -4.43 32.21 33.03
N HIS D 368 -4.83 33.45 32.69
CA HIS D 368 -4.30 34.64 33.37
C HIS D 368 -5.14 35.17 34.53
N ALA D 369 -6.37 34.70 34.66
CA ALA D 369 -7.27 35.16 35.72
C ALA D 369 -6.96 34.57 37.10
N SER D 370 -6.97 35.43 38.13
CA SER D 370 -6.71 34.96 39.49
C SER D 370 -7.99 34.31 40.01
N ASP D 371 -7.92 33.64 41.15
CA ASP D 371 -9.10 33.00 41.71
C ASP D 371 -10.18 34.04 42.01
N ALA D 372 -9.76 35.19 42.51
CA ALA D 372 -10.67 36.28 42.83
C ALA D 372 -11.35 36.79 41.57
N GLU D 373 -10.61 36.83 40.47
CA GLU D 373 -11.16 37.29 39.21
C GLU D 373 -12.20 36.30 38.68
N ILE D 374 -11.95 35.01 38.86
CA ILE D 374 -12.90 34.00 38.42
C ILE D 374 -14.15 34.16 39.30
N ASP D 375 -13.94 34.41 40.59
CA ASP D 375 -15.06 34.61 41.50
C ASP D 375 -15.95 35.76 41.02
N THR D 376 -15.33 36.91 40.78
CA THR D 376 -16.05 38.09 40.32
C THR D 376 -16.76 37.78 39.00
N LEU D 377 -16.12 36.93 38.19
CA LEU D 377 -16.67 36.53 36.89
C LEU D 377 -17.93 35.72 37.09
N MET D 378 -17.88 34.74 37.99
CA MET D 378 -19.01 33.88 38.26
C MET D 378 -20.10 34.58 39.08
N ALA D 379 -19.80 35.79 39.54
CA ALA D 379 -20.75 36.59 40.31
C ALA D 379 -21.53 37.46 39.32
N ALA D 380 -20.86 37.86 38.25
CA ALA D 380 -21.49 38.66 37.21
C ALA D 380 -22.36 37.75 36.35
N TYR D 381 -21.86 36.55 36.07
CA TYR D 381 -22.59 35.55 35.29
C TYR D 381 -22.94 34.42 36.25
N THR D 382 -24.15 34.45 36.78
CA THR D 382 -24.59 33.43 37.72
C THR D 382 -25.19 32.23 37.01
N SER D 383 -25.54 31.21 37.79
CA SER D 383 -26.15 30.00 37.25
C SER D 383 -27.66 30.18 37.10
N ASP D 384 -28.15 31.37 37.46
CA ASP D 384 -29.57 31.69 37.33
C ASP D 384 -29.88 31.57 35.84
N ILE D 385 -30.58 30.49 35.45
CA ILE D 385 -30.89 30.29 34.04
C ILE D 385 -31.64 31.43 33.36
N THR D 386 -32.32 32.28 34.13
CA THR D 386 -33.06 33.37 33.51
C THR D 386 -32.17 34.54 33.08
N GLN D 387 -30.96 34.62 33.60
CA GLN D 387 -30.05 35.70 33.25
C GLN D 387 -29.12 35.38 32.09
N GLY D 388 -29.09 34.12 31.66
CA GLY D 388 -28.22 33.73 30.57
C GLY D 388 -28.76 34.01 29.17
N SER D 389 -28.02 33.55 28.17
CA SER D 389 -28.38 33.73 26.76
C SER D 389 -28.82 32.40 26.15
N PRO D 390 -29.87 32.39 25.30
CA PRO D 390 -30.71 33.50 24.81
C PRO D 390 -31.23 34.41 25.91
N PHE D 391 -30.87 35.69 25.82
CA PHE D 391 -31.28 36.66 26.83
C PHE D 391 -32.78 36.91 26.82
N ASP D 392 -33.30 37.20 28.01
CA ASP D 392 -34.72 37.48 28.20
C ASP D 392 -35.63 36.36 27.73
N THR D 393 -35.28 35.12 28.09
CA THR D 393 -36.07 33.94 27.73
C THR D 393 -36.48 33.17 28.98
N GLY D 394 -36.28 33.80 30.15
CA GLY D 394 -36.65 33.18 31.41
C GLY D 394 -36.03 31.82 31.72
N ILE D 395 -36.89 30.82 31.94
CA ILE D 395 -36.43 29.48 32.26
C ILE D 395 -36.31 28.57 31.04
N PHE D 396 -36.56 29.14 29.86
CA PHE D 396 -36.47 28.36 28.61
C PHE D 396 -35.06 28.38 28.03
N ASN D 397 -34.78 27.41 27.16
CA ASN D 397 -33.48 27.29 26.49
C ASN D 397 -32.34 26.83 27.39
N ALA D 398 -32.65 26.26 28.55
CA ALA D 398 -31.60 25.79 29.45
C ALA D 398 -31.24 24.33 29.19
N ILE D 399 -30.67 24.05 28.02
CA ILE D 399 -30.26 22.69 27.66
C ILE D 399 -29.53 22.05 28.82
N THR D 400 -28.75 22.86 29.54
CA THR D 400 -28.02 22.39 30.70
C THR D 400 -28.12 23.51 31.72
N PRO D 401 -27.77 23.24 32.99
CA PRO D 401 -27.84 24.31 33.99
C PRO D 401 -26.79 25.39 33.78
N GLN D 402 -25.84 25.14 32.87
CA GLN D 402 -24.75 26.08 32.61
C GLN D 402 -24.66 26.60 31.18
N PHE D 403 -25.39 25.99 30.26
CA PHE D 403 -25.37 26.40 28.86
C PHE D 403 -25.57 27.90 28.66
N LYS D 404 -26.66 28.44 29.20
CA LYS D 404 -26.96 29.85 29.04
C LYS D 404 -25.96 30.81 29.68
N ARG D 405 -25.39 30.47 30.84
CA ARG D 405 -24.42 31.37 31.46
C ARG D 405 -23.10 31.37 30.71
N ILE D 406 -22.71 30.20 30.20
CA ILE D 406 -21.47 30.09 29.43
C ILE D 406 -21.62 30.86 28.11
N SER D 407 -22.79 30.75 27.49
CA SER D 407 -23.04 31.46 26.23
C SER D 407 -22.99 32.96 26.47
N ALA D 408 -23.61 33.39 27.56
CA ALA D 408 -23.62 34.81 27.89
C ALA D 408 -22.20 35.31 28.03
N LEU D 409 -21.39 34.57 28.79
CA LEU D 409 -20.00 34.93 29.01
C LEU D 409 -19.21 34.94 27.71
N LEU D 410 -19.28 33.86 26.96
CA LEU D 410 -18.56 33.75 25.70
C LEU D 410 -18.93 34.88 24.72
N GLY D 411 -20.22 35.06 24.51
CA GLY D 411 -20.67 36.11 23.60
C GLY D 411 -20.20 37.49 24.03
N ASP D 412 -20.28 37.80 25.31
CA ASP D 412 -19.88 39.12 25.79
C ASP D 412 -18.38 39.40 25.68
N LEU D 413 -17.54 38.46 26.08
CA LEU D 413 -16.10 38.67 26.02
C LEU D 413 -15.57 38.80 24.60
N ALA D 414 -15.96 37.86 23.75
CA ALA D 414 -15.50 37.86 22.37
C ALA D 414 -16.18 38.88 21.45
N PHE D 415 -17.42 39.25 21.75
CA PHE D 415 -18.12 40.17 20.86
C PHE D 415 -18.89 41.35 21.44
N THR D 416 -20.04 41.04 22.02
CA THR D 416 -20.96 42.04 22.55
C THR D 416 -20.49 43.05 23.58
N LEU D 417 -19.82 42.61 24.64
CA LEU D 417 -19.37 43.60 25.62
C LEU D 417 -18.03 44.20 25.24
N ALA D 418 -17.29 43.49 24.40
CA ALA D 418 -16.01 43.98 23.92
C ALA D 418 -16.32 45.22 23.07
N ARG D 419 -17.44 45.15 22.33
CA ARG D 419 -17.88 46.24 21.47
C ARG D 419 -18.07 47.51 22.30
N ARG D 420 -18.70 47.38 23.46
CA ARG D 420 -18.93 48.54 24.30
C ARG D 420 -17.61 49.16 24.73
N TYR D 421 -16.61 48.33 24.99
CA TYR D 421 -15.29 48.82 25.41
C TYR D 421 -14.70 49.65 24.27
N PHE D 422 -14.73 49.09 23.07
CA PHE D 422 -14.24 49.78 21.88
C PHE D 422 -14.93 51.13 21.73
N LEU D 423 -16.26 51.10 21.74
CA LEU D 423 -17.06 52.31 21.59
C LEU D 423 -16.79 53.36 22.67
N ASN D 424 -16.52 52.92 23.89
CA ASN D 424 -16.26 53.85 24.97
C ASN D 424 -14.90 54.55 24.86
N TYR D 425 -13.94 53.91 24.21
CA TYR D 425 -12.60 54.47 24.05
C TYR D 425 -12.27 55.05 22.68
N TYR D 426 -12.87 54.50 21.63
CA TYR D 426 -12.59 54.96 20.27
C TYR D 426 -13.05 56.39 19.97
N GLN D 427 -12.09 57.22 19.56
CA GLN D 427 -12.39 58.61 19.21
C GLN D 427 -11.89 58.92 17.79
N GLY D 428 -11.82 57.89 16.95
CA GLY D 428 -11.34 58.07 15.59
C GLY D 428 -12.34 58.71 14.64
N GLY D 429 -13.62 58.61 14.96
CA GLY D 429 -14.65 59.19 14.11
C GLY D 429 -16.03 58.98 14.70
N THR D 430 -17.04 59.46 13.98
CA THR D 430 -18.42 59.28 14.45
C THR D 430 -18.67 57.78 14.59
N LYS D 431 -19.38 57.39 15.66
CA LYS D 431 -19.66 55.99 15.89
C LYS D 431 -21.14 55.63 15.83
N TYR D 432 -21.44 54.48 15.25
CA TYR D 432 -22.81 53.99 15.17
C TYR D 432 -22.75 52.56 15.67
N SER D 433 -23.79 52.12 16.38
CA SER D 433 -23.80 50.76 16.88
C SER D 433 -25.19 50.17 16.79
N PHE D 434 -25.26 48.86 16.58
CA PHE D 434 -26.54 48.18 16.48
C PHE D 434 -26.57 46.86 17.23
N LEU D 435 -27.76 46.48 17.70
CA LEU D 435 -27.98 45.24 18.41
C LEU D 435 -29.23 44.59 17.83
N SER D 436 -29.04 43.47 17.13
CA SER D 436 -30.15 42.76 16.51
C SER D 436 -30.84 41.74 17.43
N LYS D 437 -32.17 41.77 17.42
CA LYS D 437 -32.99 40.85 18.20
C LYS D 437 -34.04 40.34 17.23
N GLN D 438 -33.66 40.27 15.96
CA GLN D 438 -34.54 39.83 14.88
C GLN D 438 -35.09 38.41 15.08
N LEU D 439 -34.32 37.58 15.77
CA LEU D 439 -34.74 36.20 15.99
C LEU D 439 -35.13 35.86 17.43
N SER D 440 -35.60 36.85 18.18
CA SER D 440 -36.02 36.58 19.55
C SER D 440 -37.09 35.49 19.51
N GLY D 441 -36.91 34.44 20.30
CA GLY D 441 -37.89 33.38 20.31
C GLY D 441 -37.33 32.08 19.74
N LEU D 442 -36.37 32.20 18.83
CA LEU D 442 -35.77 31.01 18.24
C LEU D 442 -35.20 30.18 19.39
N PRO D 443 -35.63 28.91 19.50
CA PRO D 443 -35.17 28.02 20.57
C PRO D 443 -33.68 27.69 20.59
N VAL D 444 -33.11 27.72 21.79
CA VAL D 444 -31.70 27.40 22.03
C VAL D 444 -30.69 28.46 21.59
N LEU D 445 -30.87 28.98 20.38
CA LEU D 445 -29.94 29.97 19.82
C LEU D 445 -30.35 31.43 19.91
N GLY D 446 -31.63 31.70 19.72
CA GLY D 446 -32.09 33.08 19.75
C GLY D 446 -31.50 33.80 18.55
N THR D 447 -31.16 35.07 18.71
CA THR D 447 -30.57 35.83 17.61
C THR D 447 -29.09 35.50 17.63
N PHE D 448 -28.75 34.36 17.04
CA PHE D 448 -27.40 33.84 17.02
C PHE D 448 -26.33 34.52 16.17
N HIS D 449 -25.11 34.06 16.41
CA HIS D 449 -23.91 34.53 15.72
C HIS D 449 -23.92 34.17 14.25
N GLY D 450 -23.82 35.19 13.39
CA GLY D 450 -23.77 34.96 11.96
C GLY D 450 -25.10 34.93 11.21
N ASN D 451 -26.22 35.05 11.93
CA ASN D 451 -27.52 35.02 11.27
C ASN D 451 -27.65 36.22 10.31
N ASP D 452 -26.97 37.31 10.63
CA ASP D 452 -27.00 38.51 9.81
C ASP D 452 -26.53 38.24 8.37
N ILE D 453 -25.70 37.22 8.20
CA ILE D 453 -25.22 36.85 6.87
C ILE D 453 -26.40 36.53 5.96
N ILE D 454 -27.39 35.84 6.51
CA ILE D 454 -28.59 35.45 5.77
C ILE D 454 -29.30 36.64 5.14
N TRP D 455 -29.66 37.61 5.99
CA TRP D 455 -30.40 38.80 5.57
C TRP D 455 -29.58 39.82 4.79
N GLN D 456 -28.27 39.63 4.77
CA GLN D 456 -27.38 40.54 4.05
C GLN D 456 -26.98 39.99 2.68
N ASP D 457 -26.92 38.67 2.54
CA ASP D 457 -26.53 38.08 1.26
C ASP D 457 -27.51 37.07 0.64
N TYR D 458 -28.38 36.47 1.44
CA TYR D 458 -29.28 35.46 0.91
C TYR D 458 -30.78 35.77 0.86
N LEU D 459 -31.30 36.35 1.92
CA LEU D 459 -32.73 36.66 1.98
C LEU D 459 -32.98 38.07 2.48
N VAL D 460 -34.18 38.58 2.18
CA VAL D 460 -34.57 39.90 2.63
C VAL D 460 -35.38 39.70 3.91
N GLY D 461 -35.10 40.52 4.91
CA GLY D 461 -35.79 40.42 6.18
C GLY D 461 -35.77 41.78 6.85
N SER D 462 -36.27 41.87 8.07
CA SER D 462 -36.28 43.15 8.76
C SER D 462 -34.87 43.73 8.92
N GLY D 463 -33.88 42.87 9.14
CA GLY D 463 -32.51 43.34 9.32
C GLY D 463 -31.79 43.72 8.04
N SER D 464 -32.32 43.29 6.89
CA SER D 464 -31.72 43.60 5.60
C SER D 464 -31.63 45.11 5.41
N VAL D 465 -32.60 45.82 5.95
CA VAL D 465 -32.64 47.27 5.84
C VAL D 465 -31.38 47.88 6.44
N ILE D 466 -30.76 47.14 7.36
CA ILE D 466 -29.55 47.61 8.01
C ILE D 466 -28.31 47.05 7.33
N TYR D 467 -28.23 45.72 7.26
CA TYR D 467 -27.09 45.01 6.68
C TYR D 467 -26.84 45.37 5.22
N ASN D 468 -27.87 45.86 4.55
CA ASN D 468 -27.77 46.28 3.15
C ASN D 468 -27.93 47.81 3.06
N ASN D 469 -29.18 48.27 3.01
CA ASN D 469 -29.50 49.70 2.88
C ASN D 469 -28.62 50.66 3.67
N ALA D 470 -28.65 50.54 5.00
CA ALA D 470 -27.88 51.42 5.88
C ALA D 470 -26.39 51.41 5.62
N PHE D 471 -25.82 50.21 5.50
CA PHE D 471 -24.40 50.05 5.23
C PHE D 471 -24.04 50.68 3.88
N ILE D 472 -24.93 50.52 2.90
CA ILE D 472 -24.71 51.08 1.56
C ILE D 472 -24.65 52.60 1.64
N ALA D 473 -25.55 53.19 2.43
CA ALA D 473 -25.57 54.64 2.59
C ALA D 473 -24.29 55.09 3.31
N PHE D 474 -23.92 54.36 4.36
CA PHE D 474 -22.70 54.67 5.13
C PHE D 474 -21.49 54.66 4.19
N ALA D 475 -21.41 53.65 3.33
CA ALA D 475 -20.28 53.57 2.40
C ALA D 475 -20.31 54.74 1.41
N ASN D 476 -21.52 55.12 1.01
CA ASN D 476 -21.72 56.21 0.06
C ASN D 476 -21.51 57.59 0.68
N ASP D 477 -22.21 57.86 1.78
CA ASP D 477 -22.15 59.17 2.43
C ASP D 477 -21.60 59.25 3.85
N LEU D 478 -21.12 58.12 4.38
CA LEU D 478 -20.56 58.09 5.73
C LEU D 478 -21.62 58.42 6.79
N ASP D 479 -22.87 58.13 6.46
CA ASP D 479 -23.99 58.37 7.36
C ASP D 479 -25.07 57.35 7.01
N PRO D 480 -25.29 56.36 7.88
CA PRO D 480 -26.31 55.35 7.60
C PRO D 480 -27.71 55.94 7.46
N ASN D 481 -27.91 57.12 8.03
CA ASN D 481 -29.21 57.76 7.98
C ASN D 481 -29.63 58.22 6.58
N LYS D 482 -28.67 58.33 5.67
CA LYS D 482 -28.96 58.76 4.30
C LYS D 482 -29.67 57.63 3.55
N ALA D 483 -29.99 56.55 4.25
CA ALA D 483 -30.64 55.40 3.63
C ALA D 483 -32.16 55.59 3.58
N GLY D 484 -32.64 56.61 4.29
CA GLY D 484 -34.07 56.87 4.30
C GLY D 484 -34.82 55.83 5.10
N LEU D 485 -34.39 55.60 6.34
CA LEU D 485 -35.05 54.64 7.20
C LEU D 485 -36.04 55.39 8.08
N TRP D 486 -37.12 54.71 8.46
CA TRP D 486 -38.13 55.33 9.29
C TRP D 486 -37.68 55.61 10.71
N THR D 487 -36.59 54.98 11.12
CA THR D 487 -36.05 55.17 12.46
C THR D 487 -34.67 55.80 12.31
N ASN D 488 -34.48 56.96 12.92
CA ASN D 488 -33.19 57.62 12.84
C ASN D 488 -32.17 56.80 13.63
N TRP D 489 -30.95 56.76 13.13
CA TRP D 489 -29.90 56.01 13.81
C TRP D 489 -29.07 57.01 14.60
N PRO D 490 -29.20 57.00 15.94
CA PRO D 490 -28.44 57.92 16.80
C PRO D 490 -26.95 57.60 16.81
N THR D 491 -26.11 58.62 16.91
CA THR D 491 -24.67 58.38 16.96
C THR D 491 -24.35 57.94 18.38
N TYR D 492 -23.30 57.14 18.52
CA TYR D 492 -22.90 56.62 19.82
C TYR D 492 -21.71 57.39 20.41
N THR D 493 -21.86 57.91 21.62
CA THR D 493 -20.78 58.61 22.29
C THR D 493 -20.22 57.73 23.41
N SER D 494 -21.09 57.27 24.31
CA SER D 494 -20.65 56.39 25.39
C SER D 494 -21.81 55.54 25.87
N SER D 495 -21.50 54.45 26.57
CA SER D 495 -22.52 53.53 27.09
C SER D 495 -23.33 54.16 28.22
N SER D 496 -22.97 55.38 28.62
CA SER D 496 -23.69 56.07 29.68
C SER D 496 -24.32 57.38 29.22
N GLN D 497 -24.39 57.61 27.91
CA GLN D 497 -25.00 58.84 27.38
C GLN D 497 -26.50 58.76 27.64
N SER D 498 -27.18 59.89 27.66
CA SER D 498 -28.62 59.90 27.89
C SER D 498 -29.37 59.53 26.61
N GLY D 499 -30.47 58.81 26.76
CA GLY D 499 -31.26 58.39 25.62
C GLY D 499 -30.72 57.14 24.95
N ASN D 500 -31.51 56.56 24.06
CA ASN D 500 -31.09 55.35 23.35
C ASN D 500 -29.88 55.64 22.47
N ASN D 501 -28.94 54.69 22.45
CA ASN D 501 -27.73 54.84 21.64
C ASN D 501 -27.48 53.65 20.72
N LEU D 502 -28.49 52.80 20.56
CA LEU D 502 -28.35 51.63 19.69
C LEU D 502 -29.50 51.46 18.72
N MET D 503 -29.17 51.15 17.47
CA MET D 503 -30.18 50.88 16.46
C MET D 503 -30.50 49.42 16.71
N GLN D 504 -31.76 49.10 16.97
CA GLN D 504 -32.11 47.71 17.23
C GLN D 504 -33.08 47.15 16.20
N ILE D 505 -33.11 45.83 16.09
CA ILE D 505 -33.96 45.15 15.12
C ILE D 505 -34.81 44.06 15.76
N ASN D 506 -36.11 44.07 15.48
CA ASN D 506 -36.97 43.01 15.99
C ASN D 506 -37.43 42.22 14.76
N GLY D 507 -38.27 41.21 14.98
CA GLY D 507 -38.73 40.40 13.86
C GLY D 507 -39.42 41.11 12.72
N LEU D 508 -40.02 42.27 13.01
CA LEU D 508 -40.74 43.02 11.97
C LEU D 508 -40.01 44.26 11.47
N GLY D 509 -39.61 45.13 12.39
CA GLY D 509 -38.92 46.34 11.97
C GLY D 509 -37.79 46.81 12.87
N LEU D 510 -37.60 48.13 12.90
CA LEU D 510 -36.54 48.74 13.68
C LEU D 510 -37.07 49.52 14.87
N TYR D 511 -36.18 49.82 15.80
CA TYR D 511 -36.49 50.60 16.99
C TYR D 511 -35.13 50.85 17.66
N THR D 512 -35.10 51.59 18.76
CA THR D 512 -33.83 51.84 19.42
C THR D 512 -33.82 51.36 20.88
N GLY D 513 -32.63 51.26 21.44
CA GLY D 513 -32.48 50.80 22.82
C GLY D 513 -31.19 51.30 23.42
N LYS D 514 -30.85 50.82 24.61
CA LYS D 514 -29.63 51.26 25.29
C LYS D 514 -28.57 50.17 25.42
N ASP D 515 -27.33 50.62 25.45
CA ASP D 515 -26.18 49.74 25.59
C ASP D 515 -25.73 49.80 27.05
N ASN D 516 -26.68 49.49 27.95
CA ASN D 516 -26.42 49.55 29.38
C ASN D 516 -26.71 48.24 30.10
N PHE D 517 -26.96 47.17 29.34
CA PHE D 517 -27.24 45.88 29.93
C PHE D 517 -25.98 45.21 30.50
N ARG D 518 -26.19 44.33 31.46
CA ARG D 518 -25.10 43.59 32.10
C ARG D 518 -23.89 44.42 32.51
N PRO D 519 -24.11 45.51 33.27
CA PRO D 519 -23.01 46.37 33.70
C PRO D 519 -21.97 45.65 34.56
N ASP D 520 -22.42 44.72 35.40
CA ASP D 520 -21.50 43.97 36.26
C ASP D 520 -20.56 43.10 35.44
N ALA D 521 -21.09 42.47 34.39
CA ALA D 521 -20.29 41.62 33.54
C ALA D 521 -19.21 42.47 32.86
N TYR D 522 -19.60 43.63 32.36
CA TYR D 522 -18.66 44.53 31.68
C TYR D 522 -17.47 44.88 32.58
N SER D 523 -17.75 45.23 33.83
CA SER D 523 -16.67 45.60 34.75
C SER D 523 -15.77 44.41 35.13
N ALA D 524 -16.36 43.25 35.35
CA ALA D 524 -15.60 42.05 35.72
C ALA D 524 -14.65 41.62 34.61
N LEU D 525 -15.12 41.75 33.38
CA LEU D 525 -14.35 41.35 32.21
C LEU D 525 -13.28 42.34 31.81
N PHE D 526 -13.59 43.63 31.91
CA PHE D 526 -12.65 44.64 31.46
C PHE D 526 -12.00 45.59 32.46
N SER D 527 -12.02 45.26 33.74
CA SER D 527 -11.34 46.11 34.71
C SER D 527 -9.87 45.96 34.33
N ASN D 528 -9.53 44.75 33.93
CA ASN D 528 -8.17 44.40 33.48
C ASN D 528 -8.33 43.31 32.42
N PRO D 529 -8.56 43.72 31.15
CA PRO D 529 -8.75 42.83 30.00
C PRO D 529 -7.75 41.68 29.84
N PRO D 530 -6.45 41.96 29.99
CA PRO D 530 -5.43 40.92 29.85
C PRO D 530 -5.68 39.66 30.68
N SER D 531 -6.42 39.80 31.78
CA SER D 531 -6.69 38.66 32.64
C SER D 531 -7.56 37.61 31.96
N PHE D 532 -8.26 38.00 30.90
CA PHE D 532 -9.14 37.06 30.20
C PHE D 532 -8.71 36.81 28.76
N PHE D 533 -7.43 37.08 28.48
CA PHE D 533 -6.88 36.86 27.14
C PHE D 533 -6.57 35.38 26.97
N VAL D 534 -6.51 34.95 25.71
CA VAL D 534 -6.21 33.56 25.38
C VAL D 534 -4.92 33.48 24.56
#